data_5LLI
#
_entry.id   5LLI
#
_cell.length_a   94.643
_cell.length_b   94.643
_cell.length_c   368.582
_cell.angle_alpha   90.000
_cell.angle_beta   90.000
_cell.angle_gamma   90.000
#
_symmetry.space_group_name_H-M   'P 41 2 2'
#
loop_
_entity.id
_entity.type
_entity.pdbx_description
1 polymer 'Transcription elongation factor B polypeptide 2'
2 polymer 'Transcription elongation factor B polypeptide 1'
3 polymer 'Von Hippel-Lindau disease tumor suppressor'
4 non-polymer (2~{S},4~{R})-1-[(2~{S})-2-[(1-cyanocyclopropyl)carbonylamino]-3,3-dimethyl-butanoyl]-~{N}-[[4-(4-methyl-1,3-thiazol-5-yl)phenyl]methyl]-4-oxidanyl-pyrrolidine-2-carboxamide
5 water water
#
loop_
_entity_poly.entity_id
_entity_poly.type
_entity_poly.pdbx_seq_one_letter_code
_entity_poly.pdbx_strand_id
1 'polypeptide(L)'
;MDVFLMIRRHKTTIFTDAKESSTVFELKRIVEGILKRPPDEQRLYKDDQLLDDGKTLGE(CAS)GFTSQTARPQAPATVG
LAFRADDTFEAL(CAS)IEPFSSPPELPDVMK
;
A,D,G,J
2 'polypeptide(L)'
;MMYVKLISSDGHEFIVKREHALTSGTIKAMLSGPGQFAENETNEVNFREIPSHVLSKVCMYFTYKVRYTNSSTEIPEFPI
APEIALELLMAANFLDC
;
B,E,H,K
3 'polypeptide(L)'
;GSMEAGRPRPVLRSVNSREPSQVIF(CAS)NRSPRVVLPVWLNFDGEPQPYPTLPPGTGRRIHSYRGHLWLFRDAGTHDG
LLVNQTELFVPSLNVDGQPIFANITLPVYTLKERCLQVVRSLVKPENYRRLDIVRSLYEDLEDHPNVQKDLERLTQERIA
HQRMGD
;
C,F,I,L
#
loop_
_chem_comp.id
_chem_comp.type
_chem_comp.name
_chem_comp.formula
6Z3 non-polymer (2~{S},4~{R})-1-[(2~{S})-2-[(1-cyanocyclopropyl)carbonylamino]-3,3-dimethyl-butanoyl]-~{N}-[[4-(4-methyl-1,3-thiazol-5-yl)phenyl]methyl]-4-oxidanyl-pyrrolidine-2-carboxamide 'C27 H33 N5 O4 S'
#
# COMPACT_ATOMS: atom_id res chain seq x y z
N MET A 1 9.34 11.48 39.97
CA MET A 1 9.88 11.00 38.66
C MET A 1 11.25 11.62 38.36
N ASP A 2 12.16 10.79 37.84
CA ASP A 2 13.50 11.23 37.45
C ASP A 2 13.54 11.99 36.12
N VAL A 3 14.33 13.07 36.06
CA VAL A 3 14.62 13.75 34.79
C VAL A 3 16.13 13.71 34.56
N PHE A 4 16.53 13.57 33.30
CA PHE A 4 17.92 13.35 32.96
C PHE A 4 18.43 14.52 32.16
N LEU A 5 19.55 15.09 32.63
CA LEU A 5 20.00 16.42 32.20
C LEU A 5 21.46 16.48 31.76
N MET A 6 21.77 17.44 30.89
CA MET A 6 23.13 17.94 30.71
C MET A 6 23.16 19.41 31.21
N ILE A 7 24.05 19.70 32.16
CA ILE A 7 24.22 21.06 32.62
C ILE A 7 25.46 21.60 31.91
N ARG A 8 25.32 22.68 31.14
CA ARG A 8 26.39 23.14 30.26
C ARG A 8 26.83 24.58 30.40
N ARG A 9 28.16 24.76 30.49
CA ARG A 9 28.81 26.05 30.41
C ARG A 9 30.13 25.94 29.65
N HIS A 10 30.37 26.83 28.69
CA HIS A 10 31.63 26.88 27.93
C HIS A 10 31.96 25.49 27.35
N LYS A 11 33.04 24.85 27.81
CA LYS A 11 33.37 23.51 27.33
C LYS A 11 33.17 22.43 28.42
N THR A 12 32.27 22.71 29.36
CA THR A 12 32.01 21.85 30.49
C THR A 12 30.60 21.32 30.31
N THR A 13 30.40 20.02 30.58
CA THR A 13 29.09 19.37 30.46
C THR A 13 28.93 18.32 31.58
N ILE A 14 27.97 18.51 32.50
CA ILE A 14 27.73 17.57 33.59
C ILE A 14 26.52 16.69 33.24
N PHE A 15 26.68 15.37 33.26
CA PHE A 15 25.53 14.46 33.15
C PHE A 15 25.05 14.10 34.57
N THR A 16 23.79 14.39 34.88
CA THR A 16 23.17 13.96 36.15
C THR A 16 21.65 13.78 36.00
N ASP A 17 20.99 13.35 37.08
CA ASP A 17 19.52 13.30 37.14
C ASP A 17 18.99 14.00 38.38
N ALA A 18 17.70 14.34 38.37
CA ALA A 18 17.05 14.97 39.53
C ALA A 18 15.57 14.68 39.50
N LYS A 19 14.87 15.01 40.58
CA LYS A 19 13.42 14.82 40.62
C LYS A 19 12.71 15.95 39.91
N GLU A 20 11.61 15.62 39.25
CA GLU A 20 10.73 16.61 38.66
C GLU A 20 10.28 17.62 39.72
N SER A 21 10.06 17.14 40.94
CA SER A 21 9.60 17.97 42.05
C SER A 21 10.72 18.79 42.73
N SER A 22 11.98 18.60 42.31
CA SER A 22 13.09 19.31 42.93
C SER A 22 13.20 20.75 42.38
N THR A 23 13.84 21.62 43.14
CA THR A 23 13.91 23.03 42.75
C THR A 23 15.21 23.41 42.04
N VAL A 24 15.15 24.55 41.35
CA VAL A 24 16.30 25.14 40.70
C VAL A 24 17.44 25.37 41.69
N PHE A 25 17.12 25.91 42.87
CA PHE A 25 18.16 26.12 43.89
C PHE A 25 18.85 24.82 44.24
N GLU A 26 18.05 23.76 44.43
CA GLU A 26 18.58 22.42 44.71
C GLU A 26 19.53 21.91 43.61
N LEU A 27 19.25 22.19 42.34
CA LEU A 27 20.20 21.85 41.27
C LEU A 27 21.54 22.63 41.37
N LYS A 28 21.48 23.90 41.79
CA LYS A 28 22.70 24.67 42.03
C LYS A 28 23.59 24.05 43.13
N ARG A 29 22.96 23.43 44.14
CA ARG A 29 23.71 22.75 45.20
C ARG A 29 24.43 21.54 44.65
N ILE A 30 23.82 20.88 43.65
CA ILE A 30 24.44 19.76 42.98
C ILE A 30 25.67 20.27 42.26
N VAL A 31 25.49 21.30 41.44
CA VAL A 31 26.60 21.93 40.72
C VAL A 31 27.66 22.36 41.72
N GLU A 32 27.25 22.96 42.83
CA GLU A 32 28.21 23.36 43.89
C GLU A 32 29.12 22.20 44.31
N GLY A 33 28.51 21.04 44.57
CA GLY A 33 29.26 19.82 44.92
C GLY A 33 30.31 19.45 43.88
N ILE A 34 29.99 19.63 42.61
CA ILE A 34 30.87 19.20 41.52
C ILE A 34 31.93 20.24 41.08
N LEU A 35 31.53 21.49 40.89
CA LEU A 35 32.41 22.55 40.37
C LEU A 35 32.90 23.54 41.42
N LYS A 36 32.45 23.37 42.66
CA LYS A 36 32.91 24.16 43.82
C LYS A 36 32.60 25.65 43.75
N ARG A 37 31.39 25.98 43.32
CA ARG A 37 30.93 27.36 43.30
C ARG A 37 29.58 27.43 43.99
N PRO A 38 29.38 28.42 44.87
CA PRO A 38 28.12 28.49 45.61
C PRO A 38 26.95 28.97 44.75
N PRO A 39 25.72 28.62 45.16
CA PRO A 39 24.54 29.02 44.41
C PRO A 39 24.50 30.52 44.06
N ASP A 40 24.92 31.39 44.99
CA ASP A 40 24.90 32.83 44.72
C ASP A 40 25.83 33.26 43.56
N GLU A 41 26.78 32.40 43.16
CA GLU A 41 27.63 32.68 41.99
C GLU A 41 27.21 31.95 40.70
N GLN A 42 25.99 31.42 40.68
CA GLN A 42 25.44 30.64 39.56
C GLN A 42 24.13 31.23 39.00
N ARG A 43 24.01 31.29 37.68
CA ARG A 43 22.71 31.42 37.03
C ARG A 43 22.40 30.18 36.18
N LEU A 44 21.17 29.64 36.30
CA LEU A 44 20.70 28.54 35.44
C LEU A 44 19.63 29.02 34.44
N TYR A 45 19.65 28.38 33.26
CA TYR A 45 18.85 28.79 32.11
C TYR A 45 18.16 27.63 31.38
N LYS A 46 16.99 27.91 30.82
CA LYS A 46 16.43 27.03 29.84
C LYS A 46 16.38 27.86 28.57
N ASP A 47 17.21 27.46 27.60
CA ASP A 47 17.44 28.25 26.42
C ASP A 47 17.91 29.62 26.87
N ASP A 48 17.18 30.69 26.59
CA ASP A 48 17.61 32.02 26.99
C ASP A 48 16.96 32.47 28.27
N GLN A 49 16.05 31.68 28.82
CA GLN A 49 15.29 32.10 29.97
C GLN A 49 16.02 31.80 31.26
N LEU A 50 16.19 32.83 32.11
CA LEU A 50 16.79 32.65 33.42
C LEU A 50 15.81 31.94 34.34
N LEU A 51 16.30 31.04 35.18
CA LEU A 51 15.43 30.27 36.07
C LEU A 51 15.45 30.78 37.51
N ASP A 52 14.26 30.90 38.10
CA ASP A 52 14.08 31.29 39.50
C ASP A 52 14.31 30.12 40.46
N ASP A 53 14.99 30.41 41.58
CA ASP A 53 15.43 29.42 42.56
C ASP A 53 14.33 28.54 43.14
N GLY A 54 13.18 29.13 43.42
CA GLY A 54 12.08 28.44 44.11
C GLY A 54 11.19 27.56 43.24
N LYS A 55 11.38 27.60 41.94
CA LYS A 55 10.53 26.86 41.00
C LYS A 55 11.04 25.44 40.82
N THR A 56 10.12 24.50 40.60
CA THR A 56 10.50 23.13 40.34
C THR A 56 11.00 22.94 38.91
N LEU A 57 11.77 21.89 38.69
CA LEU A 57 12.27 21.58 37.36
C LEU A 57 11.09 21.28 36.44
N GLY A 58 10.02 20.73 37.02
CA GLY A 58 8.80 20.42 36.28
C GLY A 58 8.05 21.66 35.77
N GLU A 59 7.86 22.64 36.66
CA GLU A 59 7.27 23.93 36.31
C GLU A 59 8.02 24.64 35.19
N CAS A 60 9.35 24.51 35.20
CA CAS A 60 10.23 25.04 34.16
CB CAS A 60 11.61 25.30 34.78
C CAS A 60 10.38 24.12 32.95
O CAS A 60 11.26 24.36 32.11
SG CAS A 60 11.56 26.53 36.07
AS CAS A 60 10.78 28.43 35.04
CE1 CAS A 60 8.97 28.69 35.79
CE2 CAS A 60 11.84 30.04 35.47
N GLY A 61 9.56 23.07 32.85
CA GLY A 61 9.44 22.29 31.63
C GLY A 61 10.34 21.07 31.49
N PHE A 62 11.08 20.72 32.52
CA PHE A 62 11.87 19.49 32.52
C PHE A 62 11.02 18.36 33.08
N THR A 63 10.49 17.54 32.18
CA THR A 63 9.57 16.48 32.54
C THR A 63 10.16 15.13 32.17
N SER A 64 9.70 14.09 32.85
CA SER A 64 10.31 12.77 32.72
C SER A 64 10.27 12.22 31.28
N GLN A 65 9.30 12.65 30.49
CA GLN A 65 9.19 12.17 29.12
C GLN A 65 9.89 13.03 28.08
N THR A 66 10.38 14.21 28.45
CA THR A 66 11.23 15.01 27.55
C THR A 66 12.70 14.99 27.94
N ALA A 67 13.01 14.76 29.20
CA ALA A 67 14.40 14.70 29.63
C ALA A 67 14.75 13.25 29.93
N ARG A 68 15.04 12.52 28.85
CA ARG A 68 15.19 11.07 28.84
C ARG A 68 16.66 10.67 28.96
N PRO A 69 16.93 9.45 29.50
CA PRO A 69 18.28 8.91 29.71
C PRO A 69 19.13 8.93 28.45
N GLN A 70 18.55 8.45 27.35
CA GLN A 70 19.24 8.41 26.07
C GLN A 70 19.18 9.70 25.28
N ALA A 71 18.50 10.72 25.81
CA ALA A 71 18.35 12.03 25.12
C ALA A 71 18.00 13.13 26.13
N PRO A 72 18.98 13.50 26.96
CA PRO A 72 18.73 14.38 28.12
C PRO A 72 18.54 15.83 27.72
N ALA A 73 17.86 16.59 28.57
CA ALA A 73 17.58 18.03 28.32
C ALA A 73 18.74 18.86 28.79
N THR A 74 18.96 19.99 28.12
CA THR A 74 20.08 20.86 28.45
C THR A 74 19.67 22.01 29.40
N VAL A 75 20.47 22.20 30.45
CA VAL A 75 20.34 23.34 31.35
C VAL A 75 21.61 24.17 31.25
N GLY A 76 21.46 25.45 30.91
CA GLY A 76 22.60 26.37 30.74
C GLY A 76 23.09 26.87 32.09
N LEU A 77 24.40 27.14 32.17
CA LEU A 77 25.01 27.62 33.41
C LEU A 77 25.89 28.84 33.14
N ALA A 78 25.75 29.88 33.97
CA ALA A 78 26.68 31.03 33.95
C ALA A 78 27.24 31.31 35.34
N PHE A 79 28.53 31.67 35.40
CA PHE A 79 29.19 32.05 36.65
C PHE A 79 29.37 33.56 36.80
N ARG A 80 29.42 33.99 38.05
CA ARG A 80 29.79 35.34 38.40
C ARG A 80 31.28 35.39 38.72
N ALA A 81 32.02 36.21 37.97
CA ALA A 81 33.39 36.57 38.32
C ALA A 81 33.33 37.92 39.02
N ASP A 82 33.99 38.05 40.17
CA ASP A 82 34.06 39.32 40.92
C ASP A 82 32.66 39.88 41.23
N ASP A 83 32.32 41.04 40.66
CA ASP A 83 31.07 41.75 40.96
C ASP A 83 29.88 41.31 40.07
N THR A 84 30.14 40.91 38.83
CA THR A 84 29.09 40.71 37.81
C THR A 84 29.12 39.32 37.15
N PHE A 85 28.03 38.97 36.45
CA PHE A 85 27.91 37.68 35.77
C PHE A 85 28.37 37.78 34.32
N GLU A 86 29.20 36.82 33.91
CA GLU A 86 29.48 36.57 32.50
C GLU A 86 28.16 36.31 31.78
N ALA A 87 28.18 36.41 30.45
CA ALA A 87 27.01 36.10 29.64
C ALA A 87 26.99 34.60 29.41
N LEU A 88 25.81 34.07 29.08
CA LEU A 88 25.65 32.66 28.79
C LEU A 88 26.36 32.27 27.51
N CAS A 89 27.29 31.31 27.60
CA CAS A 89 28.06 30.83 26.45
CB CAS A 89 29.46 31.48 26.39
C CAS A 89 28.18 29.34 26.59
O CAS A 89 28.66 28.88 27.62
SG CAS A 89 30.59 30.56 25.37
AS CAS A 89 29.81 31.48 23.50
CE1 CAS A 89 31.09 32.88 22.85
CE2 CAS A 89 29.68 30.08 22.08
N ILE A 90 27.75 28.60 25.58
CA ILE A 90 27.84 27.14 25.54
C ILE A 90 28.55 26.76 24.24
N GLU A 91 29.76 26.24 24.35
CA GLU A 91 30.51 25.84 23.16
C GLU A 91 29.83 24.65 22.47
N PRO A 92 29.58 24.76 21.16
CA PRO A 92 28.93 23.61 20.49
C PRO A 92 29.86 22.41 20.38
N PHE A 93 29.30 21.22 20.26
CA PHE A 93 30.11 20.02 19.99
C PHE A 93 30.66 20.05 18.56
N SER A 94 31.66 19.23 18.30
CA SER A 94 32.25 19.08 16.96
C SER A 94 31.23 18.65 15.90
N SER A 95 31.54 18.93 14.64
CA SER A 95 30.72 18.53 13.48
C SER A 95 31.13 17.16 12.96
N PRO A 96 30.14 16.28 12.69
CA PRO A 96 30.46 15.01 12.03
C PRO A 96 30.94 15.25 10.61
N PRO A 97 31.85 14.40 10.12
CA PRO A 97 32.30 14.51 8.74
C PRO A 97 31.19 14.06 7.79
N GLU A 98 31.38 14.27 6.49
CA GLU A 98 30.44 13.79 5.49
C GLU A 98 30.37 12.28 5.51
N LEU A 99 29.16 11.76 5.24
CA LEU A 99 28.97 10.31 5.07
C LEU A 99 29.85 9.77 3.96
N PRO A 100 30.54 8.64 4.21
CA PRO A 100 31.26 7.97 3.13
C PRO A 100 30.32 7.60 1.98
N ASP A 101 30.90 7.39 0.80
CA ASP A 101 30.11 7.01 -0.38
C ASP A 101 29.24 5.81 -0.10
N VAL A 102 29.84 4.78 0.50
CA VAL A 102 29.18 3.50 0.67
C VAL A 102 28.01 3.53 1.66
N MET A 103 27.88 4.63 2.42
CA MET A 103 26.76 4.84 3.34
C MET A 103 25.66 5.76 2.76
N LYS A 104 25.92 6.36 1.59
CA LYS A 104 24.92 7.17 0.91
C LYS A 104 24.02 6.31 0.02
N MET B 1 28.32 12.35 45.98
CA MET B 1 28.50 11.39 44.85
C MET B 1 29.86 11.59 44.20
N MET B 2 30.46 10.49 43.74
CA MET B 2 31.76 10.54 43.11
C MET B 2 31.63 10.63 41.60
N TYR B 3 32.29 11.64 41.02
CA TYR B 3 32.29 11.89 39.59
C TYR B 3 33.70 11.69 39.02
N VAL B 4 33.78 11.46 37.70
CA VAL B 4 35.04 11.51 36.97
C VAL B 4 34.85 12.39 35.74
N LYS B 5 35.97 12.80 35.17
CA LYS B 5 35.99 13.71 34.04
C LYS B 5 36.59 13.03 32.81
N LEU B 6 35.81 12.98 31.73
CA LEU B 6 36.25 12.43 30.46
C LEU B 6 36.42 13.55 29.44
N ILE B 7 37.60 13.67 28.84
CA ILE B 7 37.93 14.81 27.97
C ILE B 7 38.15 14.40 26.51
N SER B 8 37.41 15.06 25.62
CA SER B 8 37.39 14.72 24.21
C SER B 8 38.62 15.26 23.51
N SER B 9 38.84 14.85 22.26
CA SER B 9 40.05 15.27 21.53
C SER B 9 40.07 16.78 21.26
N ASP B 10 38.88 17.38 21.15
CA ASP B 10 38.72 18.83 20.94
C ASP B 10 38.52 19.64 22.25
N GLY B 11 38.85 19.06 23.39
CA GLY B 11 38.84 19.79 24.66
C GLY B 11 37.51 19.93 25.42
N HIS B 12 36.45 19.27 25.00
CA HIS B 12 35.19 19.25 25.76
C HIS B 12 35.32 18.32 26.97
N GLU B 13 34.93 18.80 28.15
CA GLU B 13 35.04 18.07 29.42
C GLU B 13 33.68 17.58 29.88
N PHE B 14 33.50 16.26 29.87
CA PHE B 14 32.26 15.63 30.25
C PHE B 14 32.42 15.08 31.67
N ILE B 15 31.48 15.41 32.56
CA ILE B 15 31.56 15.00 33.95
C ILE B 15 30.42 14.03 34.25
N VAL B 16 30.75 12.77 34.59
CA VAL B 16 29.74 11.71 34.77
C VAL B 16 29.98 10.96 36.08
N LYS B 17 28.97 10.28 36.62
CA LYS B 17 29.15 9.45 37.82
C LYS B 17 30.23 8.38 37.58
N ARG B 18 31.05 8.14 38.60
CA ARG B 18 32.11 7.11 38.51
C ARG B 18 31.55 5.73 38.17
N GLU B 19 30.47 5.32 38.86
CA GLU B 19 29.74 4.09 38.59
C GLU B 19 29.45 3.93 37.08
N HIS B 20 28.98 5.01 36.45
CA HIS B 20 28.61 4.94 35.03
C HIS B 20 29.81 4.76 34.11
N ALA B 21 30.90 5.45 34.39
CA ALA B 21 32.08 5.37 33.53
C ALA B 21 32.74 3.99 33.64
N LEU B 22 32.56 3.31 34.77
CA LEU B 22 33.09 1.94 34.96
C LEU B 22 32.34 0.89 34.14
N THR B 23 31.20 1.23 33.57
CA THR B 23 30.65 0.49 32.43
C THR B 23 31.77 0.01 31.47
N SER B 24 32.79 0.83 31.27
CA SER B 24 33.89 0.51 30.35
C SER B 24 35.10 -0.04 31.08
N GLY B 25 35.55 -1.22 30.66
CA GLY B 25 36.75 -1.85 31.21
C GLY B 25 38.01 -1.09 30.83
N THR B 26 37.98 -0.42 29.67
CA THR B 26 39.12 0.36 29.22
C THR B 26 39.29 1.63 30.06
N ILE B 27 38.17 2.28 30.38
CA ILE B 27 38.19 3.47 31.24
C ILE B 27 38.62 3.08 32.64
N LYS B 28 38.15 1.92 33.12
CA LYS B 28 38.54 1.45 34.44
C LYS B 28 40.05 1.33 34.58
N ALA B 29 40.72 0.78 33.56
CA ALA B 29 42.18 0.63 33.55
C ALA B 29 42.92 1.97 33.44
N MET B 30 42.34 2.92 32.70
CA MET B 30 42.92 4.26 32.59
C MET B 30 42.80 5.08 33.89
N LEU B 31 41.82 4.77 34.73
CA LEU B 31 41.71 5.40 36.05
C LEU B 31 42.55 4.65 37.09
N SER B 32 42.45 3.32 37.11
CA SER B 32 43.08 2.46 38.10
C SER B 32 44.34 1.79 37.55
N ASN B 43 41.41 10.85 38.41
CA ASN B 43 40.01 11.24 38.22
C ASN B 43 39.68 11.98 36.90
N GLU B 44 40.64 12.08 35.99
CA GLU B 44 40.43 12.60 34.64
C GLU B 44 41.05 11.64 33.61
N VAL B 45 40.41 11.49 32.46
CA VAL B 45 41.00 10.74 31.31
C VAL B 45 40.93 11.54 30.01
N ASN B 46 42.02 11.57 29.26
CA ASN B 46 42.05 12.22 27.95
C ASN B 46 41.96 11.25 26.79
N PHE B 47 41.01 11.49 25.90
CA PHE B 47 40.81 10.70 24.70
C PHE B 47 41.27 11.52 23.51
N ARG B 48 42.47 11.22 23.02
CA ARG B 48 43.05 11.91 21.89
C ARG B 48 42.40 11.62 20.55
N GLU B 49 41.66 10.53 20.46
CA GLU B 49 41.03 10.13 19.18
C GLU B 49 39.52 10.25 19.11
N ILE B 50 38.86 10.57 20.21
CA ILE B 50 37.40 10.62 20.24
C ILE B 50 36.94 12.06 20.36
N PRO B 51 36.30 12.60 19.31
CA PRO B 51 35.79 13.98 19.37
C PRO B 51 34.49 14.09 20.18
N SER B 52 34.08 15.33 20.49
CA SER B 52 32.97 15.59 21.40
C SER B 52 31.62 15.11 20.87
N HIS B 53 31.38 15.23 19.57
CA HIS B 53 30.13 14.70 19.00
C HIS B 53 29.98 13.17 19.11
N VAL B 54 31.07 12.45 19.42
CA VAL B 54 31.02 11.02 19.70
C VAL B 54 31.01 10.75 21.20
N LEU B 55 31.87 11.43 21.96
CA LEU B 55 31.98 11.12 23.40
C LEU B 55 30.73 11.52 24.22
N SER B 56 30.03 12.56 23.77
CA SER B 56 28.73 12.92 24.35
C SER B 56 27.71 11.78 24.23
N LYS B 57 27.66 11.16 23.06
CA LYS B 57 26.80 9.99 22.85
C LYS B 57 27.21 8.79 23.71
N VAL B 58 28.50 8.54 23.83
CA VAL B 58 28.97 7.53 24.77
C VAL B 58 28.40 7.75 26.18
N CYS B 59 28.49 8.98 26.69
CA CYS B 59 27.96 9.30 28.04
C CYS B 59 26.45 9.04 28.13
N MET B 60 25.72 9.34 27.06
CA MET B 60 24.29 9.11 27.02
C MET B 60 24.01 7.60 27.08
N TYR B 61 24.87 6.79 26.45
CA TYR B 61 24.71 5.33 26.53
C TYR B 61 24.87 4.86 27.97
N PHE B 62 25.85 5.38 28.69
CA PHE B 62 26.00 5.00 30.11
C PHE B 62 24.70 5.24 30.88
N THR B 63 24.09 6.40 30.67
CA THR B 63 22.87 6.75 31.43
C THR B 63 21.75 5.77 31.10
N TYR B 64 21.62 5.46 29.81
CA TYR B 64 20.64 4.52 29.27
C TYR B 64 20.85 3.11 29.79
N LYS B 65 22.06 2.60 29.70
CA LYS B 65 22.33 1.26 30.20
C LYS B 65 22.00 1.07 31.67
N VAL B 66 22.46 2.02 32.49
CA VAL B 66 22.28 1.90 33.95
C VAL B 66 20.79 2.01 34.32
N ARG B 67 20.06 2.87 33.58
CA ARG B 67 18.62 3.04 33.79
C ARG B 67 17.78 1.81 33.38
N TYR B 68 18.14 1.17 32.27
CA TYR B 68 17.27 0.14 31.70
C TYR B 68 17.75 -1.29 31.90
N THR B 69 18.96 -1.49 32.44
CA THR B 69 19.43 -2.83 32.79
C THR B 69 18.60 -3.35 33.95
N ASN B 70 18.08 -4.56 33.81
CA ASN B 70 17.20 -5.20 34.82
C ASN B 70 15.98 -4.35 35.21
N SER B 71 15.18 -3.99 34.22
CA SER B 71 13.95 -3.21 34.45
C SER B 71 12.88 -3.70 33.46
N SER B 72 11.69 -3.98 33.98
CA SER B 72 10.59 -4.52 33.16
C SER B 72 9.80 -3.45 32.40
N THR B 73 9.94 -2.17 32.78
CA THR B 73 9.38 -1.06 31.98
C THR B 73 9.93 -1.11 30.57
N GLU B 74 9.03 -1.22 29.59
CA GLU B 74 9.38 -1.38 28.16
C GLU B 74 10.61 -0.52 27.79
N ILE B 75 11.52 -1.12 27.04
CA ILE B 75 12.83 -0.53 26.74
C ILE B 75 12.73 0.15 25.37
N PRO B 76 13.21 1.41 25.28
CA PRO B 76 13.21 2.04 23.97
C PRO B 76 14.54 1.86 23.27
N GLU B 77 14.50 2.10 21.96
CA GLU B 77 15.66 1.96 21.10
C GLU B 77 16.67 3.05 21.43
N PHE B 78 17.95 2.67 21.54
CA PHE B 78 19.01 3.66 21.64
C PHE B 78 19.31 4.26 20.26
N PRO B 79 19.15 5.59 20.10
CA PRO B 79 19.19 6.22 18.78
C PRO B 79 20.59 6.61 18.37
N ILE B 80 20.94 6.36 17.09
CA ILE B 80 22.26 6.72 16.54
C ILE B 80 22.12 7.27 15.12
N ALA B 81 22.35 8.57 14.96
CA ALA B 81 22.29 9.21 13.65
C ALA B 81 23.33 8.58 12.72
N PRO B 82 23.00 8.45 11.42
CA PRO B 82 23.93 7.83 10.46
C PRO B 82 25.31 8.49 10.37
N GLU B 83 25.35 9.80 10.52
CA GLU B 83 26.59 10.58 10.39
C GLU B 83 27.64 10.25 11.45
N ILE B 84 27.20 9.80 12.63
CA ILE B 84 28.11 9.47 13.74
C ILE B 84 28.32 7.97 13.96
N ALA B 85 27.71 7.12 13.14
CA ALA B 85 27.68 5.68 13.44
C ALA B 85 29.05 5.02 13.30
N LEU B 86 29.76 5.33 12.22
CA LEU B 86 31.10 4.73 12.01
C LEU B 86 32.07 5.08 13.14
N GLU B 87 32.12 6.35 13.53
CA GLU B 87 33.01 6.80 14.59
C GLU B 87 32.63 6.22 15.96
N LEU B 88 31.33 6.17 16.23
CA LEU B 88 30.82 5.62 17.50
C LEU B 88 31.20 4.12 17.59
N LEU B 89 31.13 3.41 16.46
CA LEU B 89 31.50 1.99 16.42
C LEU B 89 32.94 1.79 16.87
N MET B 90 33.83 2.63 16.34
CA MET B 90 35.25 2.52 16.66
C MET B 90 35.53 2.84 18.14
N ALA B 91 34.83 3.84 18.69
CA ALA B 91 34.95 4.17 20.12
C ALA B 91 34.46 3.01 20.98
N ALA B 92 33.34 2.41 20.57
CA ALA B 92 32.76 1.29 21.32
C ALA B 92 33.69 0.08 21.34
N ASN B 93 34.39 -0.15 20.22
CA ASN B 93 35.36 -1.24 20.14
C ASN B 93 36.56 -1.00 21.05
N PHE B 94 37.07 0.23 21.04
CA PHE B 94 38.19 0.61 21.89
C PHE B 94 37.85 0.50 23.38
N LEU B 95 36.68 1.02 23.74
CA LEU B 95 36.20 1.06 25.12
C LEU B 95 35.54 -0.25 25.58
N ASP B 96 35.33 -1.19 24.67
CA ASP B 96 34.67 -2.47 24.98
C ASP B 96 33.34 -2.28 25.73
N CYS B 97 32.40 -1.58 25.12
CA CYS B 97 31.10 -1.33 25.77
C CYS B 97 29.94 -1.46 24.82
N VAL C 11 19.82 -31.64 20.65
CA VAL C 11 19.74 -31.42 22.13
C VAL C 11 18.62 -30.45 22.50
N LEU C 12 18.63 -29.26 21.90
CA LEU C 12 17.52 -28.30 22.12
C LEU C 12 16.34 -28.58 21.19
N ARG C 13 15.22 -29.02 21.76
CA ARG C 13 14.02 -29.35 20.98
C ARG C 13 12.75 -29.39 21.83
N SER C 14 11.60 -29.21 21.18
CA SER C 14 10.33 -29.30 21.85
C SER C 14 10.06 -30.75 22.21
N VAL C 15 9.26 -30.93 23.25
CA VAL C 15 8.80 -32.24 23.70
C VAL C 15 7.41 -32.50 23.13
N ASN C 16 7.20 -33.66 22.50
CA ASN C 16 5.88 -33.98 21.94
C ASN C 16 4.87 -34.40 23.04
N SER C 17 4.40 -33.40 23.79
CA SER C 17 3.61 -33.63 25.01
C SER C 17 2.14 -33.85 24.73
N ARG C 18 1.65 -33.14 23.72
CA ARG C 18 0.25 -33.19 23.31
C ARG C 18 -0.73 -32.51 24.26
N GLU C 19 -0.26 -31.81 25.30
CA GLU C 19 -1.14 -31.05 26.19
C GLU C 19 -1.23 -29.58 25.76
N PRO C 20 -2.41 -29.13 25.30
CA PRO C 20 -2.54 -27.75 24.81
C PRO C 20 -2.15 -26.68 25.82
N SER C 21 -1.75 -25.53 25.29
CA SER C 21 -1.44 -24.36 26.09
C SER C 21 -1.66 -23.14 25.22
N GLN C 22 -2.58 -22.28 25.64
CA GLN C 22 -2.92 -21.03 24.95
C GLN C 22 -1.92 -19.96 25.40
N VAL C 23 -1.43 -19.18 24.45
CA VAL C 23 -0.42 -18.15 24.74
C VAL C 23 -0.80 -16.87 24.03
N ILE C 24 -0.46 -15.73 24.63
CA ILE C 24 -0.52 -14.40 23.99
C ILE C 24 0.92 -13.96 23.64
N PHE C 25 1.21 -13.80 22.35
CA PHE C 25 2.48 -13.19 21.92
C PHE C 25 2.26 -11.67 21.89
N CAS C 26 2.98 -10.93 22.73
CA CAS C 26 2.80 -9.48 22.84
CB CAS C 26 2.40 -9.12 24.29
C CAS C 26 4.09 -8.81 22.46
O CAS C 26 5.10 -8.93 23.15
SG CAS C 26 2.10 -7.39 24.46
AS CAS C 26 0.10 -7.20 23.53
CE1 CAS C 26 0.35 -5.87 22.10
CE2 CAS C 26 -1.19 -6.34 24.74
N ASN C 27 4.08 -8.09 21.33
CA ASN C 27 5.28 -7.44 20.83
C ASN C 27 5.38 -6.03 21.41
N ARG C 28 6.19 -5.86 22.44
CA ARG C 28 6.44 -4.55 23.03
C ARG C 28 7.79 -4.01 22.60
N SER C 29 8.11 -4.19 21.32
CA SER C 29 9.35 -3.70 20.75
C SER C 29 8.97 -2.85 19.56
N PRO C 30 9.91 -2.03 19.07
CA PRO C 30 9.68 -1.28 17.84
C PRO C 30 10.04 -2.09 16.58
N ARG C 31 10.38 -3.37 16.73
CA ARG C 31 10.76 -4.17 15.58
C ARG C 31 9.57 -4.99 15.04
N VAL C 32 9.66 -5.43 13.79
CA VAL C 32 8.80 -6.47 13.27
C VAL C 32 9.33 -7.79 13.82
N VAL C 33 8.47 -8.59 14.44
CA VAL C 33 8.92 -9.76 15.18
C VAL C 33 8.63 -11.07 14.43
N LEU C 34 9.64 -11.93 14.37
CA LEU C 34 9.52 -13.27 13.81
C LEU C 34 9.56 -14.28 14.96
N PRO C 35 8.43 -15.00 15.21
CA PRO C 35 8.47 -16.08 16.16
C PRO C 35 9.05 -17.34 15.51
N VAL C 36 9.88 -18.07 16.25
CA VAL C 36 10.51 -19.30 15.78
C VAL C 36 10.26 -20.46 16.78
N TRP C 37 9.64 -21.53 16.29
CA TRP C 37 9.39 -22.76 17.07
C TRP C 37 10.50 -23.74 16.76
N LEU C 38 11.06 -24.39 17.78
CA LEU C 38 12.03 -25.45 17.58
C LEU C 38 11.26 -26.78 17.52
N ASN C 39 11.33 -27.46 16.39
CA ASN C 39 10.49 -28.63 16.19
C ASN C 39 11.09 -29.88 16.85
N PHE C 40 10.46 -31.03 16.68
CA PHE C 40 10.82 -32.21 17.44
C PHE C 40 12.21 -32.76 17.11
N ASP C 41 12.74 -32.39 15.94
CA ASP C 41 14.13 -32.71 15.58
C ASP C 41 15.06 -31.54 15.80
N GLY C 42 14.56 -30.45 16.40
CA GLY C 42 15.40 -29.30 16.74
C GLY C 42 15.64 -28.28 15.64
N GLU C 43 15.00 -28.47 14.47
CA GLU C 43 15.06 -27.48 13.39
C GLU C 43 14.20 -26.26 13.72
N PRO C 44 14.70 -25.06 13.41
CA PRO C 44 13.89 -23.87 13.57
C PRO C 44 12.82 -23.76 12.49
N GLN C 45 11.58 -23.59 12.91
CA GLN C 45 10.46 -23.32 12.01
C GLN C 45 9.92 -21.89 12.23
N PRO C 46 10.00 -21.05 11.20
CA PRO C 46 9.51 -19.68 11.31
C PRO C 46 7.99 -19.63 11.26
N TYR C 47 7.39 -18.66 11.98
CA TYR C 47 5.93 -18.45 12.04
C TYR C 47 5.59 -17.05 11.53
N PRO C 48 4.29 -16.75 11.33
CA PRO C 48 3.93 -15.41 10.83
C PRO C 48 4.43 -14.29 11.74
N THR C 49 4.73 -13.14 11.14
CA THR C 49 5.36 -12.01 11.85
C THR C 49 4.32 -11.15 12.57
N LEU C 50 4.79 -10.35 13.54
CA LEU C 50 3.96 -9.40 14.31
C LEU C 50 4.46 -7.98 14.15
N PRO C 51 3.61 -7.07 13.65
CA PRO C 51 4.06 -5.69 13.60
C PRO C 51 4.35 -5.12 15.01
N PRO C 52 5.12 -4.02 15.09
CA PRO C 52 5.48 -3.40 16.38
C PRO C 52 4.25 -3.05 17.19
N GLY C 53 4.26 -3.39 18.47
CA GLY C 53 3.15 -3.04 19.35
C GLY C 53 1.90 -3.92 19.26
N THR C 54 1.90 -4.95 18.42
CA THR C 54 0.71 -5.80 18.22
C THR C 54 0.74 -7.12 19.00
N GLY C 55 -0.42 -7.78 19.08
CA GLY C 55 -0.57 -9.02 19.83
C GLY C 55 -1.36 -10.10 19.08
N ARG C 56 -1.13 -11.37 19.43
CA ARG C 56 -1.83 -12.50 18.80
C ARG C 56 -2.06 -13.61 19.81
N ARG C 57 -3.28 -14.10 19.90
CA ARG C 57 -3.56 -15.26 20.71
C ARG C 57 -3.30 -16.52 19.89
N ILE C 58 -2.40 -17.38 20.37
CA ILE C 58 -2.03 -18.58 19.60
C ILE C 58 -2.15 -19.83 20.42
N HIS C 59 -2.25 -20.94 19.72
CA HIS C 59 -2.33 -22.27 20.34
C HIS C 59 -0.97 -22.92 20.25
N SER C 60 -0.40 -23.31 21.38
CA SER C 60 0.85 -24.08 21.41
C SER C 60 0.67 -25.28 22.35
N TYR C 61 1.76 -25.80 22.89
CA TYR C 61 1.72 -27.00 23.74
C TYR C 61 2.74 -26.89 24.88
N ARG C 62 2.46 -27.56 26.01
CA ARG C 62 3.41 -27.60 27.13
C ARG C 62 4.67 -28.30 26.66
N GLY C 63 5.83 -27.81 27.09
CA GLY C 63 7.12 -28.38 26.72
C GLY C 63 7.71 -27.85 25.42
N HIS C 64 6.95 -27.07 24.66
CA HIS C 64 7.44 -26.57 23.37
C HIS C 64 8.35 -25.35 23.52
N LEU C 65 9.34 -25.20 22.65
CA LEU C 65 10.32 -24.12 22.78
C LEU C 65 10.15 -23.09 21.68
N TRP C 66 10.31 -21.81 22.06
CA TRP C 66 10.14 -20.66 21.16
C TRP C 66 11.24 -19.63 21.40
N LEU C 67 11.67 -18.95 20.34
CA LEU C 67 12.50 -17.76 20.51
C LEU C 67 12.02 -16.73 19.53
N PHE C 68 12.55 -15.50 19.63
CA PHE C 68 12.02 -14.35 18.87
C PHE C 68 13.13 -13.43 18.31
N ARG C 69 12.94 -12.99 17.08
CA ARG C 69 13.95 -12.24 16.34
C ARG C 69 13.34 -11.06 15.60
N ASP C 70 14.18 -10.10 15.23
CA ASP C 70 13.80 -9.06 14.24
C ASP C 70 13.67 -9.76 12.90
N ALA C 71 12.49 -9.68 12.29
CA ALA C 71 12.22 -10.40 11.04
C ALA C 71 13.10 -9.96 9.88
N GLY C 72 13.61 -8.74 9.93
CA GLY C 72 14.38 -8.18 8.82
C GLY C 72 15.88 -8.42 8.92
N THR C 73 16.40 -8.29 10.12
CA THR C 73 17.84 -8.36 10.36
C THR C 73 18.25 -9.62 11.14
N HIS C 74 17.27 -10.32 11.73
CA HIS C 74 17.52 -11.42 12.66
C HIS C 74 18.16 -11.04 14.00
N ASP C 75 18.28 -9.76 14.32
CA ASP C 75 18.76 -9.36 15.65
C ASP C 75 17.98 -10.13 16.73
N GLY C 76 18.62 -10.45 17.85
CA GLY C 76 17.98 -11.20 18.93
C GLY C 76 17.12 -10.35 19.85
N LEU C 77 16.02 -10.95 20.33
CA LEU C 77 15.06 -10.31 21.23
C LEU C 77 14.85 -11.15 22.49
N LEU C 78 14.31 -10.52 23.52
CA LEU C 78 14.01 -11.21 24.78
C LEU C 78 12.53 -11.47 24.87
N VAL C 79 12.19 -12.50 25.64
CA VAL C 79 10.81 -12.87 25.88
C VAL C 79 10.77 -13.17 27.36
N ASN C 80 9.86 -12.52 28.05
CA ASN C 80 9.82 -12.51 29.52
C ASN C 80 11.21 -12.45 30.15
N GLN C 81 12.03 -11.55 29.61
CA GLN C 81 13.35 -11.22 30.16
C GLN C 81 14.41 -12.29 29.90
N THR C 82 14.16 -13.22 28.99
CA THR C 82 15.13 -14.29 28.77
C THR C 82 15.10 -14.69 27.29
N GLU C 83 15.93 -15.64 26.90
CA GLU C 83 16.12 -16.02 25.50
C GLU C 83 15.01 -16.91 24.95
N LEU C 84 14.58 -17.87 25.77
CA LEU C 84 13.67 -18.93 25.35
C LEU C 84 12.38 -18.87 26.13
N PHE C 85 11.28 -19.22 25.47
CA PHE C 85 9.97 -19.26 26.11
C PHE C 85 9.37 -20.66 25.95
N VAL C 86 8.89 -21.21 27.07
CA VAL C 86 8.28 -22.54 27.11
C VAL C 86 6.86 -22.43 27.65
N PRO C 87 5.84 -22.70 26.83
CA PRO C 87 4.49 -22.57 27.40
C PRO C 87 4.31 -23.47 28.61
N SER C 88 3.65 -22.95 29.64
CA SER C 88 3.33 -23.73 30.85
C SER C 88 1.83 -24.16 30.95
N LEU C 89 1.47 -24.78 32.07
CA LEU C 89 0.10 -25.15 32.36
C LEU C 89 -0.76 -23.90 32.53
N ASN C 90 -1.90 -23.85 31.81
CA ASN C 90 -2.90 -22.78 31.99
C ASN C 90 -3.74 -22.99 33.25
N VAL C 91 -3.67 -22.02 34.17
CA VAL C 91 -4.42 -22.04 35.42
C VAL C 91 -5.68 -21.16 35.30
N ASP C 92 -6.83 -21.72 35.70
CA ASP C 92 -8.13 -21.03 35.65
C ASP C 92 -8.55 -20.60 34.24
N GLY C 93 -8.08 -21.32 33.21
CA GLY C 93 -8.39 -21.01 31.81
C GLY C 93 -7.60 -19.86 31.20
N GLN C 94 -6.86 -19.10 32.02
CA GLN C 94 -6.14 -17.91 31.54
C GLN C 94 -4.91 -18.28 30.67
N PRO C 95 -4.69 -17.55 29.56
CA PRO C 95 -3.51 -17.80 28.75
C PRO C 95 -2.21 -17.32 29.40
N ILE C 96 -1.08 -17.81 28.89
CA ILE C 96 0.24 -17.39 29.37
C ILE C 96 0.66 -16.16 28.59
N PHE C 97 1.34 -15.23 29.23
CA PHE C 97 1.79 -14.03 28.56
C PHE C 97 3.26 -14.15 28.13
N ALA C 98 3.50 -14.01 26.82
CA ALA C 98 4.85 -13.88 26.29
C ALA C 98 5.17 -12.44 25.88
N ASN C 99 5.86 -11.74 26.77
CA ASN C 99 6.28 -10.36 26.55
C ASN C 99 7.56 -10.17 25.79
N ILE C 100 7.45 -9.83 24.51
CA ILE C 100 8.62 -9.72 23.66
C ILE C 100 9.12 -8.28 23.72
N THR C 101 10.40 -8.09 24.07
CA THR C 101 11.01 -6.74 24.22
C THR C 101 12.42 -6.65 23.63
N LEU C 102 12.88 -5.42 23.38
CA LEU C 102 14.29 -5.19 23.02
C LEU C 102 15.18 -5.53 24.20
N PRO C 103 16.34 -6.14 23.93
CA PRO C 103 17.34 -6.14 24.99
C PRO C 103 18.06 -4.80 25.11
N VAL C 104 18.81 -4.62 26.19
CA VAL C 104 19.81 -3.56 26.24
C VAL C 104 21.03 -4.07 25.50
N TYR C 105 21.12 -3.78 24.20
CA TYR C 105 22.30 -4.14 23.41
C TYR C 105 23.51 -3.40 23.92
N THR C 106 24.69 -3.99 23.72
CA THR C 106 25.94 -3.27 23.98
C THR C 106 25.95 -2.13 22.98
N LEU C 107 26.69 -1.06 23.28
CA LEU C 107 26.89 0.02 22.34
C LEU C 107 27.53 -0.47 21.04
N LYS C 108 28.50 -1.39 21.15
CA LYS C 108 29.10 -2.00 19.94
C LYS C 108 28.10 -2.74 19.05
N GLU C 109 27.26 -3.59 19.63
CA GLU C 109 26.31 -4.30 18.78
C GLU C 109 25.28 -3.35 18.18
N ARG C 110 24.88 -2.32 18.92
CA ARG C 110 23.91 -1.36 18.38
C ARG C 110 24.51 -0.54 17.21
N CYS C 111 25.78 -0.13 17.35
CA CYS C 111 26.49 0.50 16.24
C CYS C 111 26.58 -0.41 14.99
N LEU C 112 26.84 -1.70 15.19
CA LEU C 112 26.92 -2.65 14.08
C LEU C 112 25.56 -2.78 13.37
N GLN C 113 24.48 -2.79 14.15
CA GLN C 113 23.14 -2.83 13.53
C GLN C 113 22.95 -1.65 12.58
N VAL C 114 23.27 -0.45 13.06
CA VAL C 114 23.01 0.76 12.28
C VAL C 114 23.87 0.78 11.03
N VAL C 115 25.15 0.43 11.16
CA VAL C 115 26.07 0.36 10.02
C VAL C 115 25.64 -0.72 9.02
N ARG C 116 25.24 -1.90 9.50
CA ARG C 116 24.71 -2.92 8.57
C ARG C 116 23.51 -2.35 7.79
N SER C 117 22.62 -1.63 8.46
CA SER C 117 21.42 -1.08 7.80
C SER C 117 21.69 0.03 6.78
N LEU C 118 22.93 0.51 6.66
CA LEU C 118 23.27 1.59 5.74
C LEU C 118 24.26 1.21 4.65
N VAL C 119 24.90 0.05 4.78
CA VAL C 119 25.99 -0.36 3.89
C VAL C 119 25.69 -1.75 3.34
N LYS C 120 25.65 -1.88 2.03
CA LYS C 120 25.40 -3.16 1.40
C LYS C 120 26.58 -4.10 1.70
N PRO C 121 26.30 -5.39 1.93
CA PRO C 121 27.38 -6.28 2.42
C PRO C 121 28.62 -6.37 1.53
N GLU C 122 28.47 -6.10 0.24
CA GLU C 122 29.61 -6.10 -0.70
C GLU C 122 30.58 -4.99 -0.39
N ASN C 123 30.10 -3.94 0.28
CA ASN C 123 30.90 -2.75 0.56
C ASN C 123 31.53 -2.66 1.96
N TYR C 124 31.19 -3.58 2.85
CA TYR C 124 31.81 -3.63 4.19
C TYR C 124 33.33 -3.50 4.14
N ARG C 125 33.95 -4.16 3.16
CA ARG C 125 35.40 -4.13 2.98
C ARG C 125 35.93 -2.76 2.55
N ARG C 126 35.08 -1.90 1.99
CA ARG C 126 35.51 -0.56 1.58
C ARG C 126 35.60 0.39 2.78
N LEU C 127 34.96 0.05 3.90
CA LEU C 127 34.95 0.91 5.06
C LEU C 127 36.35 1.03 5.66
N ASP C 128 36.66 2.22 6.16
CA ASP C 128 38.00 2.48 6.70
C ASP C 128 38.02 2.16 8.19
N ILE C 129 38.16 0.87 8.50
CA ILE C 129 38.12 0.34 9.84
C ILE C 129 39.05 -0.86 9.92
N VAL C 130 39.42 -1.26 11.14
CA VAL C 130 40.30 -2.44 11.32
C VAL C 130 39.64 -3.74 10.86
N ARG C 131 40.47 -4.63 10.30
CA ARG C 131 39.98 -5.89 9.74
C ARG C 131 38.96 -6.60 10.63
N SER C 132 39.17 -6.61 11.95
CA SER C 132 38.32 -7.39 12.87
C SER C 132 36.88 -6.84 12.99
N LEU C 133 36.69 -5.55 12.70
CA LEU C 133 35.36 -4.96 12.61
C LEU C 133 34.64 -5.32 11.33
N TYR C 134 35.38 -5.45 10.23
CA TYR C 134 34.83 -6.01 8.98
C TYR C 134 34.30 -7.40 9.27
N GLU C 135 35.09 -8.23 9.95
CA GLU C 135 34.64 -9.58 10.35
C GLU C 135 33.38 -9.49 11.22
N ASP C 136 33.38 -8.57 12.19
CA ASP C 136 32.21 -8.41 13.09
C ASP C 136 30.95 -8.01 12.31
N LEU C 137 31.10 -7.17 11.30
CA LEU C 137 29.96 -6.78 10.42
C LEU C 137 29.41 -7.96 9.60
N GLU C 138 30.29 -8.74 8.98
CA GLU C 138 29.90 -9.89 8.17
C GLU C 138 29.30 -11.00 9.02
N ASP C 139 29.71 -11.08 10.27
CA ASP C 139 29.24 -12.10 11.20
C ASP C 139 27.88 -11.69 11.79
N HIS C 140 26.87 -11.52 10.95
CA HIS C 140 25.60 -10.98 11.42
C HIS C 140 24.76 -12.02 12.16
N PRO C 141 23.75 -11.55 12.94
CA PRO C 141 22.96 -12.47 13.73
C PRO C 141 22.31 -13.56 12.90
N ASN C 142 22.15 -14.73 13.49
CA ASN C 142 21.65 -15.93 12.79
C ASN C 142 21.22 -16.94 13.85
N VAL C 143 20.10 -17.61 13.61
CA VAL C 143 19.51 -18.52 14.60
C VAL C 143 20.38 -19.77 14.87
N GLN C 144 20.92 -20.39 13.83
CA GLN C 144 21.77 -21.57 14.01
C GLN C 144 22.97 -21.31 14.93
N LYS C 145 23.62 -20.17 14.73
CA LYS C 145 24.78 -19.78 15.52
C LYS C 145 24.41 -19.73 17.01
N ASP C 146 23.27 -19.12 17.29
CA ASP C 146 22.79 -19.02 18.66
C ASP C 146 22.35 -20.37 19.22
N LEU C 147 21.83 -21.25 18.39
CA LEU C 147 21.40 -22.57 18.86
C LEU C 147 22.58 -23.41 19.30
N GLU C 148 23.71 -23.26 18.61
CA GLU C 148 24.95 -23.88 19.09
C GLU C 148 25.28 -23.35 20.49
N ARG C 149 25.46 -22.04 20.60
CA ARG C 149 25.83 -21.39 21.86
C ARG C 149 24.92 -21.79 23.02
N LEU C 150 23.61 -21.70 22.82
CA LEU C 150 22.63 -22.04 23.88
C LEU C 150 22.69 -23.52 24.24
N THR C 151 22.91 -24.37 23.23
CA THR C 151 23.06 -25.81 23.45
C THR C 151 24.25 -26.07 24.38
N GLN C 152 25.32 -25.30 24.22
CA GLN C 152 26.44 -25.36 25.16
C GLN C 152 25.98 -25.17 26.60
N MET D 1 12.08 17.42 -8.07
CA MET D 1 12.52 17.22 -9.48
C MET D 1 13.86 17.91 -9.71
N ASP D 2 14.84 17.15 -10.23
CA ASP D 2 16.19 17.66 -10.44
C ASP D 2 16.30 18.41 -11.76
N VAL D 3 17.09 19.48 -11.78
CA VAL D 3 17.46 20.16 -13.01
C VAL D 3 18.97 20.05 -13.16
N PHE D 4 19.43 19.94 -14.40
CA PHE D 4 20.85 19.73 -14.71
C PHE D 4 21.42 20.95 -15.45
N LEU D 5 22.47 21.54 -14.89
CA LEU D 5 22.94 22.87 -15.24
C LEU D 5 24.41 22.97 -15.65
N MET D 6 24.68 23.92 -16.54
CA MET D 6 26.02 24.47 -16.77
C MET D 6 26.05 25.93 -16.31
N ILE D 7 26.86 26.22 -15.29
CA ILE D 7 27.04 27.59 -14.82
C ILE D 7 28.34 28.13 -15.42
N ARG D 8 28.24 29.11 -16.31
CA ARG D 8 29.37 29.53 -17.12
C ARG D 8 29.75 30.99 -16.92
N ARG D 9 31.06 31.21 -16.78
CA ARG D 9 31.67 32.53 -16.76
C ARG D 9 32.99 32.46 -17.53
N HIS D 10 33.19 33.38 -18.46
CA HIS D 10 34.43 33.47 -19.24
C HIS D 10 34.82 32.11 -19.82
N LYS D 11 35.87 31.47 -19.27
CA LYS D 11 36.30 30.14 -19.74
C LYS D 11 36.13 29.04 -18.67
N THR D 12 35.36 29.32 -17.63
CA THR D 12 34.94 28.34 -16.62
C THR D 12 33.51 27.86 -16.92
N THR D 13 33.31 26.54 -16.78
CA THR D 13 32.00 25.89 -16.91
C THR D 13 31.84 24.80 -15.85
N ILE D 14 30.90 25.01 -14.92
CA ILE D 14 30.61 24.05 -13.85
C ILE D 14 29.41 23.19 -14.21
N PHE D 15 29.58 21.87 -14.10
CA PHE D 15 28.49 20.92 -14.24
C PHE D 15 28.01 20.54 -12.83
N THR D 16 26.74 20.78 -12.55
CA THR D 16 26.11 20.38 -11.27
C THR D 16 24.61 20.22 -11.49
N ASP D 17 23.89 19.93 -10.41
CA ASP D 17 22.41 19.83 -10.45
C ASP D 17 21.80 20.35 -9.17
N ALA D 18 20.48 20.58 -9.22
CA ALA D 18 19.74 21.16 -8.10
C ALA D 18 18.25 20.86 -8.24
N LYS D 19 17.48 21.14 -7.20
CA LYS D 19 16.04 20.90 -7.22
C LYS D 19 15.34 22.07 -7.88
N GLU D 20 14.24 21.77 -8.56
CA GLU D 20 13.43 22.77 -9.21
C GLU D 20 12.93 23.79 -8.19
N SER D 21 12.72 23.33 -6.96
CA SER D 21 12.21 24.16 -5.87
C SER D 21 13.29 24.94 -5.10
N SER D 22 14.57 24.76 -5.42
CA SER D 22 15.65 25.46 -4.70
C SER D 22 15.83 26.89 -5.22
N THR D 23 16.29 27.79 -4.35
CA THR D 23 16.38 29.21 -4.70
C THR D 23 17.68 29.58 -5.41
N VAL D 24 17.66 30.75 -6.04
CA VAL D 24 18.83 31.32 -6.69
C VAL D 24 19.95 31.53 -5.69
N PHE D 25 19.59 31.99 -4.51
CA PHE D 25 20.56 32.22 -3.44
C PHE D 25 21.24 30.92 -3.05
N GLU D 26 20.46 29.86 -2.85
CA GLU D 26 21.03 28.54 -2.53
C GLU D 26 21.99 28.02 -3.60
N LEU D 27 21.76 28.44 -4.85
CA LEU D 27 22.67 28.10 -5.95
C LEU D 27 23.98 28.91 -5.92
N LYS D 28 23.93 30.17 -5.46
CA LYS D 28 25.16 30.97 -5.22
C LYS D 28 26.05 30.34 -4.15
N ARG D 29 25.44 29.77 -3.11
CA ARG D 29 26.18 29.03 -2.09
C ARG D 29 26.91 27.80 -2.65
N ILE D 30 26.37 27.19 -3.71
CA ILE D 30 27.07 26.08 -4.34
C ILE D 30 28.30 26.58 -5.10
N VAL D 31 28.11 27.64 -5.89
CA VAL D 31 29.22 28.29 -6.57
C VAL D 31 30.30 28.72 -5.56
N GLU D 32 29.87 29.21 -4.39
CA GLU D 32 30.78 29.63 -3.31
C GLU D 32 31.67 28.50 -2.83
N GLY D 33 31.07 27.33 -2.63
CA GLY D 33 31.83 26.12 -2.29
C GLY D 33 32.92 25.78 -3.28
N ILE D 34 32.61 25.91 -4.58
CA ILE D 34 33.56 25.55 -5.64
C ILE D 34 34.63 26.64 -5.90
N LEU D 35 34.20 27.85 -6.24
CA LEU D 35 35.11 28.90 -6.72
C LEU D 35 35.51 29.96 -5.68
N LYS D 36 35.12 29.74 -4.42
CA LYS D 36 35.56 30.57 -3.31
C LYS D 36 35.21 32.05 -3.50
N ARG D 37 33.96 32.32 -3.86
CA ARG D 37 33.46 33.69 -3.92
C ARG D 37 32.12 33.75 -3.20
N PRO D 38 31.90 34.79 -2.37
CA PRO D 38 30.64 34.87 -1.62
C PRO D 38 29.44 35.20 -2.51
N PRO D 39 28.21 34.85 -2.06
CA PRO D 39 26.99 35.21 -2.78
C PRO D 39 26.92 36.67 -3.23
N ASP D 40 27.29 37.59 -2.33
CA ASP D 40 27.18 39.02 -2.63
C ASP D 40 28.26 39.57 -3.60
N GLU D 41 29.17 38.72 -4.05
CA GLU D 41 30.09 39.08 -5.15
C GLU D 41 29.73 38.34 -6.45
N GLN D 42 28.52 37.75 -6.51
CA GLN D 42 28.05 37.00 -7.67
C GLN D 42 26.77 37.59 -8.25
N ARG D 43 26.66 37.61 -9.58
CA ARG D 43 25.35 37.74 -10.24
C ARG D 43 25.09 36.54 -11.15
N LEU D 44 23.89 35.98 -11.05
CA LEU D 44 23.47 34.87 -11.86
C LEU D 44 22.45 35.28 -12.90
N TYR D 45 22.53 34.68 -14.09
CA TYR D 45 21.69 35.10 -15.20
C TYR D 45 20.98 33.94 -15.89
N LYS D 46 19.90 34.27 -16.60
CA LYS D 46 19.31 33.40 -17.59
C LYS D 46 19.23 34.19 -18.89
N ASP D 47 20.07 33.84 -19.85
CA ASP D 47 20.30 34.66 -21.04
C ASP D 47 20.76 36.06 -20.57
N ASP D 48 20.00 37.13 -20.84
CA ASP D 48 20.38 38.45 -20.35
C ASP D 48 19.61 38.88 -19.11
N GLN D 49 18.71 38.03 -18.61
CA GLN D 49 17.89 38.38 -17.45
C GLN D 49 18.63 38.10 -16.14
N LEU D 50 18.62 39.07 -15.23
CA LEU D 50 19.23 38.93 -13.92
C LEU D 50 18.28 38.20 -12.98
N LEU D 51 18.81 37.26 -12.23
CA LEU D 51 18.01 36.42 -11.34
C LEU D 51 18.05 36.92 -9.90
N ASP D 52 16.87 37.20 -9.33
CA ASP D 52 16.80 37.63 -7.93
C ASP D 52 17.01 36.44 -6.97
N ASP D 53 17.74 36.69 -5.90
CA ASP D 53 18.10 35.65 -4.92
C ASP D 53 16.92 34.80 -4.45
N GLY D 54 15.81 35.44 -4.11
CA GLY D 54 14.68 34.75 -3.48
C GLY D 54 13.83 33.86 -4.37
N LYS D 55 14.05 33.90 -5.68
CA LYS D 55 13.22 33.13 -6.62
C LYS D 55 13.69 31.70 -6.72
N THR D 56 12.78 30.79 -7.08
CA THR D 56 13.14 29.39 -7.27
C THR D 56 13.63 29.23 -8.70
N LEU D 57 14.42 28.18 -8.91
CA LEU D 57 14.89 27.86 -10.25
C LEU D 57 13.73 27.60 -11.21
N GLY D 58 12.65 27.02 -10.70
CA GLY D 58 11.48 26.65 -11.52
C GLY D 58 10.64 27.84 -11.97
N GLU D 59 10.53 28.84 -11.09
CA GLU D 59 9.97 30.15 -11.39
C GLU D 59 10.70 30.89 -12.51
N CAS D 60 12.01 30.75 -12.53
CA CAS D 60 12.86 31.37 -13.55
CB CAS D 60 14.21 31.69 -12.91
C CAS D 60 13.02 30.50 -14.79
O CAS D 60 13.90 30.76 -15.63
SG CAS D 60 14.13 32.93 -11.64
AS CAS D 60 13.11 34.62 -12.67
CE1 CAS D 60 11.41 34.99 -11.74
CE2 CAS D 60 14.27 36.21 -12.42
N GLY D 61 12.20 29.45 -14.94
CA GLY D 61 12.14 28.68 -16.18
C GLY D 61 13.09 27.50 -16.34
N PHE D 62 13.83 27.16 -15.28
CA PHE D 62 14.68 25.97 -15.30
C PHE D 62 13.81 24.80 -14.86
N THR D 63 13.38 24.00 -15.82
CA THR D 63 12.55 22.81 -15.53
C THR D 63 13.25 21.51 -15.86
N SER D 64 12.80 20.44 -15.23
CA SER D 64 13.42 19.12 -15.37
C SER D 64 13.42 18.66 -16.81
N GLN D 65 12.37 19.01 -17.54
CA GLN D 65 12.22 18.51 -18.89
C GLN D 65 12.97 19.36 -19.91
N THR D 66 13.53 20.49 -19.49
CA THR D 66 14.45 21.27 -20.34
C THR D 66 15.90 21.23 -19.84
N ALA D 67 16.11 21.28 -18.54
CA ALA D 67 17.45 21.19 -17.99
C ALA D 67 17.80 19.70 -17.80
N ARG D 68 18.14 19.03 -18.91
CA ARG D 68 18.30 17.56 -18.97
C ARG D 68 19.77 17.09 -18.76
N PRO D 69 19.98 15.86 -18.24
CA PRO D 69 21.34 15.39 -17.95
C PRO D 69 22.26 15.44 -19.17
N GLN D 70 21.71 15.09 -20.31
CA GLN D 70 22.48 14.98 -21.53
C GLN D 70 22.40 16.24 -22.38
N ALA D 71 21.78 17.29 -21.83
CA ALA D 71 21.62 18.60 -22.51
C ALA D 71 21.25 19.65 -21.48
N PRO D 72 22.20 20.00 -20.59
CA PRO D 72 21.94 20.89 -19.48
C PRO D 72 21.69 22.32 -19.91
N ALA D 73 20.92 23.06 -19.10
CA ALA D 73 20.60 24.48 -19.35
C ALA D 73 21.69 25.34 -18.80
N THR D 74 21.98 26.46 -19.45
CA THR D 74 23.06 27.36 -19.03
C THR D 74 22.62 28.47 -18.06
N VAL D 75 23.39 28.65 -16.98
CA VAL D 75 23.23 29.77 -16.08
C VAL D 75 24.45 30.67 -16.20
N GLY D 76 24.23 31.97 -16.38
CA GLY D 76 25.33 32.92 -16.50
C GLY D 76 25.82 33.41 -15.14
N LEU D 77 27.13 33.64 -15.04
CA LEU D 77 27.76 34.13 -13.82
C LEU D 77 28.68 35.32 -14.12
N ALA D 78 28.53 36.41 -13.34
CA ALA D 78 29.43 37.56 -13.38
C ALA D 78 29.95 37.84 -11.96
N PHE D 79 31.24 38.14 -11.84
CA PHE D 79 31.85 38.46 -10.54
C PHE D 79 31.98 39.97 -10.31
N ARG D 80 32.22 40.34 -9.06
CA ARG D 80 32.52 41.73 -8.69
C ARG D 80 33.98 41.88 -8.23
N ALA D 81 34.65 42.89 -8.77
CA ALA D 81 35.98 43.30 -8.30
C ALA D 81 35.89 44.77 -7.82
N ASP D 82 36.53 45.05 -6.68
CA ASP D 82 36.46 46.37 -6.06
C ASP D 82 35.00 46.86 -5.98
N ASP D 83 34.71 48.03 -6.55
CA ASP D 83 33.37 48.62 -6.48
C ASP D 83 32.28 47.89 -7.29
N THR D 84 32.58 47.54 -8.54
CA THR D 84 31.54 47.24 -9.54
C THR D 84 31.66 45.85 -10.18
N PHE D 85 30.51 45.28 -10.56
CA PHE D 85 30.47 43.99 -11.27
C PHE D 85 30.97 44.15 -12.71
N GLU D 86 31.59 43.11 -13.24
CA GLU D 86 31.94 43.05 -14.65
C GLU D 86 30.67 42.79 -15.49
N ALA D 87 30.81 42.95 -16.79
CA ALA D 87 29.74 42.59 -17.72
C ALA D 87 29.77 41.09 -17.96
N LEU D 88 28.59 40.49 -18.13
CA LEU D 88 28.46 39.07 -18.46
C LEU D 88 29.22 38.76 -19.75
N CAS D 89 30.07 37.74 -19.69
CA CAS D 89 30.85 37.31 -20.84
CB CAS D 89 32.19 38.08 -20.85
C CAS D 89 31.00 35.81 -20.73
O CAS D 89 31.47 35.30 -19.72
SG CAS D 89 33.47 37.34 -21.86
AS CAS D 89 32.71 38.15 -23.81
CE1 CAS D 89 33.93 39.59 -24.45
CE2 CAS D 89 32.68 36.67 -25.15
N ILE D 90 30.57 35.09 -21.77
CA ILE D 90 30.69 33.63 -21.84
C ILE D 90 31.36 33.31 -23.16
N GLU D 91 32.60 32.81 -23.07
CA GLU D 91 33.37 32.42 -24.25
C GLU D 91 32.73 31.21 -24.91
N PRO D 92 32.61 31.24 -26.25
CA PRO D 92 32.00 30.12 -26.96
C PRO D 92 32.98 28.98 -27.09
N PHE D 93 32.48 27.74 -27.10
CA PHE D 93 33.33 26.58 -27.36
C PHE D 93 33.85 26.69 -28.80
N SER D 94 34.82 25.85 -29.12
CA SER D 94 35.42 25.83 -30.45
C SER D 94 34.46 25.28 -31.49
N SER D 95 34.85 25.43 -32.75
CA SER D 95 34.03 25.03 -33.88
C SER D 95 34.39 23.65 -34.42
N PRO D 96 33.37 22.82 -34.65
CA PRO D 96 33.64 21.55 -35.34
C PRO D 96 34.19 21.81 -36.75
N PRO D 97 35.01 20.89 -37.26
CA PRO D 97 35.54 21.03 -38.62
C PRO D 97 34.51 20.71 -39.70
N GLU D 98 34.88 20.98 -40.96
CA GLU D 98 34.06 20.58 -42.11
C GLU D 98 33.97 19.05 -42.14
N LEU D 99 32.79 18.53 -42.46
CA LEU D 99 32.56 17.08 -42.57
C LEU D 99 33.39 16.49 -43.71
N PRO D 100 34.03 15.34 -43.46
CA PRO D 100 34.73 14.65 -44.54
C PRO D 100 33.80 14.23 -45.69
N ASP D 101 34.37 13.86 -46.83
CA ASP D 101 33.59 13.44 -47.99
C ASP D 101 32.76 12.19 -47.69
N VAL D 102 33.32 11.26 -46.93
CA VAL D 102 32.67 9.97 -46.67
C VAL D 102 31.54 10.01 -45.64
N MET D 103 31.25 11.19 -45.11
CA MET D 103 30.09 11.41 -44.21
C MET D 103 29.10 12.41 -44.82
N MET E 1 31.28 18.12 -1.18
CA MET E 1 31.41 17.31 -2.44
C MET E 1 32.76 17.60 -3.10
N MET E 2 33.39 16.55 -3.61
CA MET E 2 34.71 16.66 -4.22
C MET E 2 34.58 16.91 -5.73
N TYR E 3 35.23 17.97 -6.21
CA TYR E 3 35.25 18.29 -7.65
C TYR E 3 36.66 18.15 -8.23
N VAL E 4 36.73 17.94 -9.55
CA VAL E 4 37.99 17.98 -10.28
C VAL E 4 37.84 18.92 -11.49
N LYS E 5 38.97 19.38 -12.02
CA LYS E 5 38.97 20.30 -13.15
C LYS E 5 39.54 19.57 -14.35
N LEU E 6 38.85 19.69 -15.48
CA LEU E 6 39.30 19.12 -16.74
C LEU E 6 39.46 20.23 -17.77
N ILE E 7 40.66 20.38 -18.32
CA ILE E 7 40.99 21.50 -19.18
C ILE E 7 41.20 21.01 -20.62
N SER E 8 40.54 21.67 -21.57
CA SER E 8 40.58 21.28 -22.99
C SER E 8 41.80 21.90 -23.66
N SER E 9 42.05 21.53 -24.93
CA SER E 9 43.21 22.04 -25.68
C SER E 9 43.17 23.54 -25.93
N ASP E 10 41.96 24.10 -26.03
CA ASP E 10 41.75 25.54 -26.27
C ASP E 10 41.54 26.36 -24.98
N GLY E 11 41.90 25.83 -23.82
CA GLY E 11 41.84 26.58 -22.58
C GLY E 11 40.52 26.65 -21.82
N HIS E 12 39.49 25.92 -22.25
CA HIS E 12 38.25 25.86 -21.45
C HIS E 12 38.42 24.93 -20.25
N GLU E 13 37.86 25.34 -19.11
CA GLU E 13 38.03 24.62 -17.84
C GLU E 13 36.69 24.13 -17.34
N PHE E 14 36.50 22.81 -17.35
CA PHE E 14 35.23 22.19 -16.93
C PHE E 14 35.37 21.61 -15.53
N ILE E 15 34.44 21.95 -14.63
CA ILE E 15 34.51 21.47 -13.26
C ILE E 15 33.36 20.48 -13.03
N VAL E 16 33.72 19.23 -12.71
CA VAL E 16 32.74 18.15 -12.54
C VAL E 16 32.99 17.42 -11.23
N LYS E 17 31.96 16.76 -10.71
CA LYS E 17 32.12 15.87 -9.55
C LYS E 17 33.21 14.81 -9.76
N ARG E 18 34.04 14.58 -8.75
CA ARG E 18 35.13 13.58 -8.80
C ARG E 18 34.60 12.19 -9.18
N GLU E 19 33.54 11.77 -8.49
CA GLU E 19 32.82 10.53 -8.81
C GLU E 19 32.57 10.36 -10.33
N HIS E 20 32.05 11.42 -10.97
CA HIS E 20 31.70 11.38 -12.40
C HIS E 20 32.90 11.23 -13.30
N ALA E 21 33.98 11.92 -12.96
CA ALA E 21 35.21 11.86 -13.74
C ALA E 21 35.87 10.47 -13.68
N LEU E 22 35.71 9.76 -12.57
CA LEU E 22 36.27 8.41 -12.43
C LEU E 22 35.48 7.34 -13.20
N THR E 23 34.41 7.70 -13.89
CA THR E 23 33.90 6.90 -14.99
C THR E 23 35.09 6.42 -15.88
N SER E 24 36.08 7.30 -16.09
CA SER E 24 37.22 7.01 -16.96
C SER E 24 38.40 6.53 -16.16
N GLY E 25 38.76 5.26 -16.36
CA GLY E 25 40.01 4.73 -15.82
C GLY E 25 41.27 5.48 -16.23
N THR E 26 41.27 6.09 -17.42
CA THR E 26 42.41 6.91 -17.86
C THR E 26 42.54 8.20 -17.02
N ILE E 27 41.42 8.89 -16.78
CA ILE E 27 41.43 10.09 -15.95
C ILE E 27 41.91 9.76 -14.53
N LYS E 28 41.41 8.66 -13.98
CA LYS E 28 41.82 8.17 -12.65
C LYS E 28 43.33 7.95 -12.53
N ALA E 29 43.98 7.53 -13.61
CA ALA E 29 45.43 7.33 -13.61
C ALA E 29 46.16 8.66 -13.66
N MET E 30 45.57 9.62 -14.35
CA MET E 30 46.11 10.98 -14.40
C MET E 30 45.88 11.81 -13.12
N LEU E 31 44.96 11.38 -12.25
CA LEU E 31 44.74 12.07 -10.96
C LEU E 31 45.70 11.61 -9.85
N SER E 32 46.11 10.35 -9.90
CA SER E 32 47.04 9.78 -8.92
C SER E 32 48.06 8.90 -9.62
N GLY E 33 49.34 9.16 -9.40
CA GLY E 33 50.43 8.34 -9.95
C GLY E 33 51.24 9.03 -11.03
N ASN E 40 50.20 19.65 -14.55
CA ASN E 40 48.90 19.64 -13.92
C ASN E 40 49.02 19.90 -12.41
N GLU E 41 48.16 20.78 -11.88
CA GLU E 41 48.03 21.01 -10.42
C GLU E 41 47.22 19.87 -9.79
N THR E 42 47.15 19.84 -8.45
CA THR E 42 46.41 18.78 -7.75
C THR E 42 44.93 18.88 -8.11
N ASN E 43 44.33 17.79 -8.58
CA ASN E 43 42.92 17.75 -8.98
C ASN E 43 42.59 18.43 -10.32
N GLU E 44 43.60 18.62 -11.17
CA GLU E 44 43.40 19.16 -12.52
C GLU E 44 44.03 18.22 -13.55
N VAL E 45 43.40 18.10 -14.72
CA VAL E 45 43.98 17.33 -15.83
C VAL E 45 43.86 18.13 -17.14
N ASN E 46 44.96 18.18 -17.90
CA ASN E 46 45.01 18.87 -19.20
C ASN E 46 44.92 17.89 -20.36
N PHE E 47 44.14 18.23 -21.38
CA PHE E 47 44.00 17.40 -22.59
C PHE E 47 44.43 18.16 -23.83
N ARG E 48 45.65 17.92 -24.29
CA ARG E 48 46.23 18.66 -25.41
C ARG E 48 45.58 18.39 -26.76
N GLU E 49 44.85 17.29 -26.89
CA GLU E 49 44.24 16.91 -28.18
C GLU E 49 42.73 17.00 -28.19
N ILE E 50 42.10 17.28 -27.05
CA ILE E 50 40.65 17.30 -26.96
C ILE E 50 40.15 18.74 -26.84
N PRO E 51 39.51 19.25 -27.91
CA PRO E 51 38.96 20.61 -27.83
C PRO E 51 37.66 20.71 -27.00
N SER E 52 37.15 21.93 -26.84
CA SER E 52 36.02 22.21 -25.96
C SER E 52 34.68 21.71 -26.52
N HIS E 53 34.53 21.70 -27.84
CA HIS E 53 33.30 21.18 -28.44
C HIS E 53 33.17 19.66 -28.30
N VAL E 54 34.29 18.99 -27.98
CA VAL E 54 34.30 17.57 -27.73
C VAL E 54 34.29 17.26 -26.24
N LEU E 55 35.12 17.95 -25.46
CA LEU E 55 35.22 17.67 -24.00
C LEU E 55 33.94 18.04 -23.22
N SER E 56 33.24 19.09 -23.66
CA SER E 56 31.95 19.44 -23.05
C SER E 56 30.92 18.30 -23.20
N LYS E 57 30.86 17.69 -24.38
CA LYS E 57 30.03 16.52 -24.60
C LYS E 57 30.42 15.36 -23.72
N VAL E 58 31.72 15.20 -23.48
CA VAL E 58 32.19 14.13 -22.63
C VAL E 58 31.65 14.30 -21.23
N CYS E 59 31.78 15.49 -20.66
CA CYS E 59 31.21 15.79 -19.36
C CYS E 59 29.69 15.60 -19.32
N MET E 60 28.99 15.91 -20.41
CA MET E 60 27.54 15.64 -20.46
C MET E 60 27.25 14.12 -20.40
N TYR E 61 28.07 13.32 -21.08
CA TYR E 61 27.94 11.87 -20.97
C TYR E 61 28.02 11.37 -19.53
N PHE E 62 28.96 11.90 -18.76
CA PHE E 62 29.12 11.47 -17.37
C PHE E 62 27.83 11.69 -16.59
N THR E 63 27.24 12.88 -16.77
CA THR E 63 25.99 13.22 -16.09
C THR E 63 24.90 12.21 -16.50
N TYR E 64 24.82 11.93 -17.80
CA TYR E 64 23.84 11.00 -18.36
C TYR E 64 23.98 9.57 -17.81
N LYS E 65 25.20 9.05 -17.83
CA LYS E 65 25.49 7.71 -17.31
C LYS E 65 25.12 7.55 -15.84
N VAL E 66 25.58 8.50 -15.03
CA VAL E 66 25.38 8.43 -13.57
C VAL E 66 23.88 8.55 -13.24
N ARG E 67 23.17 9.38 -14.01
CA ARG E 67 21.75 9.54 -13.82
C ARG E 67 20.94 8.33 -14.23
N TYR E 68 21.28 7.71 -15.36
CA TYR E 68 20.40 6.70 -15.94
C TYR E 68 20.82 5.25 -15.72
N THR E 69 22.06 5.01 -15.27
CA THR E 69 22.54 3.65 -15.03
C THR E 69 21.70 2.96 -13.96
N ASN E 70 21.12 1.82 -14.32
CA ASN E 70 20.24 1.05 -13.42
C ASN E 70 19.07 1.90 -12.92
N SER E 71 18.09 2.06 -13.80
CA SER E 71 17.00 2.99 -13.58
C SER E 71 15.70 2.38 -14.10
N SER E 72 14.61 2.55 -13.35
CA SER E 72 13.29 2.08 -13.76
C SER E 72 12.76 2.93 -14.92
N THR E 73 12.93 4.26 -14.83
CA THR E 73 12.44 5.21 -15.86
C THR E 73 12.90 4.85 -17.27
N GLU E 74 12.14 5.33 -18.25
CA GLU E 74 12.57 5.26 -19.65
C GLU E 74 13.84 6.09 -19.85
N ILE E 75 14.70 5.62 -20.76
CA ILE E 75 16.01 6.19 -21.00
C ILE E 75 15.98 6.89 -22.36
N PRO E 76 16.44 8.16 -22.42
CA PRO E 76 16.52 8.86 -23.71
C PRO E 76 17.81 8.59 -24.43
N GLU E 77 17.79 8.76 -25.74
CA GLU E 77 18.96 8.54 -26.53
C GLU E 77 20.00 9.61 -26.19
N PHE E 78 21.28 9.24 -26.14
CA PHE E 78 22.34 10.22 -25.99
C PHE E 78 22.63 10.85 -27.35
N PRO E 79 22.45 12.19 -27.47
CA PRO E 79 22.59 12.86 -28.77
C PRO E 79 24.04 13.16 -29.15
N ILE E 80 24.41 12.85 -30.39
CA ILE E 80 25.72 13.19 -30.95
C ILE E 80 25.56 13.74 -32.36
N ALA E 81 25.96 14.99 -32.57
CA ALA E 81 25.85 15.62 -33.88
C ALA E 81 26.86 15.01 -34.83
N PRO E 82 26.50 14.87 -36.12
CA PRO E 82 27.42 14.31 -37.10
C PRO E 82 28.80 14.95 -37.11
N GLU E 83 28.85 16.26 -36.88
CA GLU E 83 30.09 17.04 -36.99
C GLU E 83 31.12 16.72 -35.91
N ILE E 84 30.68 16.16 -34.77
CA ILE E 84 31.58 15.90 -33.63
C ILE E 84 31.81 14.42 -33.41
N ALA E 85 31.19 13.57 -34.21
CA ALA E 85 31.19 12.14 -33.96
C ALA E 85 32.60 11.52 -34.01
N LEU E 86 33.34 11.83 -35.08
CA LEU E 86 34.64 11.20 -35.31
C LEU E 86 35.64 11.53 -34.21
N GLU E 87 35.72 12.82 -33.89
CA GLU E 87 36.57 13.29 -32.81
C GLU E 87 36.12 12.69 -31.50
N LEU E 88 34.81 12.66 -31.27
CA LEU E 88 34.30 12.19 -29.99
C LEU E 88 34.56 10.69 -29.84
N LEU E 89 34.59 9.96 -30.95
CA LEU E 89 34.97 8.53 -30.93
C LEU E 89 36.43 8.38 -30.47
N MET E 90 37.30 9.22 -31.02
CA MET E 90 38.72 9.15 -30.69
C MET E 90 38.95 9.42 -29.19
N ALA E 91 38.24 10.38 -28.62
CA ALA E 91 38.35 10.68 -27.18
C ALA E 91 37.86 9.52 -26.32
N ALA E 92 36.72 8.95 -26.69
CA ALA E 92 36.15 7.84 -25.92
C ALA E 92 37.07 6.62 -25.93
N ASN E 93 37.74 6.39 -27.06
CA ASN E 93 38.75 5.32 -27.14
C ASN E 93 39.92 5.58 -26.21
N PHE E 94 40.40 6.82 -26.19
CA PHE E 94 41.53 7.21 -25.33
C PHE E 94 41.18 7.16 -23.85
N LEU E 95 39.97 7.58 -23.48
CA LEU E 95 39.54 7.65 -22.08
C LEU E 95 38.87 6.34 -21.57
N ASP E 96 38.69 5.36 -22.46
CA ASP E 96 38.03 4.08 -22.12
C ASP E 96 36.66 4.23 -21.46
N CYS E 97 35.77 5.01 -22.07
CA CYS E 97 34.44 5.25 -21.48
C CYS E 97 33.30 5.08 -22.49
N VAL F 11 23.13 -24.78 -25.81
CA VAL F 11 23.01 -24.53 -24.34
C VAL F 11 21.86 -23.58 -24.06
N LEU F 12 21.86 -22.43 -24.73
CA LEU F 12 20.73 -21.48 -24.66
C LEU F 12 19.67 -21.84 -25.69
N ARG F 13 18.52 -22.28 -25.18
CA ARG F 13 17.38 -22.67 -26.01
C ARG F 13 16.08 -22.62 -25.18
N SER F 14 14.95 -22.56 -25.87
CA SER F 14 13.67 -22.61 -25.17
C SER F 14 13.43 -24.02 -24.71
N VAL F 15 12.74 -24.18 -23.59
CA VAL F 15 12.31 -25.50 -23.15
C VAL F 15 10.92 -25.73 -23.71
N ASN F 16 10.64 -26.95 -24.15
CA ASN F 16 9.32 -27.26 -24.71
C ASN F 16 8.30 -27.57 -23.61
N SER F 17 7.78 -26.51 -22.96
CA SER F 17 7.02 -26.66 -21.71
C SER F 17 5.53 -26.94 -21.89
N ARG F 18 4.94 -26.32 -22.90
CA ARG F 18 3.50 -26.49 -23.14
C ARG F 18 2.66 -25.91 -21.97
N GLU F 19 3.18 -24.88 -21.31
CA GLU F 19 2.45 -24.11 -20.30
C GLU F 19 2.28 -22.70 -20.84
N PRO F 20 1.09 -22.35 -21.36
CA PRO F 20 0.88 -20.98 -21.86
C PRO F 20 1.21 -19.86 -20.87
N SER F 21 1.75 -18.75 -21.39
CA SER F 21 2.05 -17.56 -20.60
C SER F 21 1.86 -16.32 -21.47
N GLN F 22 1.03 -15.37 -21.04
CA GLN F 22 0.74 -14.17 -21.82
C GLN F 22 1.65 -13.04 -21.41
N VAL F 23 2.12 -12.30 -22.40
CA VAL F 23 3.14 -11.27 -22.19
C VAL F 23 2.70 -9.99 -22.91
N ILE F 24 3.03 -8.84 -22.31
CA ILE F 24 2.96 -7.57 -23.01
C ILE F 24 4.38 -7.13 -23.40
N PHE F 25 4.63 -7.06 -24.69
CA PHE F 25 5.89 -6.50 -25.22
C PHE F 25 5.64 -5.01 -25.34
N CAS F 26 6.32 -4.22 -24.52
CA CAS F 26 6.12 -2.77 -24.48
CB CAS F 26 5.75 -2.38 -23.05
C CAS F 26 7.41 -2.10 -24.87
O CAS F 26 8.38 -2.15 -24.11
SG CAS F 26 5.50 -0.63 -22.89
AS CAS F 26 3.53 -0.28 -23.87
CE1 CAS F 26 3.86 1.09 -25.26
CE2 CAS F 26 2.27 0.52 -22.58
N ASN F 27 7.42 -1.45 -26.04
CA ASN F 27 8.63 -0.77 -26.55
C ASN F 27 8.78 0.65 -26.02
N ARG F 28 9.55 0.81 -24.94
CA ARG F 28 9.84 2.16 -24.41
C ARG F 28 11.21 2.66 -24.85
N SER F 29 11.49 2.54 -26.15
CA SER F 29 12.73 2.99 -26.73
C SER F 29 12.40 3.81 -27.97
N PRO F 30 13.36 4.61 -28.44
CA PRO F 30 13.17 5.35 -29.71
C PRO F 30 13.43 4.51 -30.97
N ARG F 31 13.78 3.24 -30.81
CA ARG F 31 14.15 2.36 -31.92
C ARG F 31 12.97 1.47 -32.37
N VAL F 32 12.99 1.09 -33.65
CA VAL F 32 12.14 -0.01 -34.15
C VAL F 32 12.71 -1.27 -33.54
N VAL F 33 11.88 -2.05 -32.85
CA VAL F 33 12.33 -3.23 -32.10
C VAL F 33 12.07 -4.55 -32.86
N LEU F 34 13.10 -5.40 -32.93
CA LEU F 34 12.95 -6.77 -33.45
C LEU F 34 12.98 -7.75 -32.28
N PRO F 35 11.84 -8.37 -31.96
CA PRO F 35 11.87 -9.45 -30.99
C PRO F 35 12.51 -10.70 -31.59
N VAL F 36 13.29 -11.45 -30.80
CA VAL F 36 13.91 -12.69 -31.26
C VAL F 36 13.69 -13.85 -30.28
N TRP F 37 13.04 -14.92 -30.73
CA TRP F 37 12.79 -16.12 -29.90
C TRP F 37 13.86 -17.17 -30.19
N LEU F 38 14.43 -17.77 -29.16
CA LEU F 38 15.35 -18.88 -29.38
C LEU F 38 14.56 -20.21 -29.44
N ASN F 39 14.64 -20.93 -30.55
CA ASN F 39 13.83 -22.11 -30.70
C ASN F 39 14.44 -23.29 -29.94
N PHE F 40 13.86 -24.48 -30.14
CA PHE F 40 14.26 -25.65 -29.37
C PHE F 40 15.63 -26.21 -29.76
N ASP F 41 16.16 -25.77 -30.91
CA ASP F 41 17.56 -26.03 -31.30
C ASP F 41 18.50 -24.87 -30.98
N GLY F 42 18.01 -23.81 -30.35
CA GLY F 42 18.86 -22.63 -30.09
C GLY F 42 19.13 -21.69 -31.26
N GLU F 43 18.42 -21.89 -32.38
CA GLU F 43 18.48 -20.93 -33.50
C GLU F 43 17.59 -19.71 -33.25
N PRO F 44 18.10 -18.49 -33.53
CA PRO F 44 17.25 -17.31 -33.36
C PRO F 44 16.14 -17.25 -34.40
N GLN F 45 14.89 -17.11 -33.96
CA GLN F 45 13.76 -16.91 -34.88
C GLN F 45 13.23 -15.47 -34.72
N PRO F 46 13.29 -14.68 -35.79
CA PRO F 46 12.79 -13.30 -35.69
C PRO F 46 11.26 -13.22 -35.77
N TYR F 47 10.66 -12.31 -35.01
CA TYR F 47 9.21 -12.05 -35.01
C TYR F 47 8.89 -10.62 -35.51
N PRO F 48 7.60 -10.30 -35.69
CA PRO F 48 7.18 -8.97 -36.21
C PRO F 48 7.70 -7.76 -35.41
N THR F 49 8.04 -6.67 -36.09
CA THR F 49 8.63 -5.51 -35.42
C THR F 49 7.62 -4.68 -34.61
N LEU F 50 8.14 -3.88 -33.67
CA LEU F 50 7.34 -2.89 -32.94
C LEU F 50 7.92 -1.49 -33.15
N PRO F 51 7.10 -0.54 -33.66
CA PRO F 51 7.60 0.82 -33.73
C PRO F 51 7.79 1.38 -32.33
N PRO F 52 8.49 2.53 -32.22
CA PRO F 52 8.74 3.19 -30.94
C PRO F 52 7.48 3.51 -30.17
N GLY F 53 7.44 3.15 -28.91
CA GLY F 53 6.35 3.59 -28.03
C GLY F 53 5.07 2.82 -28.19
N THR F 54 5.12 1.65 -28.82
CA THR F 54 3.93 0.82 -29.00
C THR F 54 4.03 -0.50 -28.21
N GLY F 55 2.89 -1.19 -28.12
CA GLY F 55 2.73 -2.39 -27.33
C GLY F 55 1.88 -3.45 -28.01
N ARG F 56 2.11 -4.70 -27.65
CA ARG F 56 1.44 -5.84 -28.24
C ARG F 56 1.30 -6.94 -27.17
N ARG F 57 0.07 -7.45 -27.01
CA ARG F 57 -0.19 -8.61 -26.15
C ARG F 57 0.05 -9.88 -26.98
N ILE F 58 1.01 -10.70 -26.56
CA ILE F 58 1.39 -11.90 -27.30
C ILE F 58 1.28 -13.20 -26.48
N HIS F 59 1.15 -14.33 -27.18
CA HIS F 59 1.03 -15.66 -26.55
C HIS F 59 2.35 -16.41 -26.62
N SER F 60 2.86 -16.81 -25.46
CA SER F 60 4.14 -17.52 -25.39
C SER F 60 4.03 -18.65 -24.39
N TYR F 61 5.17 -19.11 -23.87
CA TYR F 61 5.21 -20.25 -22.93
C TYR F 61 6.27 -20.11 -21.86
N ARG F 62 6.02 -20.76 -20.72
CA ARG F 62 6.98 -20.74 -19.61
C ARG F 62 8.28 -21.42 -20.01
N GLY F 63 9.41 -20.81 -19.66
CA GLY F 63 10.74 -21.33 -19.99
C GLY F 63 11.25 -21.02 -21.40
N HIS F 64 10.51 -20.24 -22.18
CA HIS F 64 10.97 -19.82 -23.52
C HIS F 64 11.82 -18.55 -23.43
N LEU F 65 12.88 -18.45 -24.24
CA LEU F 65 13.86 -17.36 -24.18
C LEU F 65 13.69 -16.36 -25.31
N TRP F 66 13.66 -15.07 -24.94
CA TRP F 66 13.54 -13.97 -25.90
C TRP F 66 14.64 -12.94 -25.69
N LEU F 67 15.09 -12.32 -26.78
CA LEU F 67 15.92 -11.12 -26.66
C LEU F 67 15.43 -10.10 -27.65
N PHE F 68 15.91 -8.87 -27.56
CA PHE F 68 15.38 -7.76 -28.33
C PHE F 68 16.49 -6.88 -28.92
N ARG F 69 16.32 -6.48 -30.19
CA ARG F 69 17.30 -5.66 -30.91
C ARG F 69 16.66 -4.54 -31.72
N ASP F 70 17.48 -3.56 -32.07
CA ASP F 70 17.14 -2.58 -33.10
C ASP F 70 17.03 -3.33 -34.41
N ALA F 71 15.88 -3.20 -35.09
CA ALA F 71 15.59 -3.98 -36.30
C ALA F 71 16.40 -3.58 -37.53
N GLY F 72 16.96 -2.37 -37.53
CA GLY F 72 17.79 -1.91 -38.65
C GLY F 72 19.28 -2.16 -38.44
N THR F 73 19.76 -1.92 -37.23
CA THR F 73 21.18 -1.98 -36.98
C THR F 73 21.62 -3.20 -36.19
N HIS F 74 20.67 -3.83 -35.50
CA HIS F 74 20.96 -4.95 -34.60
C HIS F 74 21.64 -4.56 -33.30
N ASP F 75 21.66 -3.26 -32.98
CA ASP F 75 22.14 -2.85 -31.63
C ASP F 75 21.36 -3.62 -30.55
N GLY F 76 22.03 -3.98 -29.46
CA GLY F 76 21.39 -4.65 -28.34
C GLY F 76 20.45 -3.76 -27.54
N LEU F 77 19.34 -4.33 -27.08
CA LEU F 77 18.41 -3.65 -26.18
C LEU F 77 18.20 -4.44 -24.88
N LEU F 78 17.60 -3.80 -23.88
CA LEU F 78 17.32 -4.40 -22.60
C LEU F 78 15.82 -4.67 -22.47
N VAL F 79 15.50 -5.74 -21.74
CA VAL F 79 14.14 -6.13 -21.41
C VAL F 79 14.16 -6.35 -19.88
N ASN F 80 13.35 -5.60 -19.17
CA ASN F 80 13.34 -5.60 -17.71
C ASN F 80 14.73 -5.51 -17.09
N GLN F 81 15.51 -4.57 -17.60
CA GLN F 81 16.85 -4.26 -17.09
C GLN F 81 17.93 -5.25 -17.49
N THR F 82 17.60 -6.31 -18.21
CA THR F 82 18.62 -7.31 -18.56
C THR F 82 18.52 -7.75 -20.02
N GLU F 83 19.35 -8.72 -20.40
CA GLU F 83 19.51 -9.18 -21.77
C GLU F 83 18.40 -10.13 -22.23
N LEU F 84 18.11 -11.15 -21.42
CA LEU F 84 17.16 -12.19 -21.79
C LEU F 84 15.86 -12.04 -21.05
N PHE F 85 14.76 -12.37 -21.72
CA PHE F 85 13.46 -12.45 -21.08
C PHE F 85 12.87 -13.86 -21.14
N VAL F 86 12.35 -14.30 -19.99
CA VAL F 86 11.76 -15.63 -19.82
C VAL F 86 10.36 -15.46 -19.23
N PRO F 87 9.31 -15.70 -20.01
CA PRO F 87 7.96 -15.60 -19.43
C PRO F 87 7.81 -16.49 -18.20
N SER F 88 7.25 -15.92 -17.15
CA SER F 88 6.98 -16.65 -15.91
C SER F 88 5.47 -16.89 -15.71
N LEU F 89 5.13 -17.53 -14.61
CA LEU F 89 3.74 -17.78 -14.25
C LEU F 89 2.86 -16.51 -14.20
N ASN F 90 1.67 -16.59 -14.81
CA ASN F 90 0.66 -15.53 -14.78
C ASN F 90 -0.20 -15.62 -13.54
N VAL F 91 -0.03 -14.68 -12.61
CA VAL F 91 -0.76 -14.73 -11.35
C VAL F 91 -2.12 -14.02 -11.49
N ASP F 92 -3.19 -14.76 -11.19
CA ASP F 92 -4.58 -14.32 -11.35
C ASP F 92 -4.93 -13.89 -12.80
N GLY F 93 -4.30 -14.55 -13.77
CA GLY F 93 -4.55 -14.27 -15.18
C GLY F 93 -3.94 -12.99 -15.74
N GLN F 94 -3.15 -12.27 -14.95
CA GLN F 94 -2.52 -11.01 -15.39
C GLN F 94 -1.27 -11.30 -16.25
N PRO F 95 -1.18 -10.66 -17.44
CA PRO F 95 -0.04 -10.92 -18.31
C PRO F 95 1.28 -10.39 -17.71
N ILE F 96 2.40 -10.97 -18.14
CA ILE F 96 3.72 -10.52 -17.69
C ILE F 96 4.09 -9.30 -18.53
N PHE F 97 4.75 -8.33 -17.91
CA PHE F 97 5.16 -7.13 -18.63
C PHE F 97 6.62 -7.24 -19.04
N ALA F 98 6.88 -7.23 -20.35
CA ALA F 98 8.26 -7.13 -20.88
C ALA F 98 8.59 -5.67 -21.29
N ASN F 99 9.34 -4.98 -20.44
CA ASN F 99 9.69 -3.58 -20.66
C ASN F 99 11.00 -3.37 -21.41
N ILE F 100 10.88 -2.99 -22.68
CA ILE F 100 12.00 -2.90 -23.58
C ILE F 100 12.51 -1.48 -23.61
N THR F 101 13.81 -1.30 -23.40
CA THR F 101 14.41 0.03 -23.30
C THR F 101 15.82 0.06 -23.86
N LEU F 102 16.34 1.27 -24.08
CA LEU F 102 17.76 1.40 -24.44
C LEU F 102 18.60 1.01 -23.22
N PRO F 103 19.76 0.38 -23.45
CA PRO F 103 20.75 0.41 -22.38
C PRO F 103 21.42 1.77 -22.30
N VAL F 104 22.17 2.00 -21.24
CA VAL F 104 23.14 3.06 -21.24
C VAL F 104 24.37 2.52 -21.93
N TYR F 105 24.48 2.76 -23.23
CA TYR F 105 25.66 2.39 -23.99
C TYR F 105 26.86 3.16 -23.48
N THR F 106 28.04 2.61 -23.74
CA THR F 106 29.28 3.32 -23.49
C THR F 106 29.36 4.45 -24.53
N LEU F 107 30.15 5.49 -24.23
CA LEU F 107 30.35 6.58 -25.17
C LEU F 107 31.01 6.07 -26.45
N LYS F 108 32.00 5.21 -26.31
CA LYS F 108 32.63 4.59 -27.48
C LYS F 108 31.62 3.89 -28.37
N GLU F 109 30.79 3.03 -27.77
CA GLU F 109 29.83 2.27 -28.58
C GLU F 109 28.78 3.16 -29.23
N ARG F 110 28.37 4.22 -28.54
CA ARG F 110 27.39 5.16 -29.06
C ARG F 110 27.98 5.94 -30.22
N CYS F 111 29.26 6.30 -30.12
CA CYS F 111 29.93 6.98 -31.24
C CYS F 111 30.05 6.06 -32.47
N LEU F 112 30.25 4.77 -32.25
CA LEU F 112 30.38 3.83 -33.36
C LEU F 112 29.04 3.71 -34.08
N GLN F 113 27.95 3.73 -33.32
CA GLN F 113 26.61 3.71 -33.92
C GLN F 113 26.39 4.86 -34.90
N VAL F 114 26.71 6.08 -34.44
CA VAL F 114 26.50 7.27 -35.25
C VAL F 114 27.37 7.25 -36.52
N VAL F 115 28.61 6.77 -36.39
CA VAL F 115 29.51 6.70 -37.54
C VAL F 115 29.06 5.63 -38.55
N ARG F 116 28.63 4.47 -38.07
CA ARG F 116 28.11 3.43 -38.96
C ARG F 116 26.89 3.90 -39.76
N SER F 117 26.01 4.66 -39.11
CA SER F 117 24.84 5.22 -39.81
C SER F 117 25.23 6.17 -40.97
N LEU F 118 26.27 6.98 -40.76
CA LEU F 118 26.67 7.98 -41.77
C LEU F 118 27.56 7.45 -42.88
N VAL F 119 28.49 6.58 -42.55
CA VAL F 119 29.51 6.10 -43.48
C VAL F 119 29.16 4.68 -43.94
N LYS F 120 29.19 4.47 -45.25
CA LYS F 120 28.94 3.14 -45.82
C LYS F 120 30.10 2.20 -45.48
N PRO F 121 29.80 0.91 -45.23
CA PRO F 121 30.87 -0.01 -44.83
C PRO F 121 32.09 -0.07 -45.77
N GLU F 122 31.88 0.17 -47.06
CA GLU F 122 32.99 0.16 -48.03
C GLU F 122 33.94 1.35 -47.86
N ASN F 123 33.52 2.35 -47.08
CA ASN F 123 34.31 3.56 -46.90
C ASN F 123 34.94 3.71 -45.51
N TYR F 124 34.70 2.76 -44.59
CA TYR F 124 35.27 2.85 -43.24
C TYR F 124 36.79 3.02 -43.32
N ARG F 125 37.42 2.21 -44.19
CA ARG F 125 38.86 2.18 -44.28
C ARG F 125 39.48 3.49 -44.83
N ARG F 126 38.66 4.43 -45.30
CA ARG F 126 39.14 5.74 -45.76
C ARG F 126 39.16 6.78 -44.65
N LEU F 127 38.57 6.44 -43.50
CA LEU F 127 38.52 7.38 -42.37
C LEU F 127 39.89 7.53 -41.72
N ASP F 128 40.26 8.75 -41.36
CA ASP F 128 41.55 9.03 -40.74
C ASP F 128 41.54 8.71 -39.23
N ILE F 129 41.63 7.42 -38.92
CA ILE F 129 41.58 6.92 -37.53
C ILE F 129 42.46 5.66 -37.43
N VAL F 130 42.86 5.30 -36.21
CA VAL F 130 43.73 4.11 -36.00
C VAL F 130 43.08 2.81 -36.45
N ARG F 131 43.92 1.87 -36.87
CA ARG F 131 43.46 0.61 -37.44
C ARG F 131 42.50 -0.17 -36.55
N SER F 132 42.67 -0.09 -35.23
CA SER F 132 41.78 -0.82 -34.33
C SER F 132 40.35 -0.23 -34.33
N LEU F 133 40.23 1.08 -34.57
CA LEU F 133 38.89 1.65 -34.75
C LEU F 133 38.20 1.17 -36.03
N TYR F 134 38.95 0.86 -37.10
CA TYR F 134 38.36 0.25 -38.31
C TYR F 134 37.72 -1.04 -37.91
N GLU F 135 38.47 -1.91 -37.25
CA GLU F 135 37.93 -3.22 -36.84
C GLU F 135 36.72 -3.08 -35.93
N ASP F 136 36.79 -2.17 -34.96
CA ASP F 136 35.66 -1.94 -34.06
C ASP F 136 34.41 -1.57 -34.87
N LEU F 137 34.56 -0.69 -35.87
CA LEU F 137 33.45 -0.35 -36.77
C LEU F 137 32.96 -1.58 -37.55
N GLU F 138 33.88 -2.36 -38.10
CA GLU F 138 33.52 -3.53 -38.89
C GLU F 138 32.88 -4.64 -38.05
N ASP F 139 33.20 -4.71 -36.77
CA ASP F 139 32.63 -5.77 -35.95
C ASP F 139 31.30 -5.27 -35.37
N HIS F 140 30.33 -5.11 -36.25
CA HIS F 140 29.07 -4.51 -35.86
C HIS F 140 28.21 -5.54 -35.15
N PRO F 141 27.29 -5.07 -34.27
CA PRO F 141 26.49 -5.96 -33.44
C PRO F 141 25.81 -7.07 -34.23
N ASN F 142 25.61 -8.20 -33.57
CA ASN F 142 25.11 -9.40 -34.21
C ASN F 142 24.66 -10.37 -33.10
N VAL F 143 23.58 -11.12 -33.36
CA VAL F 143 22.97 -11.97 -32.33
C VAL F 143 23.79 -13.24 -32.04
N GLN F 144 24.31 -13.88 -33.08
CA GLN F 144 25.13 -15.08 -32.91
C GLN F 144 26.37 -14.80 -32.04
N LYS F 145 27.00 -13.64 -32.23
CA LYS F 145 28.15 -13.21 -31.42
C LYS F 145 27.77 -13.17 -29.95
N ASP F 146 26.66 -12.52 -29.67
CA ASP F 146 26.18 -12.40 -28.30
C ASP F 146 25.74 -13.75 -27.72
N LEU F 147 25.26 -14.67 -28.57
CA LEU F 147 24.81 -15.98 -28.08
C LEU F 147 25.99 -16.83 -27.63
N GLU F 148 27.08 -16.77 -28.39
CA GLU F 148 28.34 -17.40 -27.99
C GLU F 148 28.87 -16.79 -26.70
N ARG F 149 28.80 -15.47 -26.59
CA ARG F 149 29.34 -14.76 -25.43
C ARG F 149 28.55 -15.06 -24.15
N LEU F 150 27.23 -15.02 -24.25
CA LEU F 150 26.34 -15.32 -23.11
C LEU F 150 26.50 -16.75 -22.61
N THR F 151 26.93 -17.66 -23.50
CA THR F 151 27.17 -19.06 -23.15
C THR F 151 28.51 -19.26 -22.42
N GLN F 152 29.57 -18.58 -22.89
CA GLN F 152 30.88 -18.63 -22.22
C GLN F 152 30.82 -18.16 -20.76
N GLU F 153 29.79 -17.37 -20.43
CA GLU F 153 29.48 -17.01 -19.04
C GLU F 153 28.89 -18.21 -18.28
N MET G 1 -32.62 7.22 -11.37
CA MET G 1 -32.27 7.05 -12.81
C MET G 1 -30.87 7.60 -13.07
N ASP G 2 -29.93 6.75 -13.50
CA ASP G 2 -28.59 7.19 -13.83
C ASP G 2 -28.54 7.84 -15.19
N VAL G 3 -27.60 8.76 -15.38
CA VAL G 3 -27.33 9.33 -16.69
C VAL G 3 -25.83 9.26 -16.91
N PHE G 4 -25.40 9.07 -18.15
CA PHE G 4 -24.00 8.86 -18.48
C PHE G 4 -23.46 9.98 -19.37
N LEU G 5 -22.30 10.53 -18.98
CA LEU G 5 -21.84 11.82 -19.49
C LEU G 5 -20.39 11.85 -19.98
N MET G 6 -20.12 12.68 -20.98
CA MET G 6 -18.78 13.15 -21.32
C MET G 6 -18.71 14.64 -21.03
N ILE G 7 -17.79 15.04 -20.14
CA ILE G 7 -17.56 16.44 -19.82
C ILE G 7 -16.31 16.91 -20.56
N ARG G 8 -16.49 17.88 -21.44
CA ARG G 8 -15.46 18.16 -22.45
C ARG G 8 -15.02 19.63 -22.56
N ARG G 9 -13.69 19.81 -22.50
CA ARG G 9 -13.04 21.09 -22.70
C ARG G 9 -11.75 20.89 -23.51
N HIS G 10 -11.60 21.69 -24.56
CA HIS G 10 -10.40 21.68 -25.42
C HIS G 10 -10.10 20.21 -25.83
N LYS G 11 -8.96 19.64 -25.40
CA LYS G 11 -8.61 18.27 -25.76
C LYS G 11 -8.78 17.31 -24.57
N THR G 12 -9.61 17.71 -23.61
CA THR G 12 -9.89 16.95 -22.40
C THR G 12 -11.36 16.46 -22.45
N THR G 13 -11.55 15.17 -22.18
CA THR G 13 -12.88 14.57 -22.09
C THR G 13 -12.97 13.70 -20.82
N ILE G 14 -13.81 14.08 -19.85
CA ILE G 14 -14.05 13.22 -18.69
C ILE G 14 -15.28 12.36 -18.95
N PHE G 15 -15.15 11.06 -18.71
CA PHE G 15 -16.29 10.13 -18.64
C PHE G 15 -16.71 9.95 -17.18
N THR G 16 -17.95 10.29 -16.86
CA THR G 16 -18.52 9.90 -15.56
C THR G 16 -20.05 9.81 -15.64
N ASP G 17 -20.67 9.45 -14.52
CA ASP G 17 -22.12 9.34 -14.43
C ASP G 17 -22.64 10.05 -13.19
N ALA G 18 -23.96 10.12 -13.08
CA ALA G 18 -24.67 10.80 -11.98
C ALA G 18 -26.17 10.45 -12.03
N LYS G 19 -26.95 10.96 -11.08
CA LYS G 19 -28.39 10.74 -11.03
C LYS G 19 -29.16 11.85 -11.76
N GLU G 20 -30.33 11.51 -12.28
CA GLU G 20 -31.23 12.53 -12.85
C GLU G 20 -31.56 13.63 -11.85
N SER G 21 -31.61 13.28 -10.57
CA SER G 21 -32.02 14.22 -9.52
C SER G 21 -30.88 15.11 -9.00
N SER G 22 -29.63 14.77 -9.35
CA SER G 22 -28.47 15.57 -8.91
C SER G 22 -28.38 16.91 -9.64
N THR G 23 -27.76 17.90 -8.99
CA THR G 23 -27.66 19.26 -9.51
C THR G 23 -26.37 19.53 -10.31
N VAL G 24 -26.42 20.63 -11.06
CA VAL G 24 -25.28 21.12 -11.81
C VAL G 24 -24.08 21.40 -10.89
N PHE G 25 -24.36 21.95 -9.71
CA PHE G 25 -23.32 22.27 -8.72
C PHE G 25 -22.59 21.01 -8.24
N GLU G 26 -23.34 19.93 -8.03
CA GLU G 26 -22.76 18.66 -7.55
C GLU G 26 -21.86 18.04 -8.60
N LEU G 27 -22.18 18.31 -9.86
CA LEU G 27 -21.36 17.87 -10.99
C LEU G 27 -20.09 18.73 -11.12
N LYS G 28 -20.20 20.02 -10.78
CA LYS G 28 -19.00 20.89 -10.70
C LYS G 28 -18.01 20.46 -9.62
N ARG G 29 -18.49 19.86 -8.52
CA ARG G 29 -17.61 19.31 -7.48
C ARG G 29 -16.83 18.10 -7.99
N ILE G 30 -17.48 17.28 -8.80
CA ILE G 30 -16.84 16.11 -9.38
C ILE G 30 -15.72 16.56 -10.32
N VAL G 31 -15.98 17.57 -11.14
CA VAL G 31 -14.91 18.16 -11.99
C VAL G 31 -13.73 18.64 -11.14
N GLU G 32 -14.02 19.22 -9.98
CA GLU G 32 -13.00 19.72 -9.07
C GLU G 32 -12.11 18.63 -8.48
N GLY G 33 -12.72 17.51 -8.11
CA GLY G 33 -11.98 16.34 -7.65
C GLY G 33 -10.95 15.92 -8.67
N ILE G 34 -11.32 16.04 -9.94
CA ILE G 34 -10.49 15.60 -11.06
C ILE G 34 -9.47 16.67 -11.53
N LEU G 35 -9.95 17.83 -11.95
CA LEU G 35 -9.07 18.83 -12.60
C LEU G 35 -8.57 19.95 -11.68
N LYS G 36 -8.98 19.93 -10.40
CA LYS G 36 -8.42 20.82 -9.38
C LYS G 36 -8.76 22.30 -9.61
N ARG G 37 -10.03 22.58 -9.86
CA ARG G 37 -10.54 23.94 -10.00
C ARG G 37 -11.89 24.00 -9.28
N PRO G 38 -12.13 25.07 -8.49
CA PRO G 38 -13.40 25.15 -7.75
C PRO G 38 -14.61 25.50 -8.64
N PRO G 39 -15.83 25.19 -8.18
CA PRO G 39 -17.08 25.51 -8.89
C PRO G 39 -17.14 26.94 -9.46
N ASP G 40 -16.70 27.92 -8.69
CA ASP G 40 -16.80 29.32 -9.11
C ASP G 40 -15.81 29.72 -10.24
N GLU G 41 -14.95 28.80 -10.66
CA GLU G 41 -14.08 29.02 -11.83
C GLU G 41 -14.47 28.17 -13.04
N GLN G 42 -15.64 27.53 -12.97
CA GLN G 42 -16.14 26.64 -14.03
C GLN G 42 -17.48 27.11 -14.57
N ARG G 43 -17.65 27.09 -15.89
CA ARG G 43 -18.99 27.19 -16.48
C ARG G 43 -19.31 25.86 -17.16
N LEU G 44 -20.51 25.33 -16.93
CA LEU G 44 -20.99 24.14 -17.64
C LEU G 44 -22.15 24.45 -18.59
N TYR G 45 -22.18 23.76 -19.73
CA TYR G 45 -23.05 24.05 -20.85
C TYR G 45 -23.78 22.80 -21.37
N LYS G 46 -25.06 22.97 -21.73
CA LYS G 46 -25.73 22.02 -22.62
C LYS G 46 -25.80 22.68 -23.99
N ASP G 47 -25.01 22.15 -24.93
CA ASP G 47 -24.72 22.84 -26.18
C ASP G 47 -24.33 24.30 -25.84
N ASP G 48 -25.01 25.31 -26.35
CA ASP G 48 -24.68 26.71 -26.00
C ASP G 48 -25.35 27.21 -24.72
N GLN G 49 -26.25 26.44 -24.12
CA GLN G 49 -26.99 26.95 -22.95
C GLN G 49 -26.18 26.79 -21.67
N LEU G 50 -25.84 27.92 -21.06
CA LEU G 50 -25.22 27.95 -19.74
C LEU G 50 -26.17 27.33 -18.70
N LEU G 51 -25.63 26.45 -17.86
CA LEU G 51 -26.44 25.74 -16.87
C LEU G 51 -26.38 26.38 -15.49
N ASP G 52 -27.55 26.66 -14.91
CA ASP G 52 -27.66 27.19 -13.54
C ASP G 52 -27.29 26.15 -12.49
N ASP G 53 -26.52 26.55 -11.49
CA ASP G 53 -26.09 25.65 -10.39
C ASP G 53 -27.22 24.90 -9.65
N GLY G 54 -28.35 25.55 -9.40
CA GLY G 54 -29.40 24.94 -8.57
C GLY G 54 -30.37 24.01 -9.29
N LYS G 55 -30.18 23.79 -10.59
CA LYS G 55 -31.08 22.94 -11.38
C LYS G 55 -30.62 21.49 -11.42
N THR G 56 -31.58 20.56 -11.49
CA THR G 56 -31.25 19.13 -11.66
C THR G 56 -30.88 18.84 -13.11
N LEU G 57 -30.14 17.74 -13.32
CA LEU G 57 -29.75 17.33 -14.66
C LEU G 57 -30.98 16.92 -15.48
N GLY G 58 -32.00 16.38 -14.83
CA GLY G 58 -33.24 15.98 -15.53
C GLY G 58 -34.06 17.15 -16.07
N GLU G 59 -34.14 18.22 -15.28
CA GLU G 59 -34.78 19.48 -15.72
C GLU G 59 -34.12 20.01 -16.98
N CAS G 60 -32.79 19.93 -17.01
CA CAS G 60 -31.98 20.41 -18.13
CB CAS G 60 -30.55 20.70 -17.67
C CAS G 60 -31.97 19.43 -19.27
O CAS G 60 -31.26 19.64 -20.26
SG CAS G 60 -30.48 22.00 -16.46
AS CAS G 60 -31.31 23.72 -17.61
CE1 CAS G 60 -33.18 24.03 -17.04
CE2 CAS G 60 -30.28 25.39 -17.27
N GLY G 61 -32.72 18.34 -19.16
CA GLY G 61 -32.95 17.45 -20.29
C GLY G 61 -31.94 16.34 -20.51
N PHE G 62 -31.14 16.06 -19.48
CA PHE G 62 -30.28 14.88 -19.47
C PHE G 62 -31.10 13.75 -18.87
N THR G 63 -31.53 12.80 -19.68
CA THR G 63 -32.36 11.69 -19.21
C THR G 63 -31.72 10.36 -19.53
N SER G 64 -32.17 9.34 -18.81
CA SER G 64 -31.55 8.02 -18.88
C SER G 64 -31.63 7.38 -20.26
N GLN G 65 -32.64 7.72 -21.03
CA GLN G 65 -32.75 7.18 -22.40
C GLN G 65 -31.99 8.01 -23.46
N THR G 66 -31.48 9.19 -23.10
CA THR G 66 -30.63 9.96 -24.03
C THR G 66 -29.18 9.99 -23.60
N ALA G 67 -28.92 9.98 -22.30
CA ALA G 67 -27.56 9.93 -21.80
C ALA G 67 -27.20 8.49 -21.42
N ARG G 68 -26.94 7.66 -22.43
CA ARG G 68 -26.77 6.20 -22.25
C ARG G 68 -25.30 5.78 -22.03
N PRO G 69 -25.05 4.71 -21.26
CA PRO G 69 -23.69 4.17 -21.10
C PRO G 69 -22.88 4.02 -22.41
N GLN G 70 -23.50 3.43 -23.44
CA GLN G 70 -22.83 3.21 -24.73
C GLN G 70 -22.87 4.40 -25.71
N ALA G 71 -23.54 5.47 -25.31
CA ALA G 71 -23.62 6.73 -26.08
C ALA G 71 -23.90 7.92 -25.11
N PRO G 72 -22.90 8.27 -24.29
CA PRO G 72 -23.10 9.27 -23.24
C PRO G 72 -23.38 10.64 -23.83
N ALA G 73 -24.02 11.50 -23.05
CA ALA G 73 -24.33 12.90 -23.45
C ALA G 73 -23.19 13.84 -23.06
N THR G 74 -23.00 14.87 -23.87
CA THR G 74 -21.89 15.81 -23.73
C THR G 74 -22.30 17.05 -22.93
N VAL G 75 -21.51 17.35 -21.89
CA VAL G 75 -21.62 18.61 -21.18
C VAL G 75 -20.37 19.43 -21.49
N GLY G 76 -20.55 20.69 -21.90
CA GLY G 76 -19.44 21.60 -22.21
C GLY G 76 -18.84 22.23 -20.97
N LEU G 77 -17.55 22.56 -21.03
CA LEU G 77 -16.80 23.08 -19.87
C LEU G 77 -15.87 24.23 -20.30
N ALA G 78 -15.97 25.36 -19.58
CA ALA G 78 -15.06 26.50 -19.74
C ALA G 78 -14.53 26.95 -18.37
N PHE G 79 -13.26 27.36 -18.34
CA PHE G 79 -12.58 27.82 -17.12
C PHE G 79 -12.46 29.34 -17.03
N ARG G 80 -12.40 29.84 -15.80
CA ARG G 80 -12.06 31.25 -15.58
C ARG G 80 -10.57 31.34 -15.26
N ALA G 81 -9.84 32.06 -16.11
CA ALA G 81 -8.42 32.25 -15.96
C ALA G 81 -8.24 33.68 -15.56
N ASP G 82 -7.63 33.90 -14.40
CA ASP G 82 -7.40 35.25 -13.91
C ASP G 82 -8.73 36.05 -13.85
N ASP G 83 -8.82 37.20 -14.51
CA ASP G 83 -10.00 38.07 -14.39
C ASP G 83 -11.32 37.50 -14.95
N THR G 84 -11.28 36.84 -16.12
CA THR G 84 -12.51 36.48 -16.86
C THR G 84 -12.54 35.06 -17.45
N PHE G 85 -13.74 34.61 -17.80
CA PHE G 85 -13.92 33.25 -18.37
C PHE G 85 -13.46 33.14 -19.83
N GLU G 86 -12.86 32.01 -20.17
CA GLU G 86 -12.55 31.70 -21.56
C GLU G 86 -13.85 31.31 -22.27
N ALA G 87 -13.85 31.37 -23.59
CA ALA G 87 -15.01 30.91 -24.34
C ALA G 87 -15.02 29.38 -24.40
N LEU G 88 -16.20 28.83 -24.66
CA LEU G 88 -16.42 27.40 -24.78
C LEU G 88 -15.74 26.91 -26.07
N CAS G 89 -14.68 26.10 -25.95
CA CAS G 89 -14.00 25.48 -27.12
CB CAS G 89 -12.59 26.05 -27.35
C CAS G 89 -13.92 23.99 -26.90
O CAS G 89 -13.30 23.54 -25.94
SG CAS G 89 -11.54 25.07 -28.43
AS CAS G 89 -12.51 25.63 -30.38
CE1 CAS G 89 -11.57 27.20 -31.22
CE2 CAS G 89 -12.46 24.07 -31.63
N ILE G 90 -14.54 23.21 -27.78
CA ILE G 90 -14.37 21.74 -27.74
C ILE G 90 -13.72 21.24 -29.03
N GLU G 91 -12.54 20.60 -28.92
CA GLU G 91 -11.85 20.09 -30.09
C GLU G 91 -12.46 18.76 -30.52
N PRO G 92 -12.75 18.61 -31.82
CA PRO G 92 -13.35 17.36 -32.28
C PRO G 92 -12.32 16.23 -32.36
N PHE G 93 -12.80 15.00 -32.21
CA PHE G 93 -11.97 13.82 -32.42
C PHE G 93 -11.52 13.74 -33.88
N SER G 94 -10.50 12.92 -34.13
CA SER G 94 -9.97 12.75 -35.48
C SER G 94 -11.02 12.21 -36.45
N SER G 95 -10.78 12.40 -37.74
CA SER G 95 -11.65 11.86 -38.79
C SER G 95 -11.26 10.42 -39.15
N PRO G 96 -12.25 9.53 -39.31
CA PRO G 96 -11.92 8.24 -39.89
C PRO G 96 -11.61 8.37 -41.39
N PRO G 97 -10.77 7.48 -41.92
CA PRO G 97 -10.51 7.49 -43.35
C PRO G 97 -11.73 7.01 -44.16
N GLU G 98 -11.66 7.18 -45.47
CA GLU G 98 -12.67 6.61 -46.36
C GLU G 98 -12.70 5.09 -46.18
N LEU G 99 -13.91 4.55 -46.18
CA LEU G 99 -14.11 3.11 -46.17
C LEU G 99 -13.37 2.50 -47.34
N PRO G 100 -12.54 1.48 -47.09
CA PRO G 100 -11.88 0.82 -48.20
C PRO G 100 -12.89 0.32 -49.25
N ASP G 101 -12.46 0.18 -50.50
CA ASP G 101 -13.37 -0.19 -51.59
C ASP G 101 -14.23 -1.44 -51.30
N VAL G 102 -13.72 -2.37 -50.48
CA VAL G 102 -14.46 -3.61 -50.13
C VAL G 102 -15.59 -3.48 -49.08
N MET G 103 -15.65 -2.36 -48.37
CA MET G 103 -16.65 -2.16 -47.31
C MET G 103 -17.79 -1.25 -47.78
N MET H 1 -13.05 9.40 -5.48
CA MET H 1 -12.74 8.09 -6.10
C MET H 1 -11.75 8.23 -7.26
N MET H 2 -11.00 7.17 -7.52
CA MET H 2 -9.82 7.29 -8.38
C MET H 2 -10.16 7.28 -9.86
N TYR H 3 -9.40 8.10 -10.60
CA TYR H 3 -9.48 8.21 -12.05
C TYR H 3 -8.10 7.94 -12.66
N VAL H 4 -8.06 7.64 -13.95
CA VAL H 4 -6.81 7.48 -14.68
C VAL H 4 -6.93 8.19 -16.02
N LYS H 5 -5.81 8.43 -16.68
CA LYS H 5 -5.77 9.20 -17.92
C LYS H 5 -5.27 8.35 -19.09
N LEU H 6 -6.07 8.31 -20.16
CA LEU H 6 -5.70 7.55 -21.35
C LEU H 6 -5.54 8.54 -22.50
N ILE H 7 -4.35 8.59 -23.12
CA ILE H 7 -4.09 9.60 -24.14
C ILE H 7 -3.93 8.99 -25.53
N SER H 8 -4.63 9.55 -26.51
CA SER H 8 -4.61 9.04 -27.87
C SER H 8 -3.41 9.54 -28.67
N SER H 9 -3.22 8.98 -29.86
CA SER H 9 -2.14 9.38 -30.74
C SER H 9 -2.19 10.85 -31.15
N ASP H 10 -3.40 11.38 -31.35
CA ASP H 10 -3.61 12.77 -31.78
C ASP H 10 -3.78 13.73 -30.60
N GLY H 11 -3.44 13.27 -29.39
CA GLY H 11 -3.33 14.13 -28.21
C GLY H 11 -4.58 14.39 -27.36
N HIS H 12 -5.69 13.71 -27.64
CA HIS H 12 -6.85 13.76 -26.75
C HIS H 12 -6.57 13.00 -25.46
N GLU H 13 -6.94 13.62 -24.34
CA GLU H 13 -6.81 13.01 -23.01
C GLU H 13 -8.18 12.58 -22.52
N PHE H 14 -8.35 11.27 -22.33
CA PHE H 14 -9.58 10.70 -21.78
C PHE H 14 -9.35 10.33 -20.31
N ILE H 15 -10.19 10.88 -19.42
CA ILE H 15 -10.12 10.59 -17.99
C ILE H 15 -11.33 9.72 -17.60
N VAL H 16 -11.07 8.57 -17.00
CA VAL H 16 -12.13 7.57 -16.69
C VAL H 16 -11.91 7.00 -15.29
N LYS H 17 -12.94 6.40 -14.69
CA LYS H 17 -12.78 5.75 -13.38
C LYS H 17 -11.78 4.61 -13.49
N ARG H 18 -10.95 4.45 -12.45
CA ARG H 18 -10.00 3.35 -12.37
C ARG H 18 -10.71 1.99 -12.51
N GLU H 19 -11.68 1.72 -11.64
CA GLU H 19 -12.44 0.47 -11.68
C GLU H 19 -12.90 0.13 -13.10
N HIS H 20 -13.38 1.13 -13.83
CA HIS H 20 -13.85 0.91 -15.19
C HIS H 20 -12.74 0.51 -16.16
N ALA H 21 -11.58 1.12 -16.00
CA ALA H 21 -10.46 0.85 -16.88
C ALA H 21 -9.80 -0.49 -16.58
N LEU H 22 -9.95 -0.99 -15.36
CA LEU H 22 -9.39 -2.29 -14.98
C LEU H 22 -10.12 -3.47 -15.66
N THR H 23 -11.26 -3.16 -16.28
CA THR H 23 -11.95 -4.08 -17.20
C THR H 23 -10.98 -4.69 -18.23
N SER H 24 -10.03 -3.89 -18.70
CA SER H 24 -8.98 -4.35 -19.59
C SER H 24 -7.80 -4.94 -18.79
N GLY H 25 -7.48 -6.21 -19.07
CA GLY H 25 -6.30 -6.85 -18.48
C GLY H 25 -5.01 -6.13 -18.84
N THR H 26 -4.89 -5.74 -20.11
CA THR H 26 -3.71 -5.01 -20.58
C THR H 26 -3.54 -3.68 -19.86
N ILE H 27 -4.64 -2.92 -19.72
CA ILE H 27 -4.57 -1.64 -19.00
C ILE H 27 -4.21 -1.86 -17.54
N LYS H 28 -4.86 -2.82 -16.89
CA LYS H 28 -4.54 -3.12 -15.50
C LYS H 28 -3.05 -3.39 -15.31
N ALA H 29 -2.45 -4.16 -16.22
CA ALA H 29 -1.02 -4.44 -16.19
C ALA H 29 -0.18 -3.18 -16.44
N MET H 30 -0.59 -2.34 -17.40
CA MET H 30 0.10 -1.05 -17.65
C MET H 30 0.22 -0.23 -16.38
N LEU H 31 -0.83 -0.24 -15.57
CA LEU H 31 -0.85 0.47 -14.29
C LEU H 31 -0.18 -0.33 -13.15
N SER H 32 0.73 -1.25 -13.49
CA SER H 32 1.53 -1.96 -12.50
C SER H 32 2.99 -2.10 -12.97
N GLY H 33 3.52 -1.06 -13.60
CA GLY H 33 4.93 -1.03 -14.00
C GLY H 33 5.26 -2.00 -15.09
N THR H 42 2.17 4.29 -13.12
CA THR H 42 1.72 5.64 -13.49
C THR H 42 0.19 5.68 -13.60
N ASN H 43 -0.40 6.86 -13.40
CA ASN H 43 -1.85 7.07 -13.60
C ASN H 43 -2.21 7.58 -15.00
N GLU H 44 -1.20 7.75 -15.85
CA GLU H 44 -1.37 8.09 -17.25
C GLU H 44 -0.88 6.94 -18.12
N VAL H 45 -1.51 6.75 -19.29
CA VAL H 45 -1.08 5.73 -20.25
C VAL H 45 -1.19 6.28 -21.67
N ASN H 46 -0.10 6.24 -22.41
CA ASN H 46 -0.03 6.81 -23.76
C ASN H 46 -0.23 5.74 -24.82
N PHE H 47 -1.16 5.98 -25.75
CA PHE H 47 -1.41 5.05 -26.86
C PHE H 47 -1.05 5.71 -28.19
N ARG H 48 0.25 5.74 -28.51
CA ARG H 48 0.76 6.34 -29.76
C ARG H 48 0.16 5.80 -31.08
N GLU H 49 -0.51 4.64 -31.06
CA GLU H 49 -1.14 4.13 -32.29
C GLU H 49 -2.65 4.25 -32.33
N ILE H 50 -3.29 4.67 -31.24
CA ILE H 50 -4.75 4.64 -31.19
C ILE H 50 -5.31 6.06 -31.25
N PRO H 51 -5.95 6.42 -32.38
CA PRO H 51 -6.50 7.77 -32.55
C PRO H 51 -7.78 8.01 -31.72
N SER H 52 -8.15 9.28 -31.52
CA SER H 52 -9.25 9.66 -30.63
C SER H 52 -10.61 9.10 -31.06
N HIS H 53 -10.85 9.02 -32.36
CA HIS H 53 -12.12 8.45 -32.82
C HIS H 53 -12.26 6.97 -32.51
N VAL H 54 -11.13 6.31 -32.21
CA VAL H 54 -11.12 4.91 -31.77
C VAL H 54 -11.11 4.81 -30.25
N LEU H 55 -10.26 5.60 -29.60
CA LEU H 55 -10.05 5.48 -28.16
C LEU H 55 -11.27 5.88 -27.34
N SER H 56 -12.04 6.84 -27.86
CA SER H 56 -13.22 7.34 -27.14
C SER H 56 -14.25 6.23 -27.05
N LYS H 57 -14.42 5.50 -28.14
CA LYS H 57 -15.29 4.32 -28.17
C LYS H 57 -14.85 3.23 -27.19
N VAL H 58 -13.55 3.05 -27.02
CA VAL H 58 -13.05 2.10 -26.02
C VAL H 58 -13.52 2.48 -24.61
N CYS H 59 -13.46 3.76 -24.26
CA CYS H 59 -14.01 4.25 -22.97
C CYS H 59 -15.53 4.05 -22.83
N MET H 60 -16.25 4.15 -23.93
CA MET H 60 -17.69 3.95 -23.91
C MET H 60 -17.96 2.47 -23.60
N TYR H 61 -17.20 1.56 -24.23
CA TYR H 61 -17.34 0.14 -23.93
C TYR H 61 -17.16 -0.19 -22.44
N PHE H 62 -16.18 0.45 -21.78
CA PHE H 62 -15.94 0.24 -20.34
C PHE H 62 -17.21 0.53 -19.57
N THR H 63 -17.82 1.67 -19.86
CA THR H 63 -19.04 2.10 -19.17
C THR H 63 -20.16 1.06 -19.36
N TYR H 64 -20.29 0.61 -20.61
CA TYR H 64 -21.27 -0.38 -21.02
C TYR H 64 -21.07 -1.68 -20.25
N LYS H 65 -19.84 -2.18 -20.23
CA LYS H 65 -19.56 -3.43 -19.54
C LYS H 65 -19.90 -3.45 -18.04
N VAL H 66 -19.49 -2.41 -17.31
CA VAL H 66 -19.72 -2.34 -15.87
C VAL H 66 -21.21 -2.19 -15.58
N ARG H 67 -21.91 -1.44 -16.42
CA ARG H 67 -23.34 -1.26 -16.21
C ARG H 67 -24.12 -2.58 -16.39
N TYR H 68 -23.79 -3.32 -17.45
CA TYR H 68 -24.65 -4.43 -17.86
C TYR H 68 -24.18 -5.85 -17.47
N THR H 69 -22.95 -6.00 -16.97
CA THR H 69 -22.48 -7.29 -16.45
C THR H 69 -23.26 -7.73 -15.20
N ASN H 70 -23.94 -8.88 -15.29
CA ASN H 70 -24.74 -9.40 -14.19
C ASN H 70 -25.85 -8.42 -13.79
N SER H 71 -26.78 -8.17 -14.72
CA SER H 71 -27.88 -7.22 -14.52
C SER H 71 -29.20 -7.79 -15.04
N SER H 72 -30.28 -7.50 -14.32
CA SER H 72 -31.61 -8.01 -14.65
C SER H 72 -32.21 -7.30 -15.86
N THR H 73 -31.88 -6.02 -16.02
CA THR H 73 -32.43 -5.20 -17.09
C THR H 73 -31.95 -5.66 -18.47
N GLU H 74 -32.87 -5.66 -19.43
CA GLU H 74 -32.60 -6.03 -20.81
C GLU H 74 -31.39 -5.27 -21.37
N ILE H 75 -30.51 -5.98 -22.06
CA ILE H 75 -29.22 -5.45 -22.50
C ILE H 75 -29.36 -4.98 -23.94
N PRO H 76 -28.90 -3.75 -24.24
CA PRO H 76 -29.00 -3.27 -25.61
C PRO H 76 -27.68 -3.49 -26.31
N GLU H 77 -27.69 -3.35 -27.63
CA GLU H 77 -26.50 -3.56 -28.47
C GLU H 77 -25.45 -2.47 -28.23
N PHE H 78 -24.17 -2.84 -28.28
CA PHE H 78 -23.07 -1.88 -28.32
C PHE H 78 -22.83 -1.49 -29.80
N PRO H 79 -23.05 -0.20 -30.14
CA PRO H 79 -22.99 0.24 -31.53
C PRO H 79 -21.57 0.60 -31.98
N ILE H 80 -21.27 0.32 -33.23
CA ILE H 80 -19.98 0.60 -33.84
C ILE H 80 -20.18 0.99 -35.30
N ALA H 81 -19.83 2.23 -35.64
CA ALA H 81 -19.99 2.75 -37.01
C ALA H 81 -19.05 2.04 -38.00
N PRO H 82 -19.53 1.79 -39.22
CA PRO H 82 -18.68 1.08 -40.20
C PRO H 82 -17.32 1.74 -40.44
N GLU H 83 -17.23 3.06 -40.28
CA GLU H 83 -16.00 3.77 -40.62
C GLU H 83 -14.88 3.51 -39.59
N ILE H 84 -15.25 3.14 -38.37
CA ILE H 84 -14.27 2.91 -37.31
C ILE H 84 -14.13 1.43 -36.90
N ALA H 85 -14.87 0.55 -37.56
CA ALA H 85 -14.86 -0.88 -37.24
C ALA H 85 -13.46 -1.50 -37.33
N LEU H 86 -12.79 -1.27 -38.46
CA LEU H 86 -11.46 -1.85 -38.68
C LEU H 86 -10.45 -1.48 -37.60
N GLU H 87 -10.42 -0.19 -37.29
CA GLU H 87 -9.48 0.36 -36.33
C GLU H 87 -9.81 -0.05 -34.90
N LEU H 88 -11.08 -0.16 -34.57
CA LEU H 88 -11.47 -0.57 -33.22
C LEU H 88 -11.16 -2.07 -32.99
N LEU H 89 -11.26 -2.85 -34.06
CA LEU H 89 -10.89 -4.25 -33.95
C LEU H 89 -9.43 -4.39 -33.57
N MET H 90 -8.55 -3.70 -34.32
CA MET H 90 -7.11 -3.71 -34.00
C MET H 90 -6.83 -3.31 -32.56
N ALA H 91 -7.55 -2.31 -32.07
CA ALA H 91 -7.28 -1.80 -30.74
C ALA H 91 -7.71 -2.79 -29.66
N ALA H 92 -8.84 -3.46 -29.85
CA ALA H 92 -9.36 -4.36 -28.83
C ALA H 92 -8.49 -5.64 -28.69
N ASN H 93 -7.85 -6.06 -29.78
CA ASN H 93 -6.90 -7.16 -29.69
C ASN H 93 -5.86 -6.88 -28.60
N PHE H 94 -5.16 -5.75 -28.73
CA PHE H 94 -4.04 -5.39 -27.86
C PHE H 94 -4.46 -5.12 -26.41
N LEU H 95 -5.59 -4.46 -26.21
CA LEU H 95 -6.05 -4.14 -24.86
C LEU H 95 -6.62 -5.36 -24.12
N ASP H 96 -7.09 -6.37 -24.85
CA ASP H 96 -7.88 -7.46 -24.24
C ASP H 96 -9.23 -6.92 -23.73
N CYS H 97 -9.75 -5.82 -24.33
CA CYS H 97 -11.08 -5.27 -23.97
C CYS H 97 -12.15 -6.37 -24.35
N VAL I 11 -22.80 -37.13 -25.92
CA VAL I 11 -23.02 -36.75 -24.49
C VAL I 11 -24.11 -35.66 -24.34
N LEU I 12 -23.95 -34.53 -25.03
CA LEU I 12 -25.01 -33.49 -25.07
C LEU I 12 -26.12 -33.87 -26.06
N ARG I 13 -27.19 -34.46 -25.53
CA ARG I 13 -28.37 -34.84 -26.30
C ARG I 13 -29.61 -34.72 -25.42
N SER I 14 -30.78 -34.75 -26.06
CA SER I 14 -32.05 -34.79 -25.34
C SER I 14 -32.38 -36.21 -24.87
N VAL I 15 -33.07 -36.27 -23.74
CA VAL I 15 -33.60 -37.52 -23.20
C VAL I 15 -34.99 -37.71 -23.78
N ASN I 16 -35.32 -38.92 -24.23
CA ASN I 16 -36.67 -39.20 -24.73
C ASN I 16 -37.62 -39.55 -23.57
N SER I 17 -38.01 -38.53 -22.83
CA SER I 17 -38.81 -38.68 -21.61
C SER I 17 -40.29 -38.92 -21.90
N ARG I 18 -40.79 -38.39 -23.02
CA ARG I 18 -42.22 -38.46 -23.34
C ARG I 18 -43.10 -37.78 -22.28
N GLU I 19 -42.58 -36.74 -21.65
CA GLU I 19 -43.28 -35.98 -20.62
C GLU I 19 -43.41 -34.56 -21.10
N PRO I 20 -44.61 -34.15 -21.57
CA PRO I 20 -44.76 -32.80 -22.13
C PRO I 20 -44.37 -31.71 -21.12
N SER I 21 -43.87 -30.60 -21.66
CA SER I 21 -43.52 -29.42 -20.89
C SER I 21 -43.79 -28.16 -21.74
N GLN I 22 -44.65 -27.29 -21.25
CA GLN I 22 -45.04 -26.05 -21.95
C GLN I 22 -44.09 -24.90 -21.59
N VAL I 23 -43.63 -24.20 -22.62
CA VAL I 23 -42.59 -23.20 -22.49
C VAL I 23 -42.99 -21.89 -23.19
N ILE I 24 -42.54 -20.75 -22.65
CA ILE I 24 -42.59 -19.49 -23.38
C ILE I 24 -41.19 -19.10 -23.86
N PHE I 25 -40.99 -19.05 -25.19
CA PHE I 25 -39.72 -18.54 -25.75
C PHE I 25 -39.88 -17.04 -25.90
N CAS I 26 -39.16 -16.25 -25.11
CA CAS I 26 -39.38 -14.79 -25.04
CB CAS I 26 -39.72 -14.42 -23.61
C CAS I 26 -38.13 -14.12 -25.48
O CAS I 26 -37.11 -14.22 -24.81
SG CAS I 26 -39.86 -12.66 -23.36
AS CAS I 26 -41.70 -12.15 -24.49
CE1 CAS I 26 -41.28 -10.58 -25.61
CE2 CAS I 26 -43.19 -11.75 -23.23
N ASN I 27 -38.18 -13.40 -26.60
CA ASN I 27 -36.96 -12.83 -27.21
C ASN I 27 -36.74 -11.38 -26.71
N ARG I 28 -35.95 -11.23 -25.64
CA ARG I 28 -35.57 -9.93 -25.09
C ARG I 28 -34.22 -9.48 -25.60
N SER I 29 -34.01 -9.59 -26.92
CA SER I 29 -32.78 -9.18 -27.58
C SER I 29 -33.16 -8.37 -28.81
N PRO I 30 -32.20 -7.70 -29.43
CA PRO I 30 -32.42 -7.00 -30.69
C PRO I 30 -32.08 -7.84 -31.93
N ARG I 31 -31.76 -9.12 -31.73
CA ARG I 31 -31.49 -10.06 -32.83
C ARG I 31 -32.72 -10.90 -33.23
N VAL I 32 -32.79 -11.28 -34.51
CA VAL I 32 -33.71 -12.31 -34.95
C VAL I 32 -33.16 -13.61 -34.37
N VAL I 33 -33.95 -14.33 -33.58
CA VAL I 33 -33.46 -15.50 -32.86
C VAL I 33 -33.80 -16.84 -33.56
N LEU I 34 -32.81 -17.73 -33.64
CA LEU I 34 -32.99 -19.08 -34.12
C LEU I 34 -32.92 -20.03 -32.92
N PRO I 35 -34.05 -20.62 -32.52
CA PRO I 35 -34.01 -21.69 -31.53
C PRO I 35 -33.50 -23.02 -32.13
N VAL I 36 -32.71 -23.78 -31.35
CA VAL I 36 -32.03 -24.97 -31.83
C VAL I 36 -32.23 -26.12 -30.83
N TRP I 37 -32.86 -27.20 -31.25
CA TRP I 37 -33.12 -28.36 -30.37
C TRP I 37 -32.06 -29.42 -30.59
N LEU I 38 -31.45 -29.94 -29.54
CA LEU I 38 -30.55 -31.06 -29.70
C LEU I 38 -31.40 -32.34 -29.72
N ASN I 39 -31.31 -33.11 -30.79
CA ASN I 39 -32.16 -34.28 -30.95
C ASN I 39 -31.55 -35.48 -30.19
N PHE I 40 -32.15 -36.66 -30.32
CA PHE I 40 -31.79 -37.80 -29.47
C PHE I 40 -30.40 -38.39 -29.77
N ASP I 41 -29.88 -38.09 -30.96
CA ASP I 41 -28.48 -38.35 -31.31
C ASP I 41 -27.49 -37.24 -30.99
N GLY I 42 -27.96 -36.12 -30.46
CA GLY I 42 -27.08 -34.99 -30.17
C GLY I 42 -26.91 -34.03 -31.33
N GLU I 43 -27.69 -34.25 -32.40
CA GLU I 43 -27.62 -33.41 -33.59
C GLU I 43 -28.51 -32.16 -33.49
N PRO I 44 -27.96 -30.98 -33.81
CA PRO I 44 -28.76 -29.75 -33.67
C PRO I 44 -29.87 -29.62 -34.70
N GLN I 45 -31.07 -29.24 -34.26
CA GLN I 45 -32.24 -29.12 -35.13
C GLN I 45 -32.86 -27.71 -35.07
N PRO I 46 -32.74 -26.95 -36.17
CA PRO I 46 -33.31 -25.60 -36.17
C PRO I 46 -34.85 -25.54 -36.15
N TYR I 47 -35.39 -24.58 -35.40
CA TYR I 47 -36.84 -24.34 -35.34
C TYR I 47 -37.12 -22.95 -35.94
N PRO I 48 -38.40 -22.55 -36.04
CA PRO I 48 -38.73 -21.23 -36.60
C PRO I 48 -38.19 -20.03 -35.81
N THR I 49 -37.84 -18.97 -36.54
CA THR I 49 -37.19 -17.81 -35.95
C THR I 49 -38.17 -16.88 -35.22
N LEU I 50 -37.66 -16.16 -34.22
CA LEU I 50 -38.42 -15.14 -33.48
C LEU I 50 -37.88 -13.74 -33.77
N PRO I 51 -38.73 -12.83 -34.24
CA PRO I 51 -38.26 -11.45 -34.38
C PRO I 51 -38.01 -10.79 -33.04
N PRO I 52 -37.20 -9.72 -33.01
CA PRO I 52 -36.92 -8.99 -31.78
C PRO I 52 -38.19 -8.58 -31.02
N GLY I 53 -38.16 -8.75 -29.69
CA GLY I 53 -39.24 -8.29 -28.82
C GLY I 53 -40.52 -9.11 -28.83
N THR I 54 -40.50 -10.31 -29.44
CA THR I 54 -41.68 -11.18 -29.50
C THR I 54 -41.52 -12.45 -28.67
N GLY I 55 -42.65 -13.06 -28.34
CA GLY I 55 -42.69 -14.31 -27.58
C GLY I 55 -43.70 -15.30 -28.15
N ARG I 56 -43.44 -16.60 -27.94
CA ARG I 56 -44.37 -17.67 -28.32
C ARG I 56 -44.45 -18.76 -27.28
N ARG I 57 -45.66 -19.33 -27.16
CA ARG I 57 -45.91 -20.49 -26.31
C ARG I 57 -45.79 -21.75 -27.19
N ILE I 58 -44.92 -22.65 -26.79
CA ILE I 58 -44.54 -23.80 -27.59
C ILE I 58 -44.52 -25.08 -26.73
N HIS I 59 -44.69 -26.22 -27.39
CA HIS I 59 -44.76 -27.54 -26.73
C HIS I 59 -43.43 -28.29 -26.82
N SER I 60 -42.83 -28.61 -25.67
CA SER I 60 -41.59 -29.36 -25.62
C SER I 60 -41.72 -30.52 -24.63
N TYR I 61 -40.62 -30.97 -24.06
CA TYR I 61 -40.61 -32.15 -23.20
C TYR I 61 -39.56 -32.02 -22.12
N ARG I 62 -39.81 -32.63 -20.98
CA ARG I 62 -38.86 -32.57 -19.88
C ARG I 62 -37.57 -33.29 -20.29
N GLY I 63 -36.43 -32.69 -19.95
CA GLY I 63 -35.12 -33.24 -20.30
C GLY I 63 -34.63 -32.96 -21.72
N HIS I 64 -35.37 -32.16 -22.49
CA HIS I 64 -34.90 -31.81 -23.83
C HIS I 64 -33.92 -30.60 -23.73
N LEU I 65 -32.93 -30.56 -24.60
CA LEU I 65 -31.94 -29.49 -24.57
C LEU I 65 -32.18 -28.50 -25.71
N TRP I 66 -32.10 -27.22 -25.39
CA TRP I 66 -32.19 -26.13 -26.37
C TRP I 66 -31.02 -25.17 -26.24
N LEU I 67 -30.70 -24.50 -27.34
CA LEU I 67 -29.88 -23.31 -27.27
C LEU I 67 -30.38 -22.29 -28.29
N PHE I 68 -29.80 -21.07 -28.27
CA PHE I 68 -30.33 -19.97 -29.08
C PHE I 68 -29.24 -19.14 -29.73
N ARG I 69 -29.46 -18.77 -31.00
CA ARG I 69 -28.50 -18.01 -31.81
C ARG I 69 -29.13 -16.89 -32.65
N ASP I 70 -28.29 -15.96 -33.09
CA ASP I 70 -28.68 -15.02 -34.15
C ASP I 70 -28.92 -15.82 -35.42
N ALA I 71 -30.11 -15.71 -36.00
CA ALA I 71 -30.50 -16.50 -37.17
C ALA I 71 -29.67 -16.22 -38.41
N GLY I 72 -29.12 -15.01 -38.50
CA GLY I 72 -28.33 -14.63 -39.65
C GLY I 72 -26.86 -14.96 -39.53
N THR I 73 -26.28 -14.67 -38.37
CA THR I 73 -24.83 -14.78 -38.18
C THR I 73 -24.37 -15.97 -37.34
N HIS I 74 -25.30 -16.62 -36.65
CA HIS I 74 -25.00 -17.66 -35.66
C HIS I 74 -24.25 -17.20 -34.41
N ASP I 75 -24.17 -15.88 -34.17
CA ASP I 75 -23.68 -15.38 -32.89
C ASP I 75 -24.48 -16.05 -31.76
N GLY I 76 -23.79 -16.40 -30.69
CA GLY I 76 -24.41 -17.06 -29.54
C GLY I 76 -25.14 -16.07 -28.64
N LEU I 77 -26.27 -16.54 -28.09
CA LEU I 77 -27.15 -15.73 -27.22
C LEU I 77 -27.28 -16.48 -25.89
N LEU I 78 -27.77 -15.82 -24.85
CA LEU I 78 -27.96 -16.48 -23.55
C LEU I 78 -29.43 -16.74 -23.37
N VAL I 79 -29.75 -17.74 -22.55
CA VAL I 79 -31.13 -18.07 -22.18
C VAL I 79 -31.18 -18.32 -20.68
N ASN I 80 -32.03 -17.57 -19.98
CA ASN I 80 -32.00 -17.49 -18.52
C ASN I 80 -30.58 -17.37 -17.96
N GLN I 81 -29.78 -16.50 -18.57
CA GLN I 81 -28.42 -16.17 -18.10
C GLN I 81 -27.36 -17.23 -18.33
N THR I 82 -27.68 -18.30 -19.05
CA THR I 82 -26.71 -19.38 -19.29
C THR I 82 -26.83 -19.91 -20.73
N GLU I 83 -26.13 -21.00 -21.04
CA GLU I 83 -25.96 -21.51 -22.41
C GLU I 83 -27.09 -22.42 -22.91
N LEU I 84 -27.41 -23.42 -22.10
CA LEU I 84 -28.43 -24.40 -22.42
C LEU I 84 -29.75 -24.16 -21.65
N PHE I 85 -30.89 -24.44 -22.30
CA PHE I 85 -32.19 -24.44 -21.62
C PHE I 85 -32.80 -25.85 -21.57
N VAL I 86 -33.11 -26.33 -20.37
CA VAL I 86 -33.80 -27.63 -20.21
C VAL I 86 -35.20 -27.42 -19.60
N PRO I 87 -36.27 -27.73 -20.37
CA PRO I 87 -37.60 -27.59 -19.76
C PRO I 87 -37.77 -28.49 -18.54
N SER I 88 -38.42 -27.95 -17.52
CA SER I 88 -38.72 -28.70 -16.30
C SER I 88 -40.22 -28.98 -16.19
N LEU I 89 -40.61 -29.62 -15.11
CA LEU I 89 -42.02 -29.87 -14.78
C LEU I 89 -42.86 -28.58 -14.63
N ASN I 90 -44.01 -28.54 -15.30
CA ASN I 90 -45.00 -27.46 -15.10
C ASN I 90 -45.79 -27.63 -13.80
N VAL I 91 -45.66 -26.67 -12.90
CA VAL I 91 -46.43 -26.68 -11.67
C VAL I 91 -47.71 -25.85 -11.81
N ASP I 92 -48.85 -26.50 -11.60
CA ASP I 92 -50.17 -25.86 -11.57
C ASP I 92 -50.53 -25.11 -12.87
N GLY I 93 -50.18 -25.69 -14.01
CA GLY I 93 -50.48 -25.10 -15.32
C GLY I 93 -49.60 -23.94 -15.76
N GLN I 94 -48.58 -23.58 -14.98
CA GLN I 94 -47.70 -22.47 -15.37
C GLN I 94 -46.64 -22.96 -16.35
N PRO I 95 -46.49 -22.24 -17.48
CA PRO I 95 -45.43 -22.59 -18.41
C PRO I 95 -44.08 -22.11 -17.90
N ILE I 96 -43.00 -22.69 -18.42
CA ILE I 96 -41.66 -22.32 -18.00
C ILE I 96 -41.21 -21.20 -18.90
N PHE I 97 -40.54 -20.20 -18.35
CA PHE I 97 -40.08 -19.08 -19.15
C PHE I 97 -38.66 -19.29 -19.62
N ALA I 98 -38.46 -19.17 -20.93
CA ALA I 98 -37.12 -19.14 -21.54
C ALA I 98 -36.80 -17.71 -22.03
N ASN I 99 -36.15 -16.93 -21.19
CA ASN I 99 -35.77 -15.54 -21.50
C ASN I 99 -34.46 -15.43 -22.29
N ILE I 100 -34.55 -14.97 -23.53
CA ILE I 100 -33.42 -14.90 -24.44
C ILE I 100 -32.86 -13.47 -24.53
N THR I 101 -31.56 -13.31 -24.23
CA THR I 101 -30.90 -11.99 -24.15
C THR I 101 -29.55 -11.96 -24.86
N LEU I 102 -29.08 -10.74 -25.15
CA LEU I 102 -27.70 -10.55 -25.57
C LEU I 102 -26.79 -10.81 -24.40
N PRO I 103 -25.64 -11.46 -24.65
CA PRO I 103 -24.57 -11.44 -23.64
C PRO I 103 -23.83 -10.11 -23.65
N VAL I 104 -22.95 -9.90 -22.68
CA VAL I 104 -22.01 -8.81 -22.80
C VAL I 104 -20.82 -9.34 -23.58
N TYR I 105 -20.81 -9.13 -24.89
CA TYR I 105 -19.68 -9.58 -25.69
C TYR I 105 -18.42 -8.84 -25.30
N THR I 106 -17.26 -9.47 -25.51
CA THR I 106 -16.01 -8.72 -25.45
C THR I 106 -16.07 -7.71 -26.60
N LEU I 107 -15.34 -6.60 -26.47
CA LEU I 107 -15.23 -5.60 -27.53
C LEU I 107 -14.62 -6.20 -28.78
N LYS I 108 -13.66 -7.09 -28.59
CA LYS I 108 -13.04 -7.79 -29.71
C LYS I 108 -14.07 -8.56 -30.55
N GLU I 109 -14.88 -9.37 -29.88
CA GLU I 109 -15.84 -10.22 -30.57
C GLU I 109 -16.92 -9.36 -31.25
N ARG I 110 -17.37 -8.32 -30.55
CA ARG I 110 -18.29 -7.38 -31.15
C ARG I 110 -17.71 -6.73 -32.40
N CYS I 111 -16.48 -6.23 -32.33
CA CYS I 111 -15.82 -5.71 -33.52
C CYS I 111 -15.76 -6.73 -34.66
N LEU I 112 -15.44 -7.98 -34.33
CA LEU I 112 -15.39 -9.05 -35.34
C LEU I 112 -16.72 -9.19 -36.06
N GLN I 113 -17.81 -9.07 -35.30
CA GLN I 113 -19.15 -9.20 -35.83
C GLN I 113 -19.46 -8.13 -36.88
N VAL I 114 -19.03 -6.91 -36.61
CA VAL I 114 -19.35 -5.79 -37.47
C VAL I 114 -18.58 -5.88 -38.79
N VAL I 115 -17.33 -6.37 -38.72
CA VAL I 115 -16.47 -6.44 -39.90
C VAL I 115 -16.95 -7.57 -40.82
N ARG I 116 -17.33 -8.71 -40.24
CA ARG I 116 -17.95 -9.80 -41.01
C ARG I 116 -19.18 -9.34 -41.79
N SER I 117 -20.02 -8.52 -41.16
CA SER I 117 -21.22 -7.97 -41.79
C SER I 117 -20.94 -6.97 -42.93
N LEU I 118 -19.77 -6.32 -42.92
CA LEU I 118 -19.44 -5.31 -43.93
C LEU I 118 -18.63 -5.85 -45.10
N VAL I 119 -17.86 -6.93 -44.87
CA VAL I 119 -16.94 -7.47 -45.85
C VAL I 119 -17.37 -8.88 -46.28
N LYS I 120 -17.27 -9.17 -47.57
CA LYS I 120 -17.56 -10.52 -48.08
C LYS I 120 -16.35 -11.41 -47.85
N PRO I 121 -16.56 -12.70 -47.53
CA PRO I 121 -15.44 -13.56 -47.13
C PRO I 121 -14.34 -13.80 -48.18
N GLU I 122 -14.52 -13.31 -49.40
CA GLU I 122 -13.51 -13.39 -50.46
C GLU I 122 -12.56 -12.20 -50.41
N ASN I 123 -12.95 -11.15 -49.67
CA ASN I 123 -12.13 -9.94 -49.54
C ASN I 123 -11.63 -9.70 -48.12
N TYR I 124 -11.68 -10.73 -47.25
CA TYR I 124 -11.08 -10.63 -45.93
C TYR I 124 -9.57 -10.43 -46.06
N ARG I 125 -8.98 -11.03 -47.09
CA ARG I 125 -7.56 -10.90 -47.40
C ARG I 125 -7.20 -9.54 -48.01
N ARG I 126 -8.10 -8.97 -48.82
CA ARG I 126 -7.90 -7.65 -49.41
C ARG I 126 -7.92 -6.50 -48.37
N LEU I 127 -8.31 -6.78 -47.12
CA LEU I 127 -8.26 -5.79 -46.03
C LEU I 127 -6.85 -5.47 -45.57
N ASP I 128 -6.60 -4.20 -45.28
CA ASP I 128 -5.31 -3.74 -44.77
C ASP I 128 -5.26 -3.91 -43.25
N ILE I 129 -4.88 -5.11 -42.83
CA ILE I 129 -4.90 -5.52 -41.42
C ILE I 129 -3.95 -6.68 -41.29
N VAL I 130 -3.54 -6.99 -40.07
CA VAL I 130 -2.68 -8.18 -39.84
C VAL I 130 -3.42 -9.48 -40.25
N ARG I 131 -2.67 -10.46 -40.76
CA ARG I 131 -3.28 -11.67 -41.31
C ARG I 131 -3.94 -12.59 -40.26
N SER I 132 -3.39 -12.66 -39.04
CA SER I 132 -4.04 -13.40 -37.94
C SER I 132 -5.52 -12.97 -37.76
N LEU I 133 -5.75 -11.68 -37.80
CA LEU I 133 -7.11 -11.17 -37.83
C LEU I 133 -7.81 -11.70 -39.07
N TYR I 134 -7.09 -11.99 -40.15
CA TYR I 134 -7.74 -12.69 -41.26
C TYR I 134 -8.27 -14.03 -40.75
N GLU I 135 -7.54 -14.66 -39.83
CA GLU I 135 -7.97 -15.93 -39.23
C GLU I 135 -9.17 -15.76 -38.34
N ASP I 136 -9.07 -14.83 -37.38
CA ASP I 136 -10.10 -14.68 -36.35
C ASP I 136 -11.42 -14.42 -37.04
N LEU I 137 -11.36 -13.74 -38.18
CA LEU I 137 -12.53 -13.45 -39.00
C LEU I 137 -13.17 -14.65 -39.73
N GLU I 138 -12.36 -15.66 -40.02
CA GLU I 138 -12.84 -16.89 -40.66
C GLU I 138 -13.46 -17.87 -39.68
N ASP I 139 -13.04 -17.82 -38.42
CA ASP I 139 -13.57 -18.70 -37.38
C ASP I 139 -14.97 -18.21 -36.95
N HIS I 140 -15.96 -18.46 -37.79
CA HIS I 140 -17.31 -17.98 -37.57
C HIS I 140 -17.94 -18.64 -36.37
N PRO I 141 -18.83 -17.92 -35.68
CA PRO I 141 -19.56 -18.62 -34.64
C PRO I 141 -20.24 -19.84 -35.23
N ASN I 142 -20.25 -20.95 -34.49
CA ASN I 142 -20.66 -22.24 -35.05
C ASN I 142 -21.22 -23.10 -33.91
N VAL I 143 -22.40 -23.67 -34.13
CA VAL I 143 -23.06 -24.46 -33.08
C VAL I 143 -22.30 -25.75 -32.75
N GLN I 144 -21.93 -26.52 -33.79
CA GLN I 144 -21.20 -27.79 -33.57
C GLN I 144 -19.91 -27.53 -32.79
N LYS I 145 -19.24 -26.42 -33.11
CA LYS I 145 -17.98 -26.09 -32.45
C LYS I 145 -18.24 -25.80 -30.98
N ASP I 146 -19.28 -25.03 -30.69
CA ASP I 146 -19.60 -24.69 -29.31
C ASP I 146 -19.94 -25.91 -28.49
N LEU I 147 -20.61 -26.88 -29.12
CA LEU I 147 -20.96 -28.10 -28.45
C LEU I 147 -19.72 -28.87 -28.05
N GLU I 148 -18.72 -28.89 -28.93
CA GLU I 148 -17.43 -29.51 -28.63
C GLU I 148 -16.82 -28.88 -27.37
N ARG I 149 -16.71 -27.54 -27.35
CA ARG I 149 -16.17 -26.81 -26.19
C ARG I 149 -16.86 -27.20 -24.87
N LEU I 150 -18.19 -27.15 -24.87
CA LEU I 150 -18.96 -27.38 -23.66
C LEU I 150 -18.67 -28.76 -23.08
N THR I 151 -18.78 -29.77 -23.95
CA THR I 151 -18.45 -31.15 -23.60
C THR I 151 -17.08 -31.30 -22.91
N GLN I 152 -16.05 -30.66 -23.46
CA GLN I 152 -14.68 -30.77 -22.93
C GLN I 152 -14.56 -30.20 -21.51
N GLU I 153 -15.16 -29.04 -21.28
CA GLU I 153 -15.16 -28.39 -19.97
C GLU I 153 -16.01 -29.17 -18.98
N MET J 1 -35.89 0.78 36.19
CA MET J 1 -35.38 0.31 34.86
C MET J 1 -33.95 0.82 34.66
N ASP J 2 -33.13 0.03 33.99
CA ASP J 2 -31.77 0.41 33.68
C ASP J 2 -31.64 1.08 32.33
N VAL J 3 -30.81 2.11 32.27
CA VAL J 3 -30.46 2.75 31.01
C VAL J 3 -28.96 2.63 30.82
N PHE J 4 -28.54 2.46 29.57
CA PHE J 4 -27.14 2.19 29.22
C PHE J 4 -26.58 3.30 28.31
N LEU J 5 -25.45 3.86 28.74
CA LEU J 5 -24.97 5.15 28.22
C LEU J 5 -23.53 5.16 27.75
N MET J 6 -23.24 6.09 26.83
CA MET J 6 -21.87 6.51 26.54
C MET J 6 -21.71 7.99 26.93
N ILE J 7 -20.84 8.28 27.89
CA ILE J 7 -20.54 9.66 28.23
C ILE J 7 -19.27 10.10 27.48
N ARG J 8 -19.42 11.04 26.54
CA ARG J 8 -18.36 11.36 25.58
C ARG J 8 -17.87 12.84 25.62
N ARG J 9 -16.55 13.01 25.59
CA ARG J 9 -15.89 14.31 25.46
C ARG J 9 -14.63 14.12 24.64
N HIS J 10 -14.47 14.93 23.61
CA HIS J 10 -13.28 14.91 22.76
C HIS J 10 -13.00 13.47 22.30
N LYS J 11 -11.90 12.85 22.75
CA LYS J 11 -11.56 11.48 22.37
C LYS J 11 -11.75 10.48 23.52
N THR J 12 -12.54 10.87 24.52
CA THR J 12 -12.80 10.09 25.70
C THR J 12 -14.25 9.59 25.62
N THR J 13 -14.44 8.30 25.97
CA THR J 13 -15.80 7.71 26.03
C THR J 13 -15.98 6.78 27.27
N ILE J 14 -16.87 7.17 28.18
CA ILE J 14 -17.17 6.35 29.35
C ILE J 14 -18.42 5.52 29.09
N PHE J 15 -18.30 4.20 29.23
CA PHE J 15 -19.45 3.30 29.20
C PHE J 15 -19.96 3.08 30.63
N THR J 16 -21.22 3.36 30.89
CA THR J 16 -21.77 3.04 32.19
C THR J 16 -23.27 2.93 32.10
N ASP J 17 -23.88 2.37 33.15
CA ASP J 17 -25.33 2.33 33.27
C ASP J 17 -25.84 3.10 34.48
N ALA J 18 -27.13 3.38 34.47
CA ALA J 18 -27.80 4.06 35.59
C ALA J 18 -29.29 3.73 35.56
N LYS J 19 -30.02 4.18 36.57
CA LYS J 19 -31.48 4.01 36.58
C LYS J 19 -32.18 5.17 35.87
N GLU J 20 -33.30 4.85 35.25
CA GLU J 20 -34.19 5.84 34.65
C GLU J 20 -34.57 6.93 35.68
N SER J 21 -34.76 6.52 36.94
CA SER J 21 -35.16 7.44 37.99
C SER J 21 -34.00 8.23 38.59
N SER J 22 -32.76 7.84 38.27
CA SER J 22 -31.60 8.55 38.82
C SER J 22 -31.44 9.92 38.15
N THR J 23 -30.62 10.79 38.74
CA THR J 23 -30.54 12.18 38.28
C THR J 23 -29.29 12.50 37.49
N VAL J 24 -29.34 13.61 36.77
CA VAL J 24 -28.20 14.19 36.07
C VAL J 24 -27.05 14.40 37.04
N PHE J 25 -27.35 14.93 38.23
CA PHE J 25 -26.30 15.14 39.22
C PHE J 25 -25.59 13.84 39.60
N GLU J 26 -26.36 12.76 39.80
CA GLU J 26 -25.76 11.46 40.18
C GLU J 26 -24.84 10.91 39.06
N LEU J 27 -25.19 11.23 37.82
CA LEU J 27 -24.33 10.92 36.67
C LEU J 27 -23.00 11.72 36.69
N LYS J 28 -23.05 12.98 37.12
CA LYS J 28 -21.84 13.79 37.33
C LYS J 28 -20.89 13.23 38.41
N ARG J 29 -21.45 12.63 39.45
CA ARG J 29 -20.63 11.95 40.46
C ARG J 29 -19.84 10.77 39.89
N ILE J 30 -20.43 10.06 38.94
CA ILE J 30 -19.77 8.98 38.24
C ILE J 30 -18.60 9.54 37.42
N VAL J 31 -18.85 10.64 36.70
CA VAL J 31 -17.80 11.28 35.94
C VAL J 31 -16.66 11.73 36.88
N GLU J 32 -17.04 12.29 38.03
CA GLU J 32 -16.08 12.75 39.04
C GLU J 32 -15.10 11.65 39.42
N GLY J 33 -15.63 10.48 39.77
CA GLY J 33 -14.82 9.34 40.19
C GLY J 33 -13.81 8.94 39.14
N ILE J 34 -14.19 9.05 37.87
CA ILE J 34 -13.36 8.56 36.78
C ILE J 34 -12.36 9.61 36.29
N LEU J 35 -12.84 10.82 36.00
CA LEU J 35 -11.99 11.84 35.37
C LEU J 35 -11.50 12.93 36.32
N LYS J 36 -11.85 12.81 37.60
CA LYS J 36 -11.33 13.64 38.69
C LYS J 36 -11.68 15.12 38.60
N ARG J 37 -12.94 15.40 38.28
CA ARG J 37 -13.46 16.76 38.22
C ARG J 37 -14.81 16.83 38.91
N PRO J 38 -15.02 17.82 39.77
CA PRO J 38 -16.27 17.92 40.51
C PRO J 38 -17.46 18.31 39.63
N PRO J 39 -18.69 17.95 40.07
CA PRO J 39 -19.92 18.30 39.37
C PRO J 39 -19.99 19.74 38.87
N ASP J 40 -19.70 20.73 39.72
CA ASP J 40 -19.83 22.13 39.31
C ASP J 40 -18.86 22.58 38.19
N GLU J 41 -17.93 21.71 37.78
CA GLU J 41 -16.99 21.99 36.68
C GLU J 41 -17.35 21.21 35.40
N GLN J 42 -18.51 20.53 35.43
CA GLN J 42 -19.01 19.74 34.29
C GLN J 42 -20.30 20.32 33.73
N ARG J 43 -20.48 20.21 32.42
CA ARG J 43 -21.80 20.36 31.81
C ARG J 43 -22.11 19.06 31.06
N LEU J 44 -23.33 18.55 31.23
CA LEU J 44 -23.81 17.35 30.51
C LEU J 44 -24.89 17.74 29.51
N TYR J 45 -24.89 17.06 28.36
CA TYR J 45 -25.75 17.41 27.22
C TYR J 45 -26.50 16.22 26.63
N LYS J 46 -27.73 16.46 26.23
CA LYS J 46 -28.41 15.56 25.32
C LYS J 46 -28.51 16.27 23.98
N ASP J 47 -27.67 15.83 23.04
CA ASP J 47 -27.43 16.54 21.79
C ASP J 47 -26.88 17.95 22.13
N ASP J 48 -27.58 19.01 21.74
CA ASP J 48 -27.14 20.36 22.06
C ASP J 48 -27.77 20.89 23.35
N GLN J 49 -28.73 20.14 23.91
CA GLN J 49 -29.51 20.61 25.04
C GLN J 49 -28.82 20.33 26.38
N LEU J 50 -28.55 21.40 27.11
CA LEU J 50 -27.94 21.33 28.44
C LEU J 50 -28.88 20.67 29.43
N LEU J 51 -28.36 19.77 30.24
CA LEU J 51 -29.18 19.05 31.21
C LEU J 51 -29.07 19.67 32.62
N ASP J 52 -30.22 19.86 33.30
CA ASP J 52 -30.23 20.37 34.68
C ASP J 52 -29.99 19.28 35.72
N ASP J 53 -29.16 19.59 36.73
CA ASP J 53 -28.80 18.64 37.79
C ASP J 53 -30.00 17.89 38.41
N GLY J 54 -31.13 18.57 38.59
CA GLY J 54 -32.27 18.03 39.34
C GLY J 54 -33.25 17.14 38.58
N LYS J 55 -33.07 17.02 37.26
CA LYS J 55 -33.98 16.23 36.44
C LYS J 55 -33.59 14.77 36.40
N THR J 56 -34.57 13.88 36.25
CA THR J 56 -34.28 12.47 36.10
C THR J 56 -33.87 12.17 34.66
N LEU J 57 -33.16 11.06 34.50
CA LEU J 57 -32.71 10.63 33.19
C LEU J 57 -33.90 10.35 32.30
N GLY J 58 -34.97 9.79 32.87
CA GLY J 58 -36.20 9.51 32.15
C GLY J 58 -36.90 10.77 31.64
N GLU J 59 -37.06 11.77 32.52
CA GLU J 59 -37.58 13.07 32.12
C GLU J 59 -36.80 13.67 30.94
N CAS J 60 -35.49 13.40 30.91
CA CAS J 60 -34.62 13.88 29.82
CB CAS J 60 -33.17 14.08 30.28
C CAS J 60 -34.61 12.95 28.63
O CAS J 60 -33.83 13.14 27.70
SG CAS J 60 -33.04 15.43 31.42
AS CAS J 60 -33.86 17.25 30.34
CE1 CAS J 60 -35.57 17.83 31.19
CE2 CAS J 60 -32.68 18.84 30.38
N GLY J 61 -35.47 11.94 28.63
CA GLY J 61 -35.66 11.10 27.47
C GLY J 61 -34.75 9.90 27.32
N PHE J 62 -33.99 9.56 28.37
CA PHE J 62 -33.17 8.36 28.35
C PHE J 62 -34.00 7.25 28.94
N THR J 63 -34.57 6.41 28.07
CA THR J 63 -35.45 5.30 28.51
C THR J 63 -34.86 3.93 28.19
N SER J 64 -35.31 2.92 28.91
CA SER J 64 -34.72 1.59 28.79
C SER J 64 -34.83 0.96 27.40
N GLN J 65 -35.87 1.32 26.65
CA GLN J 65 -36.01 0.78 25.30
C GLN J 65 -35.25 1.58 24.21
N THR J 66 -34.70 2.75 24.59
CA THR J 66 -33.87 3.54 23.67
C THR J 66 -32.38 3.48 24.04
N ALA J 67 -32.06 3.41 25.32
CA ALA J 67 -30.67 3.33 25.77
C ALA J 67 -30.31 1.88 26.13
N ARG J 68 -30.05 1.07 25.11
CA ARG J 68 -29.94 -0.38 25.24
C ARG J 68 -28.49 -0.83 25.49
N PRO J 69 -28.28 -1.96 26.19
CA PRO J 69 -26.91 -2.46 26.44
C PRO J 69 -26.08 -2.56 25.15
N GLN J 70 -26.66 -3.13 24.11
CA GLN J 70 -25.98 -3.31 22.84
C GLN J 70 -26.09 -2.13 21.88
N ALA J 71 -26.73 -1.05 22.31
CA ALA J 71 -26.87 0.18 21.51
C ALA J 71 -27.11 1.35 22.48
N PRO J 72 -26.10 1.68 23.28
CA PRO J 72 -26.26 2.69 24.36
C PRO J 72 -26.48 4.11 23.83
N ALA J 73 -27.16 4.95 24.62
CA ALA J 73 -27.45 6.35 24.21
C ALA J 73 -26.28 7.25 24.58
N THR J 74 -26.08 8.33 23.83
CA THR J 74 -24.93 9.24 24.03
C THR J 74 -25.27 10.47 24.90
N VAL J 75 -24.43 10.74 25.88
CA VAL J 75 -24.50 11.94 26.70
C VAL J 75 -23.22 12.73 26.48
N GLY J 76 -23.34 14.00 26.10
CA GLY J 76 -22.17 14.84 25.86
C GLY J 76 -21.63 15.46 27.15
N LEU J 77 -20.32 15.75 27.16
CA LEU J 77 -19.62 16.28 28.33
C LEU J 77 -18.67 17.42 27.95
N ALA J 78 -18.71 18.50 28.75
CA ALA J 78 -17.82 19.67 28.60
C ALA J 78 -17.31 20.08 29.97
N PHE J 79 -16.01 20.41 30.07
CA PHE J 79 -15.41 20.88 31.33
C PHE J 79 -15.23 22.39 31.38
N ARG J 80 -15.08 22.91 32.60
CA ARG J 80 -14.67 24.29 32.79
C ARG J 80 -13.15 24.37 32.76
N ALA J 81 -12.63 25.45 32.15
CA ALA J 81 -11.18 25.67 32.06
C ALA J 81 -10.85 27.15 32.25
N ASP J 82 -10.29 27.49 33.42
CA ASP J 82 -9.94 28.88 33.77
C ASP J 82 -11.10 29.90 33.67
N ASP J 83 -12.19 29.67 34.39
CA ASP J 83 -13.33 30.62 34.49
C ASP J 83 -14.52 30.29 33.58
N THR J 84 -14.25 29.99 32.31
CA THR J 84 -15.33 29.76 31.34
C THR J 84 -15.31 28.30 30.89
N PHE J 85 -16.47 27.78 30.51
CA PHE J 85 -16.59 26.41 30.03
C PHE J 85 -16.15 26.35 28.58
N GLU J 86 -15.44 25.30 28.22
CA GLU J 86 -15.16 24.98 26.83
C GLU J 86 -16.46 24.64 26.11
N ALA J 87 -16.44 24.71 24.79
CA ALA J 87 -17.55 24.25 23.95
C ALA J 87 -17.65 22.71 23.96
N LEU J 88 -18.84 22.21 23.68
CA LEU J 88 -19.10 20.78 23.55
C LEU J 88 -18.43 20.27 22.28
N CAS J 89 -17.54 19.28 22.42
CA CAS J 89 -16.81 18.72 21.26
CB CAS J 89 -15.46 19.40 21.13
C CAS J 89 -16.68 17.22 21.44
O CAS J 89 -16.18 16.76 22.48
SG CAS J 89 -14.31 18.46 20.19
AS CAS J 89 -14.89 19.15 18.14
CE1 CAS J 89 -13.34 19.99 17.24
CE2 CAS J 89 -15.43 17.60 17.03
N ILE J 90 -17.15 16.45 20.47
CA ILE J 90 -17.07 14.97 20.51
C ILE J 90 -16.44 14.48 19.23
N GLU J 91 -15.23 13.92 19.32
CA GLU J 91 -14.57 13.39 18.12
C GLU J 91 -15.28 12.14 17.62
N PRO J 92 -15.60 12.07 16.31
CA PRO J 92 -16.22 10.86 15.76
C PRO J 92 -15.24 9.71 15.77
N PHE J 93 -15.76 8.48 15.88
CA PHE J 93 -14.96 7.27 15.72
C PHE J 93 -14.49 7.20 14.28
N SER J 94 -13.52 6.31 14.02
CA SER J 94 -12.99 6.07 12.67
C SER J 94 -14.05 5.57 11.67
N SER J 95 -13.75 5.73 10.40
CA SER J 95 -14.63 5.27 9.31
C SER J 95 -14.21 3.87 8.87
N PRO J 96 -15.19 2.97 8.74
CA PRO J 96 -14.89 1.69 8.13
C PRO J 96 -14.43 1.88 6.69
N PRO J 97 -13.64 0.92 6.18
CA PRO J 97 -13.31 0.93 4.76
C PRO J 97 -14.50 0.48 3.92
N GLU J 98 -14.40 0.60 2.60
CA GLU J 98 -15.45 0.10 1.70
C GLU J 98 -15.61 -1.41 1.88
N LEU J 99 -16.80 -1.93 1.62
CA LEU J 99 -16.97 -3.37 1.58
C LEU J 99 -16.11 -3.98 0.48
N PRO J 100 -15.40 -5.08 0.78
CA PRO J 100 -14.66 -5.76 -0.29
C PRO J 100 -15.59 -6.26 -1.40
N ASP J 101 -14.99 -6.67 -2.53
CA ASP J 101 -15.76 -7.20 -3.66
C ASP J 101 -16.80 -8.22 -3.18
N VAL J 102 -16.30 -9.26 -2.52
CA VAL J 102 -17.12 -10.41 -2.13
C VAL J 102 -18.31 -10.12 -1.20
N MET J 103 -18.22 -9.07 -0.38
CA MET J 103 -19.29 -8.75 0.58
C MET J 103 -20.31 -7.78 -0.04
N MET K 1 -16.35 1.60 42.71
CA MET K 1 -16.56 0.94 41.38
C MET K 1 -15.32 1.08 40.51
N MET K 2 -14.58 -0.01 40.33
CA MET K 2 -13.34 0.00 39.54
C MET K 2 -13.62 0.02 38.03
N TYR K 3 -12.80 0.79 37.32
CA TYR K 3 -12.86 0.92 35.87
C TYR K 3 -11.47 0.60 35.30
N VAL K 4 -11.41 0.39 33.97
CA VAL K 4 -10.15 0.29 33.25
C VAL K 4 -10.24 1.07 31.92
N LYS K 5 -9.10 1.42 31.34
CA LYS K 5 -9.07 2.16 30.08
C LYS K 5 -8.53 1.31 28.93
N LEU K 6 -9.20 1.35 27.78
CA LEU K 6 -8.77 0.65 26.56
C LEU K 6 -8.61 1.65 25.40
N ILE K 7 -7.42 1.65 24.79
CA ILE K 7 -7.06 2.68 23.83
C ILE K 7 -6.97 2.12 22.41
N SER K 8 -7.71 2.74 21.49
CA SER K 8 -7.76 2.29 20.09
C SER K 8 -6.53 2.77 19.33
N SER K 9 -6.32 2.19 18.14
CA SER K 9 -5.16 2.55 17.30
C SER K 9 -5.15 4.03 16.93
N ASP K 10 -6.35 4.60 16.76
CA ASP K 10 -6.55 6.00 16.43
C ASP K 10 -6.71 6.93 17.66
N GLY K 11 -6.37 6.44 18.86
CA GLY K 11 -6.22 7.31 20.04
C GLY K 11 -7.48 7.55 20.87
N HIS K 12 -8.59 6.89 20.52
CA HIS K 12 -9.80 6.98 21.35
C HIS K 12 -9.65 6.18 22.67
N GLU K 13 -10.05 6.81 23.75
CA GLU K 13 -9.90 6.25 25.08
C GLU K 13 -11.25 5.80 25.61
N PHE K 14 -11.43 4.49 25.75
CA PHE K 14 -12.68 3.89 26.23
C PHE K 14 -12.52 3.44 27.68
N ILE K 15 -13.40 3.91 28.56
CA ILE K 15 -13.31 3.58 29.97
C ILE K 15 -14.53 2.73 30.36
N VAL K 16 -14.29 1.50 30.82
CA VAL K 16 -15.37 0.53 31.12
C VAL K 16 -15.17 -0.11 32.50
N LYS K 17 -16.24 -0.64 33.11
CA LYS K 17 -16.10 -1.32 34.40
C LYS K 17 -15.12 -2.50 34.30
N ARG K 18 -14.31 -2.69 35.34
CA ARG K 18 -13.36 -3.81 35.38
C ARG K 18 -14.09 -5.13 35.22
N GLU K 19 -15.11 -5.33 36.04
CA GLU K 19 -15.95 -6.52 35.94
C GLU K 19 -16.27 -6.86 34.45
N HIS K 20 -16.71 -5.84 33.70
CA HIS K 20 -17.14 -6.03 32.31
C HIS K 20 -15.99 -6.43 31.38
N ALA K 21 -14.84 -5.79 31.55
CA ALA K 21 -13.67 -6.05 30.71
C ALA K 21 -13.08 -7.43 30.94
N LEU K 22 -13.21 -7.94 32.16
CA LEU K 22 -12.73 -9.28 32.50
C LEU K 22 -13.48 -10.40 31.77
N THR K 23 -14.62 -10.09 31.16
CA THR K 23 -15.28 -10.95 30.14
C THR K 23 -14.35 -11.52 29.06
N SER K 24 -13.29 -10.78 28.73
CA SER K 24 -12.29 -11.22 27.77
C SER K 24 -11.16 -11.87 28.51
N GLY K 25 -10.88 -13.14 28.20
CA GLY K 25 -9.75 -13.86 28.80
C GLY K 25 -8.43 -13.12 28.56
N THR K 26 -8.28 -12.57 27.36
CA THR K 26 -7.04 -11.92 26.99
C THR K 26 -6.83 -10.62 27.79
N ILE K 27 -7.89 -9.84 27.97
CA ILE K 27 -7.77 -8.64 28.77
C ILE K 27 -7.50 -8.98 30.23
N LYS K 28 -8.10 -10.06 30.72
CA LYS K 28 -7.86 -10.48 32.10
C LYS K 28 -6.39 -10.75 32.43
N ALA K 29 -5.70 -11.46 31.55
CA ALA K 29 -4.28 -11.75 31.75
C ALA K 29 -3.43 -10.49 31.55
N MET K 30 -3.85 -9.66 30.59
CA MET K 30 -3.12 -8.45 30.22
C MET K 30 -3.05 -7.42 31.35
N LEU K 31 -4.05 -7.44 32.23
CA LEU K 31 -4.04 -6.56 33.40
C LEU K 31 -3.19 -7.13 34.53
N SER K 32 -3.13 -8.46 34.62
CA SER K 32 -2.44 -9.14 35.73
C SER K 32 -1.05 -9.63 35.32
N THR K 42 -1.29 -2.81 36.28
CA THR K 42 -1.70 -2.07 35.09
C THR K 42 -3.22 -1.84 35.05
N ASN K 43 -3.64 -0.60 34.74
CA ASN K 43 -5.06 -0.26 34.51
C ASN K 43 -5.40 0.23 33.09
N GLU K 44 -4.42 0.24 32.19
CA GLU K 44 -4.61 0.66 30.82
C GLU K 44 -4.18 -0.44 29.87
N VAL K 45 -4.83 -0.54 28.71
CA VAL K 45 -4.36 -1.43 27.65
C VAL K 45 -4.42 -0.72 26.32
N ASN K 46 -3.33 -0.75 25.59
CA ASN K 46 -3.22 -0.12 24.29
C ASN K 46 -3.36 -1.15 23.18
N PHE K 47 -4.23 -0.90 22.20
CA PHE K 47 -4.50 -1.84 21.11
C PHE K 47 -4.15 -1.23 19.75
N ARG K 48 -2.87 -1.27 19.41
CA ARG K 48 -2.36 -0.57 18.24
C ARG K 48 -2.91 -1.00 16.87
N GLU K 49 -3.66 -2.09 16.77
CA GLU K 49 -4.27 -2.41 15.47
C GLU K 49 -5.79 -2.53 15.51
N ILE K 50 -6.42 -2.07 16.59
CA ILE K 50 -7.89 -2.08 16.66
C ILE K 50 -8.39 -0.63 16.63
N PRO K 51 -9.04 -0.22 15.53
CA PRO K 51 -9.54 1.14 15.46
C PRO K 51 -10.83 1.34 16.27
N SER K 52 -11.25 2.60 16.42
CA SER K 52 -12.32 2.98 17.34
C SER K 52 -13.70 2.46 16.92
N HIS K 53 -13.96 2.42 15.61
CA HIS K 53 -15.24 1.90 15.12
C HIS K 53 -15.42 0.42 15.43
N VAL K 54 -14.31 -0.30 15.65
CA VAL K 54 -14.32 -1.70 16.09
C VAL K 54 -14.32 -1.79 17.61
N LEU K 55 -13.36 -1.15 18.26
CA LEU K 55 -13.23 -1.24 19.73
C LEU K 55 -14.46 -0.75 20.49
N SER K 56 -15.23 0.17 19.90
CA SER K 56 -16.43 0.66 20.55
C SER K 56 -17.50 -0.42 20.59
N LYS K 57 -17.60 -1.20 19.52
CA LYS K 57 -18.50 -2.37 19.48
C LYS K 57 -18.11 -3.47 20.46
N VAL K 58 -16.82 -3.72 20.65
CA VAL K 58 -16.34 -4.68 21.66
C VAL K 58 -16.87 -4.28 23.04
N CYS K 59 -16.76 -3.01 23.39
CA CYS K 59 -17.29 -2.48 24.65
C CYS K 59 -18.81 -2.66 24.74
N MET K 60 -19.53 -2.42 23.67
CA MET K 60 -20.96 -2.68 23.71
C MET K 60 -21.25 -4.17 24.00
N TYR K 61 -20.51 -5.08 23.34
CA TYR K 61 -20.64 -6.51 23.57
C TYR K 61 -20.47 -6.86 25.04
N PHE K 62 -19.42 -6.35 25.68
CA PHE K 62 -19.23 -6.57 27.12
C PHE K 62 -20.51 -6.28 27.91
N THR K 63 -21.06 -5.08 27.71
CA THR K 63 -22.27 -4.66 28.40
C THR K 63 -23.39 -5.67 28.14
N TYR K 64 -23.58 -6.04 26.87
CA TYR K 64 -24.60 -7.02 26.47
C TYR K 64 -24.40 -8.38 27.15
N LYS K 65 -23.17 -8.87 27.15
CA LYS K 65 -22.92 -10.14 27.79
C LYS K 65 -23.23 -10.17 29.28
N VAL K 66 -22.76 -9.17 30.02
CA VAL K 66 -22.99 -9.10 31.46
C VAL K 66 -24.50 -8.95 31.79
N ARG K 67 -25.21 -8.15 31.00
CA ARG K 67 -26.64 -7.96 31.23
C ARG K 67 -27.44 -9.24 31.00
N TYR K 68 -27.17 -9.93 29.88
CA TYR K 68 -28.02 -11.07 29.46
C TYR K 68 -27.52 -12.48 29.85
N THR K 69 -26.32 -12.60 30.40
CA THR K 69 -25.86 -13.90 30.88
C THR K 69 -26.69 -14.36 32.10
N ASN K 70 -27.21 -15.59 32.02
CA ASN K 70 -28.19 -16.12 32.98
C ASN K 70 -29.18 -15.08 33.52
N SER K 71 -30.02 -14.59 32.61
CA SER K 71 -31.11 -13.68 32.96
C SER K 71 -32.46 -14.30 32.59
N SER K 72 -33.53 -13.74 33.14
CA SER K 72 -34.91 -14.24 32.91
C SER K 72 -35.53 -13.68 31.62
N THR K 73 -35.24 -12.41 31.30
CA THR K 73 -35.86 -11.72 30.16
C THR K 73 -35.30 -12.16 28.82
N GLU K 74 -36.16 -12.12 27.81
CA GLU K 74 -35.85 -12.59 26.45
C GLU K 74 -34.64 -11.86 25.89
N ILE K 75 -33.75 -12.62 25.28
CA ILE K 75 -32.46 -12.13 24.84
C ILE K 75 -32.61 -11.61 23.43
N PRO K 76 -32.22 -10.35 23.17
CA PRO K 76 -32.27 -9.87 21.79
C PRO K 76 -30.96 -10.16 21.05
N GLU K 77 -30.96 -9.92 19.75
CA GLU K 77 -29.81 -10.18 18.92
C GLU K 77 -28.77 -9.10 19.18
N PHE K 78 -27.49 -9.48 19.12
CA PHE K 78 -26.40 -8.51 19.10
C PHE K 78 -26.19 -8.07 17.64
N PRO K 79 -26.39 -6.77 17.35
CA PRO K 79 -26.35 -6.31 15.96
C PRO K 79 -24.92 -6.02 15.51
N ILE K 80 -24.62 -6.34 14.26
CA ILE K 80 -23.30 -6.12 13.69
C ILE K 80 -23.47 -5.70 12.23
N ALA K 81 -23.14 -4.43 11.91
CA ALA K 81 -23.28 -3.92 10.54
C ALA K 81 -22.25 -4.55 9.62
N PRO K 82 -22.65 -4.82 8.37
CA PRO K 82 -21.76 -5.48 7.40
C PRO K 82 -20.37 -4.87 7.26
N GLU K 83 -20.28 -3.54 7.35
CA GLU K 83 -19.02 -2.83 7.10
C GLU K 83 -17.96 -3.07 8.18
N ILE K 84 -18.37 -3.47 9.37
CA ILE K 84 -17.41 -3.70 10.43
C ILE K 84 -17.20 -5.17 10.77
N ALA K 85 -17.98 -6.06 10.16
CA ALA K 85 -17.95 -7.48 10.52
C ALA K 85 -16.57 -8.12 10.43
N LEU K 86 -15.82 -7.83 9.39
CA LEU K 86 -14.52 -8.48 9.24
C LEU K 86 -13.51 -8.11 10.34
N GLU K 87 -13.39 -6.80 10.58
CA GLU K 87 -12.45 -6.31 11.58
C GLU K 87 -12.83 -6.74 12.99
N LEU K 88 -14.13 -6.72 13.28
CA LEU K 88 -14.60 -7.18 14.56
C LEU K 88 -14.32 -8.69 14.77
N LEU K 89 -14.38 -9.49 13.70
CA LEU K 89 -14.08 -10.93 13.79
C LEU K 89 -12.64 -11.14 14.27
N MET K 90 -11.72 -10.40 13.65
CA MET K 90 -10.29 -10.40 14.04
C MET K 90 -10.06 -9.92 15.48
N ALA K 91 -10.74 -8.86 15.88
CA ALA K 91 -10.57 -8.41 17.25
C ALA K 91 -11.05 -9.49 18.23
N ALA K 92 -12.18 -10.09 17.92
CA ALA K 92 -12.77 -11.08 18.81
C ALA K 92 -11.83 -12.30 18.98
N ASN K 93 -11.23 -12.75 17.89
CA ASN K 93 -10.26 -13.84 17.98
C ASN K 93 -9.10 -13.53 18.93
N PHE K 94 -8.45 -12.39 18.73
CA PHE K 94 -7.32 -11.98 19.58
C PHE K 94 -7.75 -11.87 21.05
N LEU K 95 -8.92 -11.27 21.30
CA LEU K 95 -9.39 -11.02 22.67
C LEU K 95 -10.04 -12.22 23.41
N ASP K 96 -10.30 -13.33 22.71
CA ASP K 96 -10.93 -14.52 23.32
C ASP K 96 -12.23 -14.14 24.05
N CYS K 97 -13.16 -13.51 23.34
CA CYS K 97 -14.46 -13.17 23.90
C CYS K 97 -15.59 -13.45 22.92
N VAL L 11 -26.33 -43.93 20.62
CA VAL L 11 -26.61 -43.77 22.09
C VAL L 11 -27.62 -42.64 22.37
N LEU L 12 -27.49 -41.49 21.70
CA LEU L 12 -28.56 -40.44 21.79
C LEU L 12 -29.70 -40.72 20.81
N ARG L 13 -30.81 -41.22 21.34
CA ARG L 13 -31.98 -41.57 20.52
C ARG L 13 -33.24 -41.47 21.35
N SER L 14 -34.40 -41.42 20.70
CA SER L 14 -35.66 -41.47 21.41
C SER L 14 -35.93 -42.90 21.89
N VAL L 15 -36.61 -42.99 23.02
CA VAL L 15 -37.13 -44.27 23.51
C VAL L 15 -38.56 -44.46 23.02
N ASN L 16 -38.88 -45.65 22.55
CA ASN L 16 -40.24 -45.92 22.07
C ASN L 16 -41.23 -46.27 23.21
N SER L 17 -41.59 -45.25 23.99
CA SER L 17 -42.44 -45.40 25.19
C SER L 17 -43.89 -45.66 24.84
N ARG L 18 -44.38 -44.98 23.81
CA ARG L 18 -45.79 -45.04 23.45
C ARG L 18 -46.69 -44.32 24.46
N GLU L 19 -46.13 -43.61 25.40
CA GLU L 19 -46.93 -42.82 26.34
C GLU L 19 -46.99 -41.34 25.89
N PRO L 20 -48.17 -40.86 25.47
CA PRO L 20 -48.24 -39.49 24.93
C PRO L 20 -47.89 -38.41 25.94
N SER L 21 -47.38 -37.30 25.42
CA SER L 21 -47.09 -36.09 26.19
C SER L 21 -47.40 -34.89 25.28
N GLN L 22 -48.26 -34.00 25.76
CA GLN L 22 -48.60 -32.74 25.06
C GLN L 22 -47.64 -31.62 25.46
N VAL L 23 -47.11 -30.93 24.45
CA VAL L 23 -46.05 -29.93 24.65
C VAL L 23 -46.44 -28.63 23.96
N ILE L 24 -46.00 -27.49 24.50
CA ILE L 24 -46.01 -26.22 23.75
C ILE L 24 -44.58 -25.87 23.27
N PHE L 25 -44.38 -25.77 21.98
CA PHE L 25 -43.11 -25.26 21.46
C PHE L 25 -43.35 -23.77 21.36
N CAS L 26 -42.57 -22.97 22.09
CA CAS L 26 -42.75 -21.51 22.15
CB CAS L 26 -43.14 -21.19 23.59
C CAS L 26 -41.47 -20.79 21.73
O CAS L 26 -40.45 -20.85 22.41
SG CAS L 26 -43.22 -19.44 23.87
AS CAS L 26 -44.97 -18.82 22.67
CE1 CAS L 26 -46.59 -18.88 23.81
CE2 CAS L 26 -44.80 -16.91 22.20
N ASN L 27 -41.48 -20.14 20.58
CA ASN L 27 -40.29 -19.50 20.05
C ASN L 27 -40.13 -18.06 20.60
N ARG L 28 -39.26 -17.90 21.60
CA ARG L 28 -38.96 -16.59 22.16
C ARG L 28 -37.60 -16.15 21.66
N SER L 29 -37.39 -16.24 20.35
CA SER L 29 -36.15 -15.82 19.73
C SER L 29 -36.52 -14.99 18.51
N PRO L 30 -35.55 -14.25 17.96
CA PRO L 30 -35.72 -13.54 16.70
C PRO L 30 -35.51 -14.40 15.45
N ARG L 31 -35.14 -15.68 15.61
CA ARG L 31 -34.85 -16.55 14.44
C ARG L 31 -36.07 -17.40 14.03
N VAL L 32 -36.13 -17.80 12.77
CA VAL L 32 -37.07 -18.83 12.32
C VAL L 32 -36.52 -20.14 12.89
N VAL L 33 -37.36 -20.88 13.63
CA VAL L 33 -36.89 -22.05 14.35
C VAL L 33 -37.25 -23.37 13.65
N LEU L 34 -36.25 -24.22 13.49
CA LEU L 34 -36.41 -25.59 12.98
C LEU L 34 -36.33 -26.57 14.17
N PRO L 35 -37.47 -27.17 14.57
CA PRO L 35 -37.45 -28.27 15.52
C PRO L 35 -36.90 -29.57 14.89
N VAL L 36 -36.05 -30.29 15.64
CA VAL L 36 -35.42 -31.55 15.21
C VAL L 36 -35.69 -32.70 16.20
N TRP L 37 -36.38 -33.76 15.76
CA TRP L 37 -36.67 -34.92 16.60
C TRP L 37 -35.62 -35.99 16.35
N LEU L 38 -34.98 -36.50 17.39
CA LEU L 38 -34.08 -37.65 17.19
C LEU L 38 -34.90 -38.93 17.17
N ASN L 39 -34.78 -39.70 16.09
CA ASN L 39 -35.61 -40.89 15.92
C ASN L 39 -35.06 -42.13 16.65
N PHE L 40 -35.74 -43.27 16.55
CA PHE L 40 -35.38 -44.46 17.34
C PHE L 40 -33.98 -45.00 17.03
N ASP L 41 -33.43 -44.62 15.88
CA ASP L 41 -32.05 -44.92 15.50
C ASP L 41 -31.03 -43.82 15.80
N GLY L 42 -31.47 -42.67 16.29
CA GLY L 42 -30.57 -41.54 16.57
C GLY L 42 -30.40 -40.57 15.42
N GLU L 43 -31.18 -40.77 14.37
CA GLU L 43 -31.14 -39.92 13.17
C GLU L 43 -32.01 -38.65 13.35
N PRO L 44 -31.42 -37.46 13.09
CA PRO L 44 -32.20 -36.21 13.22
C PRO L 44 -33.28 -36.10 12.18
N GLN L 45 -34.50 -35.77 12.62
CA GLN L 45 -35.67 -35.66 11.75
C GLN L 45 -36.28 -34.25 11.84
N PRO L 46 -36.23 -33.48 10.74
CA PRO L 46 -36.78 -32.12 10.80
C PRO L 46 -38.30 -32.07 10.76
N TYR L 47 -38.88 -31.10 11.48
CA TYR L 47 -40.33 -30.89 11.61
C TYR L 47 -40.62 -29.45 11.16
N PRO L 48 -41.91 -29.09 10.97
CA PRO L 48 -42.24 -27.77 10.43
C PRO L 48 -41.70 -26.58 11.25
N THR L 49 -41.32 -25.51 10.56
CA THR L 49 -40.66 -24.35 11.20
C THR L 49 -41.65 -23.43 11.94
N LEU L 50 -41.14 -22.72 12.93
CA LEU L 50 -41.91 -21.71 13.68
C LEU L 50 -41.31 -20.32 13.48
N PRO L 51 -42.09 -19.39 12.91
CA PRO L 51 -41.63 -17.99 12.85
C PRO L 51 -41.32 -17.37 14.22
N PRO L 52 -40.51 -16.31 14.24
CA PRO L 52 -40.21 -15.60 15.49
C PRO L 52 -41.47 -15.20 16.26
N GLY L 53 -41.44 -15.33 17.57
CA GLY L 53 -42.58 -14.96 18.42
C GLY L 53 -43.84 -15.83 18.41
N THR L 54 -43.83 -16.96 17.71
CA THR L 54 -45.01 -17.83 17.65
C THR L 54 -44.88 -19.07 18.56
N GLY L 55 -46.03 -19.67 18.88
CA GLY L 55 -46.06 -20.91 19.62
C GLY L 55 -47.05 -21.90 19.01
N ARG L 56 -46.76 -23.19 19.19
CA ARG L 56 -47.68 -24.25 18.77
C ARG L 56 -47.79 -25.38 19.78
N ARG L 57 -49.01 -25.90 19.89
CA ARG L 57 -49.29 -27.06 20.74
C ARG L 57 -49.16 -28.32 19.89
N ILE L 58 -48.21 -29.19 20.26
CA ILE L 58 -47.89 -30.38 19.44
C ILE L 58 -47.98 -31.68 20.24
N HIS L 59 -48.12 -32.81 19.52
CA HIS L 59 -48.19 -34.15 20.15
C HIS L 59 -46.87 -34.92 20.09
N SER L 60 -46.37 -35.34 21.26
CA SER L 60 -45.16 -36.12 21.32
C SER L 60 -45.32 -37.28 22.34
N TYR L 61 -44.22 -37.74 22.92
CA TYR L 61 -44.24 -38.94 23.75
C TYR L 61 -43.18 -38.81 24.82
N ARG L 62 -43.42 -39.44 25.97
CA ARG L 62 -42.44 -39.47 27.05
C ARG L 62 -41.14 -40.11 26.59
N GLY L 63 -40.01 -39.53 26.99
CA GLY L 63 -38.70 -40.03 26.67
C GLY L 63 -38.22 -39.79 25.24
N HIS L 64 -38.97 -39.04 24.43
CA HIS L 64 -38.50 -38.65 23.11
C HIS L 64 -37.53 -37.46 23.23
N LEU L 65 -36.60 -37.33 22.30
CA LEU L 65 -35.59 -36.25 22.37
C LEU L 65 -35.73 -35.20 21.24
N TRP L 66 -35.66 -33.93 21.61
CA TRP L 66 -35.71 -32.82 20.62
C TRP L 66 -34.55 -31.86 20.82
N LEU L 67 -34.22 -31.15 19.75
CA LEU L 67 -33.34 -30.00 19.82
C LEU L 67 -33.82 -28.96 18.82
N PHE L 68 -33.24 -27.75 18.88
CA PHE L 68 -33.79 -26.63 18.09
C PHE L 68 -32.69 -25.78 17.49
N ARG L 69 -32.91 -25.37 16.23
CA ARG L 69 -31.91 -24.70 15.38
C ARG L 69 -32.54 -23.59 14.54
N ASP L 70 -31.70 -22.67 14.06
CA ASP L 70 -32.07 -21.69 13.04
C ASP L 70 -32.29 -22.46 11.72
N ALA L 71 -33.47 -22.28 11.13
CA ALA L 71 -33.87 -23.05 9.95
C ALA L 71 -33.09 -22.66 8.70
N GLY L 72 -32.57 -21.43 8.68
CA GLY L 72 -31.76 -20.95 7.57
C GLY L 72 -30.28 -21.31 7.68
N THR L 73 -29.68 -21.09 8.85
CA THR L 73 -28.23 -21.25 9.03
C THR L 73 -27.77 -22.45 9.87
N HIS L 74 -28.70 -23.09 10.56
CA HIS L 74 -28.43 -24.16 11.51
C HIS L 74 -27.70 -23.77 12.82
N ASP L 75 -27.60 -22.46 13.09
CA ASP L 75 -27.06 -22.02 14.38
C ASP L 75 -27.83 -22.74 15.48
N GLY L 76 -27.13 -23.12 16.54
CA GLY L 76 -27.74 -23.76 17.71
C GLY L 76 -28.55 -22.80 18.55
N LEU L 77 -29.68 -23.29 19.06
CA LEU L 77 -30.52 -22.53 19.97
C LEU L 77 -30.67 -23.29 21.31
N LEU L 78 -31.24 -22.60 22.30
CA LEU L 78 -31.46 -23.19 23.62
C LEU L 78 -32.93 -23.47 23.83
N VAL L 79 -33.24 -24.46 24.67
CA VAL L 79 -34.61 -24.85 25.00
C VAL L 79 -34.63 -25.12 26.50
N ASN L 80 -35.43 -24.31 27.21
CA ASN L 80 -35.42 -24.33 28.67
C ASN L 80 -33.99 -24.24 29.21
N GLN L 81 -33.17 -23.38 28.58
CA GLN L 81 -31.80 -23.06 29.02
C GLN L 81 -30.74 -24.12 28.77
N THR L 82 -31.11 -25.18 28.06
CA THR L 82 -30.13 -26.22 27.72
C THR L 82 -30.30 -26.75 26.28
N GLU L 83 -29.58 -27.82 25.96
CA GLU L 83 -29.41 -28.29 24.59
C GLU L 83 -30.59 -29.13 24.11
N LEU L 84 -30.93 -30.12 24.92
CA LEU L 84 -31.92 -31.13 24.59
C LEU L 84 -33.20 -30.96 25.42
N PHE L 85 -34.34 -31.26 24.80
CA PHE L 85 -35.63 -31.26 25.50
C PHE L 85 -36.27 -32.64 25.44
N VAL L 86 -36.74 -33.11 26.60
CA VAL L 86 -37.35 -34.44 26.72
C VAL L 86 -38.74 -34.28 27.31
N PRO L 87 -39.79 -34.59 26.53
CA PRO L 87 -41.13 -34.46 27.11
C PRO L 87 -41.36 -35.38 28.30
N SER L 88 -42.07 -34.88 29.29
CA SER L 88 -42.34 -35.62 30.51
C SER L 88 -43.85 -35.95 30.66
N LEU L 89 -44.21 -36.53 31.80
CA LEU L 89 -45.60 -36.85 32.13
C LEU L 89 -46.43 -35.57 32.41
N ASN L 90 -47.61 -35.47 31.81
CA ASN L 90 -48.48 -34.31 32.01
C ASN L 90 -49.15 -34.31 33.39
N VAL L 91 -49.05 -33.20 34.10
CA VAL L 91 -49.45 -33.14 35.50
C VAL L 91 -50.97 -33.11 35.69
N ASP L 92 -51.67 -32.20 35.03
CA ASP L 92 -53.11 -31.99 35.27
C ASP L 92 -53.82 -31.50 34.02
N GLY L 93 -53.72 -32.30 32.94
CA GLY L 93 -54.18 -31.88 31.62
C GLY L 93 -53.45 -30.62 31.17
N GLN L 94 -52.22 -30.47 31.67
CA GLN L 94 -51.44 -29.23 31.57
C GLN L 94 -50.22 -29.55 30.71
N PRO L 95 -50.06 -28.81 29.59
CA PRO L 95 -48.97 -29.17 28.69
C PRO L 95 -47.62 -28.75 29.26
N ILE L 96 -46.55 -29.34 28.72
CA ILE L 96 -45.17 -29.02 29.10
C ILE L 96 -44.68 -27.91 28.17
N PHE L 97 -44.11 -26.85 28.73
CA PHE L 97 -43.57 -25.74 27.94
C PHE L 97 -42.12 -25.96 27.55
N ALA L 98 -41.84 -25.89 26.26
CA ALA L 98 -40.48 -25.87 25.74
C ALA L 98 -40.16 -24.46 25.22
N ASN L 99 -39.49 -23.66 26.04
CA ASN L 99 -39.16 -22.27 25.68
C ASN L 99 -37.85 -22.20 24.94
N ILE L 100 -37.93 -21.79 23.68
CA ILE L 100 -36.80 -21.71 22.77
C ILE L 100 -36.27 -20.28 22.70
N THR L 101 -34.98 -20.09 22.96
CA THR L 101 -34.34 -18.76 23.05
C THR L 101 -32.99 -18.71 22.37
N LEU L 102 -32.58 -17.50 21.97
CA LEU L 102 -31.17 -17.23 21.62
C LEU L 102 -30.24 -17.47 22.80
N PRO L 103 -29.11 -18.15 22.57
CA PRO L 103 -28.03 -18.08 23.56
C PRO L 103 -27.30 -16.74 23.53
N VAL L 104 -26.50 -16.46 24.56
CA VAL L 104 -25.52 -15.42 24.47
C VAL L 104 -24.32 -16.00 23.74
N TYR L 105 -24.27 -15.84 22.42
CA TYR L 105 -23.10 -16.26 21.67
C TYR L 105 -21.83 -15.48 22.07
N THR L 106 -20.67 -16.11 21.86
CA THR L 106 -19.42 -15.38 21.98
C THR L 106 -19.41 -14.31 20.87
N LEU L 107 -18.69 -13.21 21.07
CA LEU L 107 -18.53 -12.21 20.02
C LEU L 107 -17.94 -12.84 18.75
N LYS L 108 -16.97 -13.74 18.92
CA LYS L 108 -16.36 -14.44 17.77
C LYS L 108 -17.38 -15.26 17.00
N GLU L 109 -18.22 -16.03 17.69
CA GLU L 109 -19.23 -16.85 17.00
C GLU L 109 -20.27 -15.98 16.29
N ARG L 110 -20.72 -14.93 16.96
CA ARG L 110 -21.65 -13.97 16.34
C ARG L 110 -21.07 -13.32 15.06
N CYS L 111 -19.82 -12.86 15.13
CA CYS L 111 -19.14 -12.33 13.96
C CYS L 111 -19.04 -13.39 12.85
N LEU L 112 -18.73 -14.64 13.19
CA LEU L 112 -18.62 -15.67 12.15
C LEU L 112 -19.96 -15.83 11.43
N GLN L 113 -21.06 -15.71 12.19
CA GLN L 113 -22.42 -15.81 11.64
C GLN L 113 -22.66 -14.76 10.59
N VAL L 114 -22.34 -13.52 10.93
CA VAL L 114 -22.63 -12.39 10.05
C VAL L 114 -21.76 -12.47 8.79
N VAL L 115 -20.49 -12.80 8.95
CA VAL L 115 -19.61 -12.93 7.79
C VAL L 115 -20.12 -14.07 6.87
N ARG L 116 -20.48 -15.23 7.44
CA ARG L 116 -21.03 -16.34 6.63
C ARG L 116 -22.22 -15.90 5.80
N SER L 117 -23.02 -14.99 6.34
CA SER L 117 -24.24 -14.52 5.68
C SER L 117 -23.96 -13.54 4.52
N LEU L 118 -22.73 -13.03 4.46
CA LEU L 118 -22.34 -12.06 3.44
C LEU L 118 -21.34 -12.60 2.40
N VAL L 119 -20.61 -13.64 2.75
CA VAL L 119 -19.55 -14.18 1.90
C VAL L 119 -19.84 -15.63 1.51
N LYS L 120 -19.71 -15.93 0.22
CA LYS L 120 -20.06 -17.27 -0.27
C LYS L 120 -18.90 -18.23 0.00
N PRO L 121 -19.23 -19.51 0.28
CA PRO L 121 -18.20 -20.41 0.84
C PRO L 121 -16.99 -20.58 -0.07
N GLU L 122 -17.21 -20.40 -1.37
CA GLU L 122 -16.12 -20.37 -2.33
C GLU L 122 -15.06 -19.31 -1.95
N ASN L 123 -15.49 -18.15 -1.45
CA ASN L 123 -14.60 -16.98 -1.29
C ASN L 123 -13.91 -16.82 0.07
N TYR L 124 -14.30 -17.59 1.08
CA TYR L 124 -13.72 -17.42 2.44
C TYR L 124 -12.20 -17.28 2.42
N ARG L 125 -11.53 -18.19 1.69
CA ARG L 125 -10.08 -18.24 1.61
C ARG L 125 -9.50 -16.96 1.00
N ARG L 126 -10.31 -16.26 0.21
CA ARG L 126 -9.94 -14.96 -0.34
C ARG L 126 -9.87 -13.81 0.71
N LEU L 127 -10.44 -14.01 1.91
CA LEU L 127 -10.44 -12.96 2.96
C LEU L 127 -9.05 -12.70 3.54
N ASP L 128 -8.77 -11.45 3.90
CA ASP L 128 -7.44 -11.11 4.40
C ASP L 128 -7.36 -11.27 5.91
N ILE L 129 -7.30 -12.50 6.38
CA ILE L 129 -7.27 -12.77 7.82
C ILE L 129 -6.35 -13.92 8.20
N VAL L 130 -6.18 -14.10 9.52
CA VAL L 130 -5.44 -15.20 10.12
C VAL L 130 -5.94 -16.57 9.63
N ARG L 131 -5.01 -17.44 9.24
CA ARG L 131 -5.38 -18.68 8.55
C ARG L 131 -6.33 -19.57 9.36
N SER L 132 -6.12 -19.64 10.67
CA SER L 132 -6.98 -20.43 11.56
C SER L 132 -8.45 -19.98 11.60
N LEU L 133 -8.73 -18.71 11.28
CA LEU L 133 -10.11 -18.25 11.14
C LEU L 133 -10.80 -18.79 9.85
N TYR L 134 -10.01 -19.20 8.86
CA TYR L 134 -10.56 -19.86 7.66
C TYR L 134 -11.24 -21.18 8.04
N GLU L 135 -10.51 -21.97 8.81
CA GLU L 135 -11.04 -23.19 9.44
C GLU L 135 -12.30 -22.87 10.28
N ASP L 136 -12.25 -21.81 11.08
CA ASP L 136 -13.39 -21.45 11.93
C ASP L 136 -14.66 -21.19 11.08
N LEU L 137 -14.52 -20.39 10.01
CA LEU L 137 -15.63 -20.09 9.08
C LEU L 137 -16.22 -21.27 8.33
N GLU L 138 -15.37 -22.22 7.89
CA GLU L 138 -15.82 -23.42 7.15
C GLU L 138 -16.45 -24.44 8.07
N ASP L 139 -16.15 -24.35 9.35
CA ASP L 139 -16.74 -25.24 10.34
C ASP L 139 -18.17 -24.74 10.64
N HIS L 140 -19.06 -24.91 9.67
CA HIS L 140 -20.48 -24.56 9.74
C HIS L 140 -21.23 -25.31 10.84
N PRO L 141 -22.18 -24.63 11.51
CA PRO L 141 -23.03 -25.36 12.47
C PRO L 141 -23.75 -26.53 11.81
N ASN L 142 -23.69 -27.69 12.46
CA ASN L 142 -24.06 -28.99 11.87
C ASN L 142 -24.63 -29.83 13.01
N VAL L 143 -25.89 -30.22 12.91
CA VAL L 143 -26.53 -31.06 13.94
C VAL L 143 -25.73 -32.35 14.20
N GLN L 144 -25.32 -33.03 13.12
CA GLN L 144 -24.63 -34.31 13.23
C GLN L 144 -23.34 -34.19 14.05
N LYS L 145 -22.57 -33.13 13.83
CA LYS L 145 -21.35 -32.88 14.61
C LYS L 145 -21.65 -32.53 16.09
N ASP L 146 -22.72 -31.80 16.33
CA ASP L 146 -23.16 -31.52 17.69
C ASP L 146 -23.62 -32.77 18.44
N LEU L 147 -24.24 -33.70 17.72
CA LEU L 147 -24.66 -34.96 18.32
C LEU L 147 -23.43 -35.79 18.70
N GLU L 148 -22.38 -35.75 17.88
CA GLU L 148 -21.14 -36.45 18.20
C GLU L 148 -20.50 -35.89 19.47
N ARG L 149 -20.54 -34.56 19.64
CA ARG L 149 -19.97 -33.92 20.82
C ARG L 149 -20.77 -34.20 22.10
N LEU L 150 -22.09 -34.06 22.04
CA LEU L 150 -22.95 -34.36 23.20
C LEU L 150 -22.77 -35.83 23.67
N THR L 151 -22.60 -36.76 22.72
CA THR L 151 -22.36 -38.18 23.04
C THR L 151 -21.02 -38.40 23.75
N GLN L 152 -19.97 -37.70 23.35
CA GLN L 152 -18.68 -37.75 24.05
C GLN L 152 -18.72 -36.86 25.30
N GLU L 153 -19.58 -37.22 26.27
CA GLU L 153 -19.82 -36.38 27.43
C GLU L 153 -20.71 -37.13 28.43
CAP 6Z3 M . 0.91 -32.97 18.72
CAQ 6Z3 M . 0.15 -31.95 19.56
CBK 6Z3 M . 0.45 -31.65 18.13
CAJ 6Z3 M . -0.61 -31.72 17.33
NAE 6Z3 M . -1.36 -31.76 16.77
CAZ 6Z3 M . 1.51 -30.62 17.76
OAG 6Z3 M . 2.58 -30.63 18.35
NAW 6Z3 M . 1.23 -29.80 16.73
CBH 6Z3 M . 2.15 -28.77 16.25
CBJ 6Z3 M . 2.48 -29.05 14.77
CAD 6Z3 M . 1.22 -29.37 13.95
CAB 6Z3 M . 3.39 -30.28 14.72
CAC 6Z3 M . 3.24 -27.86 14.13
CBA 6Z3 M . 1.44 -27.44 16.46
OAH 6Z3 M . 0.22 -27.39 16.29
N 6Z3 M . 2.16 -26.37 16.86
CD2 6Z3 M . 3.61 -26.33 17.13
CG 6Z3 M . 3.77 -25.13 18.04
OD1 6Z3 M . 3.47 -25.47 19.41
CB 6Z3 M . 2.74 -24.16 17.55
CA 6Z3 M . 1.56 -25.02 17.11
C 6Z3 M . 0.99 -24.41 15.98
O 6Z3 M . 1.53 -24.54 14.87
NAV 6Z3 M . -0.11 -23.67 16.21
CAR 6Z3 M . -0.81 -22.87 15.17
CBC 6Z3 M . -0.35 -21.52 15.09
CAK 6Z3 M . 0.34 -20.88 16.14
CAM 6Z3 M . 0.79 -19.55 16.02
CAL 6Z3 M . -0.57 -20.75 13.94
CAN 6Z3 M . -0.12 -19.43 13.83
CBD 6Z3 M . 0.56 -18.81 14.88
CBE 6Z3 M . 0.99 -17.54 14.80
SAX 6Z3 M . 2.49 -16.94 15.30
CAO 6Z3 M . 2.20 -15.39 14.86
NAU 6Z3 M . 0.96 -15.30 14.38
CBB 6Z3 M . 0.31 -16.48 14.36
CAA 6Z3 M . -1.10 -16.53 13.82
CAP 6Z3 N . 4.36 -26.37 -27.90
CAQ 6Z3 N . 3.63 -25.27 -27.14
CBK 6Z3 N . 3.92 -25.09 -28.62
CAJ 6Z3 N . 2.80 -25.11 -29.41
NAE 6Z3 N . 1.99 -25.12 -29.98
CAZ 6Z3 N . 4.98 -24.06 -29.05
OAG 6Z3 N . 6.04 -24.01 -28.46
NAW 6Z3 N . 4.64 -23.24 -30.08
CBH 6Z3 N . 5.52 -22.19 -30.60
CBJ 6Z3 N . 5.75 -22.41 -32.08
CAD 6Z3 N . 4.43 -22.51 -32.85
CAB 6Z3 N . 6.49 -23.72 -32.26
CAC 6Z3 N . 6.59 -21.28 -32.68
CBA 6Z3 N . 4.82 -20.83 -30.40
OAH 6Z3 N . 3.65 -20.70 -30.76
N 6Z3 N . 5.56 -19.83 -29.93
CD2 6Z3 N . 6.97 -19.82 -29.47
CG 6Z3 N . 7.11 -18.53 -28.67
OD1 6Z3 N . 6.80 -18.82 -27.30
CB 6Z3 N . 6.08 -17.57 -29.23
CA 6Z3 N . 4.94 -18.47 -29.69
C 6Z3 N . 4.33 -17.88 -30.81
O 6Z3 N . 4.81 -18.00 -31.93
NAV 6Z3 N . 3.25 -17.11 -30.55
CAR 6Z3 N . 2.54 -16.31 -31.60
CBC 6Z3 N . 3.02 -14.95 -31.71
CAK 6Z3 N . 3.78 -14.29 -30.70
CAM 6Z3 N . 4.25 -12.96 -30.84
CAL 6Z3 N . 2.74 -14.19 -32.85
CAN 6Z3 N . 3.19 -12.86 -32.99
CBD 6Z3 N . 3.94 -12.20 -31.98
CBE 6Z3 N . 4.38 -10.92 -32.12
SAX 6Z3 N . 5.91 -10.37 -31.65
CAO 6Z3 N . 5.66 -8.79 -32.13
NAU 6Z3 N . 4.43 -8.69 -32.63
CBB 6Z3 N . 3.74 -9.83 -32.62
CAA 6Z3 N . 2.35 -9.82 -33.18
CAP 6Z3 O . -41.59 -38.37 -28.16
CAQ 6Z3 O . -42.24 -37.30 -27.31
CBK 6Z3 O . -42.12 -37.10 -28.79
CAJ 6Z3 O . -43.31 -37.21 -29.54
NAE 6Z3 O . -44.19 -37.31 -30.11
CAZ 6Z3 O . -41.13 -36.04 -29.21
OAG 6Z3 O . -40.14 -35.87 -28.54
NAW 6Z3 O . -41.42 -35.34 -30.30
CBH 6Z3 O . -40.52 -34.28 -30.78
CBJ 6Z3 O . -40.31 -34.54 -32.28
CAD 6Z3 O . -41.63 -34.59 -33.08
CAB 6Z3 O . -39.64 -35.90 -32.45
CAC 6Z3 O . -39.40 -33.44 -32.86
CBA 6Z3 O . -41.19 -32.92 -30.55
OAH 6Z3 O . -42.40 -32.81 -30.70
N 6Z3 O . -40.42 -31.88 -30.21
CD2 6Z3 O . -38.97 -31.77 -29.97
CG 6Z3 O . -38.84 -30.52 -29.09
OD1 6Z3 O . -39.08 -30.83 -27.71
CB 6Z3 O . -39.94 -29.61 -29.58
CA 6Z3 O . -41.09 -30.54 -29.97
C 6Z3 O . -41.73 -29.97 -31.09
O 6Z3 O . -41.28 -30.14 -32.21
NAV 6Z3 O . -42.75 -29.13 -30.80
CAR 6Z3 O . -43.47 -28.31 -31.81
CBC 6Z3 O . -42.94 -26.98 -31.92
CAK 6Z3 O . -42.18 -26.33 -30.92
CAM 6Z3 O . -41.68 -25.02 -31.11
CAL 6Z3 O . -43.17 -26.24 -33.10
CAN 6Z3 O . -42.67 -24.93 -33.27
CBD 6Z3 O . -41.92 -24.29 -32.28
CBE 6Z3 O . -41.45 -23.04 -32.44
SAX 6Z3 O . -39.94 -22.51 -31.97
CAO 6Z3 O . -40.15 -20.93 -32.48
NAU 6Z3 O . -41.38 -20.81 -33.00
CBB 6Z3 O . -42.08 -21.95 -32.98
CAA 6Z3 O . -43.48 -21.96 -33.53
CAP 6Z3 P . -45.23 -45.02 18.43
CAQ 6Z3 P . -45.99 -44.09 19.37
CBK 6Z3 P . -45.79 -43.72 17.93
CAJ 6Z3 P . -46.84 -43.89 17.06
NAE 6Z3 P . -47.62 -44.00 16.40
CAZ 6Z3 P . -44.77 -42.66 17.58
OAG 6Z3 P . -43.80 -42.55 18.32
NAW 6Z3 P . -44.97 -41.95 16.48
CBH 6Z3 P . -44.04 -40.91 16.07
CBJ 6Z3 P . -43.76 -41.12 14.59
CAD 6Z3 P . -45.05 -41.16 13.75
CAB 6Z3 P . -43.07 -42.48 14.42
CAC 6Z3 P . -42.85 -40.02 14.04
CBA 6Z3 P . -44.71 -39.56 16.33
OAH 6Z3 P . -45.92 -39.45 16.22
N 6Z3 P . -43.96 -38.54 16.73
CD2 6Z3 P . -42.48 -38.45 16.97
CG 6Z3 P . -42.31 -37.23 17.87
OD1 6Z3 P . -42.48 -37.59 19.25
CB 6Z3 P . -43.44 -36.29 17.45
CA 6Z3 P . -44.60 -37.19 17.03
C 6Z3 P . -45.22 -36.61 15.92
O 6Z3 P . -44.78 -36.78 14.80
NAV 6Z3 P . -46.24 -35.78 16.20
CAR 6Z3 P . -46.93 -34.99 15.14
CBC 6Z3 P . -46.42 -33.66 15.05
CAK 6Z3 P . -45.58 -33.08 16.02
CAM 6Z3 P . -45.10 -31.76 15.88
CAL 6Z3 P . -46.73 -32.85 13.95
CAN 6Z3 P . -46.25 -31.54 13.80
CBD 6Z3 P . -45.43 -30.96 14.77
CBE 6Z3 P . -44.96 -29.70 14.65
SAX 6Z3 P . -43.44 -29.16 15.15
CAO 6Z3 P . -43.63 -27.60 14.66
NAU 6Z3 P . -44.85 -27.47 14.13
CBB 6Z3 P . -45.57 -28.62 14.13
CAA 6Z3 P . -46.96 -28.58 13.55
#